data_1LB4
# 
_entry.id   1LB4 
# 
_audit_conform.dict_name       mmcif_pdbx.dic 
_audit_conform.dict_version    5.389 
_audit_conform.dict_location   http://mmcif.pdb.org/dictionaries/ascii/mmcif_pdbx.dic 
# 
loop_
_database_2.database_id 
_database_2.database_code 
_database_2.pdbx_database_accession 
_database_2.pdbx_DOI 
PDB   1LB4         pdb_00001lb4 10.2210/pdb1lb4/pdb 
RCSB  RCSB015804   ?            ?                   
WWPDB D_1000015804 ?            ?                   
# 
loop_
_pdbx_audit_revision_history.ordinal 
_pdbx_audit_revision_history.data_content_type 
_pdbx_audit_revision_history.major_revision 
_pdbx_audit_revision_history.minor_revision 
_pdbx_audit_revision_history.revision_date 
1 'Structure model' 1 0 2002-07-31 
2 'Structure model' 1 1 2008-04-28 
3 'Structure model' 1 2 2011-07-13 
4 'Structure model' 1 3 2017-10-11 
5 'Structure model' 1 4 2024-02-14 
6 'Structure model' 1 5 2024-04-03 
# 
_pdbx_audit_revision_details.ordinal             1 
_pdbx_audit_revision_details.revision_ordinal    1 
_pdbx_audit_revision_details.data_content_type   'Structure model' 
_pdbx_audit_revision_details.provider            repository 
_pdbx_audit_revision_details.type                'Initial release' 
_pdbx_audit_revision_details.description         ? 
_pdbx_audit_revision_details.details             ? 
# 
loop_
_pdbx_audit_revision_group.ordinal 
_pdbx_audit_revision_group.revision_ordinal 
_pdbx_audit_revision_group.data_content_type 
_pdbx_audit_revision_group.group 
1 2 'Structure model' 'Version format compliance' 
2 3 'Structure model' 'Version format compliance' 
3 4 'Structure model' 'Refinement description'    
4 5 'Structure model' 'Data collection'           
5 5 'Structure model' 'Database references'       
6 6 'Structure model' 'Refinement description'    
# 
loop_
_pdbx_audit_revision_category.ordinal 
_pdbx_audit_revision_category.revision_ordinal 
_pdbx_audit_revision_category.data_content_type 
_pdbx_audit_revision_category.category 
1 4 'Structure model' software                      
2 5 'Structure model' chem_comp_atom                
3 5 'Structure model' chem_comp_bond                
4 5 'Structure model' database_2                    
5 5 'Structure model' struct_ref_seq_dif            
6 6 'Structure model' pdbx_initial_refinement_model 
# 
loop_
_pdbx_audit_revision_item.ordinal 
_pdbx_audit_revision_item.revision_ordinal 
_pdbx_audit_revision_item.data_content_type 
_pdbx_audit_revision_item.item 
1 5 'Structure model' '_database_2.pdbx_DOI'                
2 5 'Structure model' '_database_2.pdbx_database_accession' 
3 5 'Structure model' '_struct_ref_seq_dif.details'         
# 
_pdbx_database_status.status_code                     REL 
_pdbx_database_status.entry_id                        1LB4 
_pdbx_database_status.recvd_initial_deposition_date   2002-04-02 
_pdbx_database_status.deposit_site                    RCSB 
_pdbx_database_status.process_site                    RCSB 
_pdbx_database_status.SG_entry                        . 
_pdbx_database_status.pdb_format_compatible           Y 
_pdbx_database_status.status_code_mr                  ? 
_pdbx_database_status.status_code_sf                  ? 
_pdbx_database_status.status_code_cs                  ? 
_pdbx_database_status.methods_development_category    ? 
_pdbx_database_status.status_code_nmr_data            ? 
# 
loop_
_pdbx_database_related.db_name 
_pdbx_database_related.db_id 
_pdbx_database_related.details 
_pdbx_database_related.content_type 
PDB 1LB5 'TRAF6-RANK complex' unspecified 
PDB 1LB6 'TRAF6-CD40 complex' unspecified 
# 
loop_
_audit_author.name 
_audit_author.pdbx_ordinal 
'Ye, H.'           1  
'Arron, J.R.'      2  
'Lamothe, B.'      3  
'Cirilli, M.'      4  
'Kobayashi, T.'    5  
'Shevde, N.K.'     6  
'Segal, D.'        7  
'Dzivenu, O.'      8  
'Vologodskaia, M.' 9  
'Yim, M.'          10 
'Du, K.'           11 
'Singh, S.'        12 
'Pike, J.W.'       13 
'Darnay, B.G.'     14 
'Choi, Y.'         15 
'Wu, H.'           16 
# 
_citation.id                        primary 
_citation.title                     'Distinct molecular mechanism for initiating TRAF6 signalling.' 
_citation.journal_abbrev            Nature 
_citation.journal_volume            418 
_citation.page_first                443 
_citation.page_last                 447 
_citation.year                      2002 
_citation.journal_id_ASTM           NATUAS 
_citation.country                   UK 
_citation.journal_id_ISSN           0028-0836 
_citation.journal_id_CSD            0006 
_citation.book_publisher            ? 
_citation.pdbx_database_id_PubMed   12140561 
_citation.pdbx_database_id_DOI      10.1038/nature00888 
# 
loop_
_citation_author.citation_id 
_citation_author.name 
_citation_author.ordinal 
_citation_author.identifier_ORCID 
primary 'Ye, H.'           1  ? 
primary 'Arron, J.R.'      2  ? 
primary 'Lamothe, B.'      3  ? 
primary 'Cirilli, M.'      4  ? 
primary 'Kobayashi, T.'    5  ? 
primary 'Shevde, N.K.'     6  ? 
primary 'Segal, D.'        7  ? 
primary 'Dzivenu, O.K.'    8  ? 
primary 'Vologodskaia, M.' 9  ? 
primary 'Yim, M.'          10 ? 
primary 'Du, K.'           11 ? 
primary 'Singh, S.'        12 ? 
primary 'Pike, J.W.'       13 ? 
primary 'Darnay, B.G.'     14 ? 
primary 'Choi, Y.'         15 ? 
primary 'Wu, H.'           16 ? 
# 
loop_
_entity.id 
_entity.type 
_entity.src_method 
_entity.pdbx_description 
_entity.formula_weight 
_entity.pdbx_number_of_molecules 
_entity.pdbx_ec 
_entity.pdbx_mutation 
_entity.pdbx_fragment 
_entity.details 
1 polymer man 'TNF receptor-associated factor 6' 18548.420 1  ? ? 'residues 348-504' ? 
2 water   nat water                              18.015    45 ? ? ?                  ? 
# 
_entity_poly.entity_id                      1 
_entity_poly.type                           'polypeptide(L)' 
_entity_poly.nstd_linkage                   no 
_entity_poly.nstd_monomer                   no 
_entity_poly.pdbx_seq_one_letter_code       
;QCNGIYIWKIGNFGMHLKCQEEEKPVVIHSPGFYTGKPGYKLCMRLHLQLPTAQRCANYISLFVHTMQGEYDSHLPWPFQ
GTIRLTILDQSEAPVRQNHEEIMDAKPELLAFQRPTIPRNPKGFGYVTFMHLEALRQRTFIKDDTLLVRCEVSTRFDLE
;
_entity_poly.pdbx_seq_one_letter_code_can   
;QCNGIYIWKIGNFGMHLKCQEEEKPVVIHSPGFYTGKPGYKLCMRLHLQLPTAQRCANYISLFVHTMQGEYDSHLPWPFQ
GTIRLTILDQSEAPVRQNHEEIMDAKPELLAFQRPTIPRNPKGFGYVTFMHLEALRQRTFIKDDTLLVRCEVSTRFDLE
;
_entity_poly.pdbx_strand_id                 A 
_entity_poly.pdbx_target_identifier         ? 
# 
_pdbx_entity_nonpoly.entity_id   2 
_pdbx_entity_nonpoly.name        water 
_pdbx_entity_nonpoly.comp_id     HOH 
# 
loop_
_entity_poly_seq.entity_id 
_entity_poly_seq.num 
_entity_poly_seq.mon_id 
_entity_poly_seq.hetero 
1 1   GLN n 
1 2   CYS n 
1 3   ASN n 
1 4   GLY n 
1 5   ILE n 
1 6   TYR n 
1 7   ILE n 
1 8   TRP n 
1 9   LYS n 
1 10  ILE n 
1 11  GLY n 
1 12  ASN n 
1 13  PHE n 
1 14  GLY n 
1 15  MET n 
1 16  HIS n 
1 17  LEU n 
1 18  LYS n 
1 19  CYS n 
1 20  GLN n 
1 21  GLU n 
1 22  GLU n 
1 23  GLU n 
1 24  LYS n 
1 25  PRO n 
1 26  VAL n 
1 27  VAL n 
1 28  ILE n 
1 29  HIS n 
1 30  SER n 
1 31  PRO n 
1 32  GLY n 
1 33  PHE n 
1 34  TYR n 
1 35  THR n 
1 36  GLY n 
1 37  LYS n 
1 38  PRO n 
1 39  GLY n 
1 40  TYR n 
1 41  LYS n 
1 42  LEU n 
1 43  CYS n 
1 44  MET n 
1 45  ARG n 
1 46  LEU n 
1 47  HIS n 
1 48  LEU n 
1 49  GLN n 
1 50  LEU n 
1 51  PRO n 
1 52  THR n 
1 53  ALA n 
1 54  GLN n 
1 55  ARG n 
1 56  CYS n 
1 57  ALA n 
1 58  ASN n 
1 59  TYR n 
1 60  ILE n 
1 61  SER n 
1 62  LEU n 
1 63  PHE n 
1 64  VAL n 
1 65  HIS n 
1 66  THR n 
1 67  MET n 
1 68  GLN n 
1 69  GLY n 
1 70  GLU n 
1 71  TYR n 
1 72  ASP n 
1 73  SER n 
1 74  HIS n 
1 75  LEU n 
1 76  PRO n 
1 77  TRP n 
1 78  PRO n 
1 79  PHE n 
1 80  GLN n 
1 81  GLY n 
1 82  THR n 
1 83  ILE n 
1 84  ARG n 
1 85  LEU n 
1 86  THR n 
1 87  ILE n 
1 88  LEU n 
1 89  ASP n 
1 90  GLN n 
1 91  SER n 
1 92  GLU n 
1 93  ALA n 
1 94  PRO n 
1 95  VAL n 
1 96  ARG n 
1 97  GLN n 
1 98  ASN n 
1 99  HIS n 
1 100 GLU n 
1 101 GLU n 
1 102 ILE n 
1 103 MET n 
1 104 ASP n 
1 105 ALA n 
1 106 LYS n 
1 107 PRO n 
1 108 GLU n 
1 109 LEU n 
1 110 LEU n 
1 111 ALA n 
1 112 PHE n 
1 113 GLN n 
1 114 ARG n 
1 115 PRO n 
1 116 THR n 
1 117 ILE n 
1 118 PRO n 
1 119 ARG n 
1 120 ASN n 
1 121 PRO n 
1 122 LYS n 
1 123 GLY n 
1 124 PHE n 
1 125 GLY n 
1 126 TYR n 
1 127 VAL n 
1 128 THR n 
1 129 PHE n 
1 130 MET n 
1 131 HIS n 
1 132 LEU n 
1 133 GLU n 
1 134 ALA n 
1 135 LEU n 
1 136 ARG n 
1 137 GLN n 
1 138 ARG n 
1 139 THR n 
1 140 PHE n 
1 141 ILE n 
1 142 LYS n 
1 143 ASP n 
1 144 ASP n 
1 145 THR n 
1 146 LEU n 
1 147 LEU n 
1 148 VAL n 
1 149 ARG n 
1 150 CYS n 
1 151 GLU n 
1 152 VAL n 
1 153 SER n 
1 154 THR n 
1 155 ARG n 
1 156 PHE n 
1 157 ASP n 
1 158 LEU n 
1 159 GLU n 
# 
_entity_src_gen.entity_id                          1 
_entity_src_gen.pdbx_src_id                        1 
_entity_src_gen.pdbx_alt_source_flag               sample 
_entity_src_gen.pdbx_seq_type                      ? 
_entity_src_gen.pdbx_beg_seq_num                   ? 
_entity_src_gen.pdbx_end_seq_num                   ? 
_entity_src_gen.gene_src_common_name               human 
_entity_src_gen.gene_src_genus                     Homo 
_entity_src_gen.pdbx_gene_src_gene                 TRAF6 
_entity_src_gen.gene_src_species                   ? 
_entity_src_gen.gene_src_strain                    ? 
_entity_src_gen.gene_src_tissue                    ? 
_entity_src_gen.gene_src_tissue_fraction           ? 
_entity_src_gen.gene_src_details                   ? 
_entity_src_gen.pdbx_gene_src_fragment             ? 
_entity_src_gen.pdbx_gene_src_scientific_name      'Homo sapiens' 
_entity_src_gen.pdbx_gene_src_ncbi_taxonomy_id     9606 
_entity_src_gen.pdbx_gene_src_variant              ? 
_entity_src_gen.pdbx_gene_src_cell_line            ? 
_entity_src_gen.pdbx_gene_src_atcc                 ? 
_entity_src_gen.pdbx_gene_src_organ                ? 
_entity_src_gen.pdbx_gene_src_organelle            ? 
_entity_src_gen.pdbx_gene_src_cell                 ? 
_entity_src_gen.pdbx_gene_src_cellular_location    ? 
_entity_src_gen.host_org_common_name               ? 
_entity_src_gen.pdbx_host_org_scientific_name      'Escherichia coli' 
_entity_src_gen.pdbx_host_org_ncbi_taxonomy_id     562 
_entity_src_gen.host_org_genus                     Escherichia 
_entity_src_gen.pdbx_host_org_gene                 ? 
_entity_src_gen.pdbx_host_org_organ                ? 
_entity_src_gen.host_org_species                   ? 
_entity_src_gen.pdbx_host_org_tissue               ? 
_entity_src_gen.pdbx_host_org_tissue_fraction      ? 
_entity_src_gen.pdbx_host_org_strain               ? 
_entity_src_gen.pdbx_host_org_variant              ? 
_entity_src_gen.pdbx_host_org_cell_line            ? 
_entity_src_gen.pdbx_host_org_atcc                 ? 
_entity_src_gen.pdbx_host_org_culture_collection   ? 
_entity_src_gen.pdbx_host_org_cell                 ? 
_entity_src_gen.pdbx_host_org_organelle            ? 
_entity_src_gen.pdbx_host_org_cellular_location    ? 
_entity_src_gen.pdbx_host_org_vector_type          ? 
_entity_src_gen.pdbx_host_org_vector               ? 
_entity_src_gen.host_org_details                   ? 
_entity_src_gen.expression_system_id               ? 
_entity_src_gen.plasmid_name                       ? 
_entity_src_gen.plasmid_details                    ? 
_entity_src_gen.pdbx_description                   ? 
# 
loop_
_chem_comp.id 
_chem_comp.type 
_chem_comp.mon_nstd_flag 
_chem_comp.name 
_chem_comp.pdbx_synonyms 
_chem_comp.formula 
_chem_comp.formula_weight 
ALA 'L-peptide linking' y ALANINE         ? 'C3 H7 N O2'     89.093  
ARG 'L-peptide linking' y ARGININE        ? 'C6 H15 N4 O2 1' 175.209 
ASN 'L-peptide linking' y ASPARAGINE      ? 'C4 H8 N2 O3'    132.118 
ASP 'L-peptide linking' y 'ASPARTIC ACID' ? 'C4 H7 N O4'     133.103 
CYS 'L-peptide linking' y CYSTEINE        ? 'C3 H7 N O2 S'   121.158 
GLN 'L-peptide linking' y GLUTAMINE       ? 'C5 H10 N2 O3'   146.144 
GLU 'L-peptide linking' y 'GLUTAMIC ACID' ? 'C5 H9 N O4'     147.129 
GLY 'peptide linking'   y GLYCINE         ? 'C2 H5 N O2'     75.067  
HIS 'L-peptide linking' y HISTIDINE       ? 'C6 H10 N3 O2 1' 156.162 
HOH non-polymer         . WATER           ? 'H2 O'           18.015  
ILE 'L-peptide linking' y ISOLEUCINE      ? 'C6 H13 N O2'    131.173 
LEU 'L-peptide linking' y LEUCINE         ? 'C6 H13 N O2'    131.173 
LYS 'L-peptide linking' y LYSINE          ? 'C6 H15 N2 O2 1' 147.195 
MET 'L-peptide linking' y METHIONINE      ? 'C5 H11 N O2 S'  149.211 
PHE 'L-peptide linking' y PHENYLALANINE   ? 'C9 H11 N O2'    165.189 
PRO 'L-peptide linking' y PROLINE         ? 'C5 H9 N O2'     115.130 
SER 'L-peptide linking' y SERINE          ? 'C3 H7 N O3'     105.093 
THR 'L-peptide linking' y THREONINE       ? 'C4 H9 N O3'     119.119 
TRP 'L-peptide linking' y TRYPTOPHAN      ? 'C11 H12 N2 O2'  204.225 
TYR 'L-peptide linking' y TYROSINE        ? 'C9 H11 N O3'    181.189 
VAL 'L-peptide linking' y VALINE          ? 'C5 H11 N O2'    117.146 
# 
loop_
_pdbx_poly_seq_scheme.asym_id 
_pdbx_poly_seq_scheme.entity_id 
_pdbx_poly_seq_scheme.seq_id 
_pdbx_poly_seq_scheme.mon_id 
_pdbx_poly_seq_scheme.ndb_seq_num 
_pdbx_poly_seq_scheme.pdb_seq_num 
_pdbx_poly_seq_scheme.auth_seq_num 
_pdbx_poly_seq_scheme.pdb_mon_id 
_pdbx_poly_seq_scheme.auth_mon_id 
_pdbx_poly_seq_scheme.pdb_strand_id 
_pdbx_poly_seq_scheme.pdb_ins_code 
_pdbx_poly_seq_scheme.hetero 
A 1 1   GLN 1   348 348 GLN GLN A . n 
A 1 2   CYS 2   349 349 CYS CYS A . n 
A 1 3   ASN 3   350 350 ASN ASN A . n 
A 1 4   GLY 4   351 351 GLY GLY A . n 
A 1 5   ILE 5   352 352 ILE ILE A . n 
A 1 6   TYR 6   353 353 TYR TYR A . n 
A 1 7   ILE 7   354 354 ILE ILE A . n 
A 1 8   TRP 8   355 355 TRP TRP A . n 
A 1 9   LYS 9   356 356 LYS LYS A . n 
A 1 10  ILE 10  357 357 ILE ILE A . n 
A 1 11  GLY 11  358 358 GLY GLY A . n 
A 1 12  ASN 12  359 359 ASN ASN A . n 
A 1 13  PHE 13  360 360 PHE PHE A . n 
A 1 14  GLY 14  361 361 GLY GLY A . n 
A 1 15  MET 15  362 362 MET MET A . n 
A 1 16  HIS 16  363 363 HIS HIS A . n 
A 1 17  LEU 17  364 364 LEU LEU A . n 
A 1 18  LYS 18  365 365 LYS LYS A . n 
A 1 19  CYS 19  366 366 CYS CYS A . n 
A 1 20  GLN 20  367 367 GLN GLN A . n 
A 1 21  GLU 21  368 368 GLU GLU A . n 
A 1 22  GLU 22  369 369 GLU GLU A . n 
A 1 23  GLU 23  370 370 GLU GLU A . n 
A 1 24  LYS 24  371 371 LYS LYS A . n 
A 1 25  PRO 25  372 372 PRO PRO A . n 
A 1 26  VAL 26  373 373 VAL VAL A . n 
A 1 27  VAL 27  374 374 VAL VAL A . n 
A 1 28  ILE 28  375 375 ILE ILE A . n 
A 1 29  HIS 29  376 376 HIS HIS A . n 
A 1 30  SER 30  377 377 SER SER A . n 
A 1 31  PRO 31  378 378 PRO PRO A . n 
A 1 32  GLY 32  379 379 GLY GLY A . n 
A 1 33  PHE 33  380 380 PHE PHE A . n 
A 1 34  TYR 34  381 381 TYR TYR A . n 
A 1 35  THR 35  382 382 THR THR A . n 
A 1 36  GLY 36  383 383 GLY GLY A . n 
A 1 37  LYS 37  384 384 LYS LYS A . n 
A 1 38  PRO 38  385 385 PRO PRO A . n 
A 1 39  GLY 39  386 386 GLY GLY A . n 
A 1 40  TYR 40  387 387 TYR TYR A . n 
A 1 41  LYS 41  388 388 LYS LYS A . n 
A 1 42  LEU 42  389 389 LEU LEU A . n 
A 1 43  CYS 43  390 390 CYS CYS A . n 
A 1 44  MET 44  391 391 MET MET A . n 
A 1 45  ARG 45  392 392 ARG ARG A . n 
A 1 46  LEU 46  393 393 LEU LEU A . n 
A 1 47  HIS 47  394 394 HIS HIS A . n 
A 1 48  LEU 48  395 395 LEU LEU A . n 
A 1 49  GLN 49  396 396 GLN GLN A . n 
A 1 50  LEU 50  397 397 LEU LEU A . n 
A 1 51  PRO 51  398 398 PRO PRO A . n 
A 1 52  THR 52  399 399 THR THR A . n 
A 1 53  ALA 53  400 400 ALA ALA A . n 
A 1 54  GLN 54  401 401 GLN GLN A . n 
A 1 55  ARG 55  402 402 ARG ARG A . n 
A 1 56  CYS 56  403 403 CYS CYS A . n 
A 1 57  ALA 57  404 404 ALA ALA A . n 
A 1 58  ASN 58  405 405 ASN ASN A . n 
A 1 59  TYR 59  406 406 TYR TYR A . n 
A 1 60  ILE 60  407 407 ILE ILE A . n 
A 1 61  SER 61  408 408 SER SER A . n 
A 1 62  LEU 62  409 409 LEU LEU A . n 
A 1 63  PHE 63  410 410 PHE PHE A . n 
A 1 64  VAL 64  411 411 VAL VAL A . n 
A 1 65  HIS 65  412 412 HIS HIS A . n 
A 1 66  THR 66  413 413 THR THR A . n 
A 1 67  MET 67  414 414 MET MET A . n 
A 1 68  GLN 68  415 415 GLN GLN A . n 
A 1 69  GLY 69  416 416 GLY GLY A . n 
A 1 70  GLU 70  417 417 GLU GLU A . n 
A 1 71  TYR 71  418 418 TYR TYR A . n 
A 1 72  ASP 72  419 419 ASP ASP A . n 
A 1 73  SER 73  420 420 SER SER A . n 
A 1 74  HIS 74  421 421 HIS HIS A . n 
A 1 75  LEU 75  422 422 LEU LEU A . n 
A 1 76  PRO 76  423 423 PRO PRO A . n 
A 1 77  TRP 77  424 424 TRP TRP A . n 
A 1 78  PRO 78  425 425 PRO PRO A . n 
A 1 79  PHE 79  426 426 PHE PHE A . n 
A 1 80  GLN 80  427 427 GLN GLN A . n 
A 1 81  GLY 81  428 428 GLY GLY A . n 
A 1 82  THR 82  429 429 THR THR A . n 
A 1 83  ILE 83  430 430 ILE ILE A . n 
A 1 84  ARG 84  431 431 ARG ARG A . n 
A 1 85  LEU 85  432 432 LEU LEU A . n 
A 1 86  THR 86  433 433 THR THR A . n 
A 1 87  ILE 87  434 434 ILE ILE A . n 
A 1 88  LEU 88  435 435 LEU LEU A . n 
A 1 89  ASP 89  436 436 ASP ASP A . n 
A 1 90  GLN 90  437 437 GLN GLN A . n 
A 1 91  SER 91  438 438 SER SER A . n 
A 1 92  GLU 92  439 439 GLU GLU A . n 
A 1 93  ALA 93  440 440 ALA ALA A . n 
A 1 94  PRO 94  441 441 PRO PRO A . n 
A 1 95  VAL 95  442 442 VAL VAL A . n 
A 1 96  ARG 96  443 443 ARG ARG A . n 
A 1 97  GLN 97  444 444 GLN GLN A . n 
A 1 98  ASN 98  445 445 ASN ASN A . n 
A 1 99  HIS 99  446 446 HIS HIS A . n 
A 1 100 GLU 100 447 447 GLU GLU A . n 
A 1 101 GLU 101 448 448 GLU GLU A . n 
A 1 102 ILE 102 449 449 ILE ILE A . n 
A 1 103 MET 103 450 450 MET MET A . n 
A 1 104 ASP 104 451 451 ASP ASP A . n 
A 1 105 ALA 105 452 452 ALA ALA A . n 
A 1 106 LYS 106 453 453 LYS LYS A . n 
A 1 107 PRO 107 454 454 PRO PRO A . n 
A 1 108 GLU 108 455 455 GLU GLU A . n 
A 1 109 LEU 109 456 456 LEU LEU A . n 
A 1 110 LEU 110 457 457 LEU LEU A . n 
A 1 111 ALA 111 458 458 ALA ALA A . n 
A 1 112 PHE 112 459 459 PHE PHE A . n 
A 1 113 GLN 113 460 460 GLN GLN A . n 
A 1 114 ARG 114 461 461 ARG ARG A . n 
A 1 115 PRO 115 462 462 PRO PRO A . n 
A 1 116 THR 116 463 463 THR THR A . n 
A 1 117 ILE 117 464 464 ILE ILE A . n 
A 1 118 PRO 118 465 ?   ?   ?   A . n 
A 1 119 ARG 119 466 ?   ?   ?   A . n 
A 1 120 ASN 120 467 ?   ?   ?   A . n 
A 1 121 PRO 121 468 ?   ?   ?   A . n 
A 1 122 LYS 122 469 469 LYS LYS A . n 
A 1 123 GLY 123 470 470 GLY GLY A . n 
A 1 124 PHE 124 471 471 PHE PHE A . n 
A 1 125 GLY 125 472 472 GLY GLY A . n 
A 1 126 TYR 126 473 473 TYR TYR A . n 
A 1 127 VAL 127 474 474 VAL VAL A . n 
A 1 128 THR 128 475 475 THR THR A . n 
A 1 129 PHE 129 476 476 PHE PHE A . n 
A 1 130 MET 130 477 477 MET MET A . n 
A 1 131 HIS 131 478 478 HIS HIS A . n 
A 1 132 LEU 132 479 479 LEU LEU A . n 
A 1 133 GLU 133 480 480 GLU GLU A . n 
A 1 134 ALA 134 481 481 ALA ALA A . n 
A 1 135 LEU 135 482 482 LEU LEU A . n 
A 1 136 ARG 136 483 483 ARG ARG A . n 
A 1 137 GLN 137 484 484 GLN GLN A . n 
A 1 138 ARG 138 485 485 ARG ARG A . n 
A 1 139 THR 139 486 486 THR THR A . n 
A 1 140 PHE 140 487 487 PHE PHE A . n 
A 1 141 ILE 141 488 488 ILE ILE A . n 
A 1 142 LYS 142 489 489 LYS LYS A . n 
A 1 143 ASP 143 490 490 ASP ASP A . n 
A 1 144 ASP 144 491 491 ASP ASP A . n 
A 1 145 THR 145 492 492 THR THR A . n 
A 1 146 LEU 146 493 493 LEU LEU A . n 
A 1 147 LEU 147 494 494 LEU LEU A . n 
A 1 148 VAL 148 495 495 VAL VAL A . n 
A 1 149 ARG 149 496 496 ARG ARG A . n 
A 1 150 CYS 150 497 497 CYS CYS A . n 
A 1 151 GLU 151 498 498 GLU GLU A . n 
A 1 152 VAL 152 499 499 VAL VAL A . n 
A 1 153 SER 153 500 500 SER SER A . n 
A 1 154 THR 154 501 501 THR THR A . n 
A 1 155 ARG 155 502 502 ARG ARG A . n 
A 1 156 PHE 156 503 503 PHE PHE A . n 
A 1 157 ASP 157 504 504 ASP ASP A . n 
A 1 158 LEU 158 505 505 LEU LEU A . n 
A 1 159 GLU 159 506 506 GLU GLU A . n 
# 
loop_
_pdbx_nonpoly_scheme.asym_id 
_pdbx_nonpoly_scheme.entity_id 
_pdbx_nonpoly_scheme.mon_id 
_pdbx_nonpoly_scheme.ndb_seq_num 
_pdbx_nonpoly_scheme.pdb_seq_num 
_pdbx_nonpoly_scheme.auth_seq_num 
_pdbx_nonpoly_scheme.pdb_mon_id 
_pdbx_nonpoly_scheme.auth_mon_id 
_pdbx_nonpoly_scheme.pdb_strand_id 
_pdbx_nonpoly_scheme.pdb_ins_code 
B 2 HOH 1  601 601 HOH TIP A . 
B 2 HOH 2  602 602 HOH TIP A . 
B 2 HOH 3  603 603 HOH TIP A . 
B 2 HOH 4  604 604 HOH TIP A . 
B 2 HOH 5  605 605 HOH TIP A . 
B 2 HOH 6  606 606 HOH TIP A . 
B 2 HOH 7  607 607 HOH TIP A . 
B 2 HOH 8  608 608 HOH TIP A . 
B 2 HOH 9  609 609 HOH TIP A . 
B 2 HOH 10 610 610 HOH TIP A . 
B 2 HOH 11 611 611 HOH TIP A . 
B 2 HOH 12 612 612 HOH TIP A . 
B 2 HOH 13 613 613 HOH TIP A . 
B 2 HOH 14 614 614 HOH TIP A . 
B 2 HOH 15 615 615 HOH TIP A . 
B 2 HOH 16 616 616 HOH TIP A . 
B 2 HOH 17 617 617 HOH TIP A . 
B 2 HOH 18 618 618 HOH TIP A . 
B 2 HOH 19 619 619 HOH TIP A . 
B 2 HOH 20 621 621 HOH TIP A . 
B 2 HOH 21 622 622 HOH TIP A . 
B 2 HOH 22 623 623 HOH TIP A . 
B 2 HOH 23 624 624 HOH TIP A . 
B 2 HOH 24 625 625 HOH TIP A . 
B 2 HOH 25 626 626 HOH TIP A . 
B 2 HOH 26 627 627 HOH TIP A . 
B 2 HOH 27 628 628 HOH TIP A . 
B 2 HOH 28 629 629 HOH TIP A . 
B 2 HOH 29 630 630 HOH TIP A . 
B 2 HOH 30 631 631 HOH TIP A . 
B 2 HOH 31 632 632 HOH TIP A . 
B 2 HOH 32 633 633 HOH TIP A . 
B 2 HOH 33 634 634 HOH TIP A . 
B 2 HOH 34 635 635 HOH TIP A . 
B 2 HOH 35 636 636 HOH TIP A . 
B 2 HOH 36 637 637 HOH TIP A . 
B 2 HOH 37 638 638 HOH TIP A . 
B 2 HOH 38 639 639 HOH TIP A . 
B 2 HOH 39 640 640 HOH TIP A . 
B 2 HOH 40 641 641 HOH TIP A . 
B 2 HOH 41 642 642 HOH TIP A . 
B 2 HOH 42 643 643 HOH TIP A . 
B 2 HOH 43 644 644 HOH TIP A . 
B 2 HOH 44 645 645 HOH TIP A . 
B 2 HOH 45 646 646 HOH TIP A . 
# 
loop_
_software.name 
_software.classification 
_software.version 
_software.citation_id 
_software.pdbx_ordinal 
CNS       refinement       0.9 ? 1 
DENZO     'data reduction' .   ? 2 
SCALEPACK 'data scaling'   .   ? 3 
# 
_cell.entry_id           1LB4 
_cell.length_a           32.183 
_cell.length_b           55.581 
_cell.length_c           47.709 
_cell.angle_alpha        90.00 
_cell.angle_beta         100.97 
_cell.angle_gamma        90.00 
_cell.Z_PDB              2 
_cell.pdbx_unique_axis   ? 
# 
_symmetry.entry_id                         1LB4 
_symmetry.space_group_name_H-M             'P 1 21 1' 
_symmetry.pdbx_full_space_group_name_H-M   ? 
_symmetry.cell_setting                     ? 
_symmetry.Int_Tables_number                4 
# 
_exptl.entry_id          1LB4 
_exptl.method            'X-RAY DIFFRACTION' 
_exptl.crystals_number   1 
# 
_exptl_crystal.id                    1 
_exptl_crystal.density_meas          ? 
_exptl_crystal.density_percent_sol   45.50 
_exptl_crystal.density_Matthews      2.26 
_exptl_crystal.description           ? 
# 
_exptl_crystal_grow.crystal_id      1 
_exptl_crystal_grow.method          'VAPOR DIFFUSION, HANGING DROP' 
_exptl_crystal_grow.temp            293 
_exptl_crystal_grow.temp_details    ? 
_exptl_crystal_grow.pH              7.5 
_exptl_crystal_grow.pdbx_details    'PEG8000, Tris, pH 7.5, VAPOR DIFFUSION, HANGING DROP, temperature 293K' 
_exptl_crystal_grow.pdbx_pH_range   . 
# 
_diffrn.id                     1 
_diffrn.ambient_temp           100.0 
_diffrn.ambient_temp_details   ? 
_diffrn.crystal_id             1 
# 
_diffrn_detector.diffrn_id              1 
_diffrn_detector.detector               CCD 
_diffrn_detector.type                   'ADSC QUANTUM 4' 
_diffrn_detector.pdbx_collection_date   1999-09-21 
_diffrn_detector.details                ? 
# 
_diffrn_radiation.diffrn_id                        1 
_diffrn_radiation.wavelength_id                    1 
_diffrn_radiation.pdbx_monochromatic_or_laue_m_l   M 
_diffrn_radiation.monochromator                    ? 
_diffrn_radiation.pdbx_diffrn_protocol             'SINGLE WAVELENGTH' 
_diffrn_radiation.pdbx_scattering_type             x-ray 
# 
_diffrn_radiation_wavelength.id           1 
_diffrn_radiation_wavelength.wavelength   . 
_diffrn_radiation_wavelength.wt           1.0 
# 
_diffrn_source.diffrn_id                   1 
_diffrn_source.source                      SYNCHROTRON 
_diffrn_source.type                        'NSLS BEAMLINE X4A' 
_diffrn_source.pdbx_synchrotron_site       NSLS 
_diffrn_source.pdbx_synchrotron_beamline   X4A 
_diffrn_source.pdbx_wavelength             ? 
_diffrn_source.pdbx_wavelength_list        ? 
# 
_reflns.entry_id                     1LB4 
_reflns.observed_criterion_sigma_I   1.0 
_reflns.observed_criterion_sigma_F   2.0 
_reflns.d_resolution_low             40.0 
_reflns.d_resolution_high            2.40 
_reflns.number_obs                   7809 
_reflns.number_all                   ? 
_reflns.percent_possible_obs         92.8 
_reflns.pdbx_Rmerge_I_obs            ? 
_reflns.pdbx_Rsym_value              0.0920000 
_reflns.pdbx_netI_over_sigmaI        ? 
_reflns.B_iso_Wilson_estimate        8.4 
_reflns.pdbx_redundancy              ? 
_reflns.R_free_details               ? 
_reflns.limit_h_max                  ? 
_reflns.limit_h_min                  ? 
_reflns.limit_k_max                  ? 
_reflns.limit_k_min                  ? 
_reflns.limit_l_max                  ? 
_reflns.limit_l_min                  ? 
_reflns.observed_criterion_F_max     ? 
_reflns.observed_criterion_F_min     ? 
_reflns.pdbx_diffrn_id               1 
_reflns.pdbx_ordinal                 1 
# 
_reflns_shell.d_res_high             2.40 
_reflns_shell.d_res_low              2.55 
_reflns_shell.percent_possible_all   92.7 
_reflns_shell.Rmerge_I_obs           ? 
_reflns_shell.pdbx_Rsym_value        ? 
_reflns_shell.meanI_over_sigI_obs    ? 
_reflns_shell.pdbx_redundancy        ? 
_reflns_shell.percent_possible_obs   ? 
_reflns_shell.number_unique_all      ? 
_reflns_shell.pdbx_diffrn_id         ? 
_reflns_shell.pdbx_ordinal           1 
# 
_refine.entry_id                                 1LB4 
_refine.ls_number_reflns_obs                     6283 
_refine.ls_number_reflns_all                     ? 
_refine.pdbx_ls_sigma_I                          ? 
_refine.pdbx_ls_sigma_F                          0.0 
_refine.pdbx_data_cutoff_high_absF               ? 
_refine.pdbx_data_cutoff_low_absF                ? 
_refine.ls_d_res_low                             31.60 
_refine.ls_d_res_high                            2.4 
_refine.ls_percent_reflns_obs                    10.6 
_refine.ls_R_factor_obs                          ? 
_refine.ls_R_factor_all                          ? 
_refine.ls_R_factor_R_work                       0.2040000 
_refine.ls_R_factor_R_free                       0.2740000 
_refine.ls_R_factor_R_free_error                 ? 
_refine.ls_R_factor_R_free_error_details         ? 
_refine.ls_percent_reflns_R_free                 ? 
_refine.ls_number_reflns_R_free                  666 
_refine.ls_number_parameters                     ? 
_refine.ls_number_restraints                     ? 
_refine.occupancy_min                            ? 
_refine.occupancy_max                            ? 
_refine.B_iso_mean                               22.0 
_refine.aniso_B[1][1]                            ? 
_refine.aniso_B[2][2]                            ? 
_refine.aniso_B[3][3]                            ? 
_refine.aniso_B[1][2]                            ? 
_refine.aniso_B[1][3]                            ? 
_refine.aniso_B[2][3]                            ? 
_refine.solvent_model_details                    ? 
_refine.solvent_model_param_ksol                 ? 
_refine.solvent_model_param_bsol                 ? 
_refine.pdbx_ls_cross_valid_method               THROUGHOUT 
_refine.details                                  ? 
_refine.pdbx_starting_model                      TRAF2 
_refine.pdbx_method_to_determine_struct          'MOLECULAR REPLACEMENT' 
_refine.pdbx_isotropic_thermal_model             isotropic 
_refine.pdbx_stereochemistry_target_values       'Engh & Huber' 
_refine.pdbx_stereochem_target_val_spec_case     ? 
_refine.pdbx_R_Free_selection_details            RANDOM 
_refine.pdbx_overall_ESU_R_Free                  ? 
_refine.overall_SU_B                             ? 
_refine.ls_redundancy_reflns_obs                 ? 
_refine.B_iso_min                                ? 
_refine.B_iso_max                                ? 
_refine.correlation_coeff_Fo_to_Fc               ? 
_refine.overall_SU_R_Cruickshank_DPI             ? 
_refine.overall_SU_R_free                        ? 
_refine.overall_SU_ML                            ? 
_refine.pdbx_overall_ESU_R                       ? 
_refine.pdbx_data_cutoff_high_rms_absF           ? 
_refine.correlation_coeff_Fo_to_Fc_free          ? 
_refine.pdbx_solvent_vdw_probe_radii             ? 
_refine.pdbx_solvent_ion_probe_radii             ? 
_refine.pdbx_solvent_shrinkage_radii             ? 
_refine.pdbx_refine_id                           'X-RAY DIFFRACTION' 
_refine.pdbx_diffrn_id                           1 
_refine.pdbx_TLS_residual_ADP_flag               ? 
_refine.pdbx_overall_phase_error                 ? 
_refine.pdbx_overall_SU_R_free_Cruickshank_DPI   ? 
_refine.pdbx_overall_SU_R_Blow_DPI               ? 
_refine.pdbx_overall_SU_R_free_Blow_DPI          ? 
# 
_refine_analyze.entry_id                        1LB4 
_refine_analyze.Luzzati_coordinate_error_obs    0.31 
_refine_analyze.Luzzati_sigma_a_obs             0.30 
_refine_analyze.Luzzati_d_res_low_obs           5.00 
_refine_analyze.Luzzati_coordinate_error_free   0.44 
_refine_analyze.Luzzati_sigma_a_free            0.39 
_refine_analyze.Luzzati_d_res_low_free          ? 
_refine_analyze.number_disordered_residues      ? 
_refine_analyze.occupancy_sum_hydrogen          ? 
_refine_analyze.occupancy_sum_non_hydrogen      ? 
_refine_analyze.pdbx_Luzzati_d_res_high_obs     ? 
_refine_analyze.pdbx_refine_id                  'X-RAY DIFFRACTION' 
# 
_refine_hist.pdbx_refine_id                   'X-RAY DIFFRACTION' 
_refine_hist.cycle_id                         LAST 
_refine_hist.pdbx_number_atoms_protein        1269 
_refine_hist.pdbx_number_atoms_nucleic_acid   0 
_refine_hist.pdbx_number_atoms_ligand         0 
_refine_hist.number_atoms_solvent             45 
_refine_hist.number_atoms_total               1314 
_refine_hist.d_res_high                       2.4 
_refine_hist.d_res_low                        31.60 
# 
loop_
_refine_ls_restr.type 
_refine_ls_restr.dev_ideal 
_refine_ls_restr.dev_ideal_target 
_refine_ls_restr.weight 
_refine_ls_restr.number 
_refine_ls_restr.pdbx_refine_id 
_refine_ls_restr.pdbx_restraint_function 
c_bond_d           0.007 ? ? ? 'X-RAY DIFFRACTION' ? 
c_angle_deg        1.4   ? ? ? 'X-RAY DIFFRACTION' ? 
c_dihedral_angle_d 26.1  ? ? ? 'X-RAY DIFFRACTION' ? 
c_improper_angle_d 0.84  ? ? ? 'X-RAY DIFFRACTION' ? 
# 
_struct.entry_id                  1LB4 
_struct.title                     'TRAF6 apo structure' 
_struct.pdbx_model_details        ? 
_struct.pdbx_CASP_flag            ? 
_struct.pdbx_model_type_details   ? 
# 
_struct_keywords.entry_id        1LB4 
_struct_keywords.pdbx_keywords   'SIGNALING PROTEIN' 
_struct_keywords.text            'apo form, SIGNALING PROTEIN' 
# 
loop_
_struct_asym.id 
_struct_asym.pdbx_blank_PDB_chainid_flag 
_struct_asym.pdbx_modified 
_struct_asym.entity_id 
_struct_asym.details 
A N N 1 ? 
B N N 2 ? 
# 
_struct_ref.id                         1 
_struct_ref.db_name                    UNP 
_struct_ref.db_code                    TRAF6_HUMAN 
_struct_ref.entity_id                  1 
_struct_ref.pdbx_seq_one_letter_code   
;QCNGIYIWKIGNFGMHLKCQEEEKPVVIHSPGFYTGKPGYKLCMRLHLQLPTAQRCANYISLFVHTMQGEYDSHLPWPFQ
GTIRLTILDQSEAPVRQNHEEIMDAKPELLAFQRPTIPRNPKGFGYVTFMHLEALRQRTFIKDDTLLVRCEVSTRFD
;
_struct_ref.pdbx_align_begin           348 
_struct_ref.pdbx_db_accession          Q9Y4K3 
_struct_ref.pdbx_db_isoform            ? 
# 
_struct_ref_seq.align_id                      1 
_struct_ref_seq.ref_id                        1 
_struct_ref_seq.pdbx_PDB_id_code              1LB4 
_struct_ref_seq.pdbx_strand_id                A 
_struct_ref_seq.seq_align_beg                 1 
_struct_ref_seq.pdbx_seq_align_beg_ins_code   ? 
_struct_ref_seq.seq_align_end                 157 
_struct_ref_seq.pdbx_seq_align_end_ins_code   ? 
_struct_ref_seq.pdbx_db_accession             Q9Y4K3 
_struct_ref_seq.db_align_beg                  348 
_struct_ref_seq.pdbx_db_align_beg_ins_code    ? 
_struct_ref_seq.db_align_end                  504 
_struct_ref_seq.pdbx_db_align_end_ins_code    ? 
_struct_ref_seq.pdbx_auth_seq_align_beg       348 
_struct_ref_seq.pdbx_auth_seq_align_end       504 
# 
loop_
_struct_ref_seq_dif.align_id 
_struct_ref_seq_dif.pdbx_pdb_id_code 
_struct_ref_seq_dif.mon_id 
_struct_ref_seq_dif.pdbx_pdb_strand_id 
_struct_ref_seq_dif.seq_num 
_struct_ref_seq_dif.pdbx_pdb_ins_code 
_struct_ref_seq_dif.pdbx_seq_db_name 
_struct_ref_seq_dif.pdbx_seq_db_accession_code 
_struct_ref_seq_dif.db_mon_id 
_struct_ref_seq_dif.pdbx_seq_db_seq_num 
_struct_ref_seq_dif.details 
_struct_ref_seq_dif.pdbx_auth_seq_num 
_struct_ref_seq_dif.pdbx_ordinal 
1 1LB4 LEU A 158 ? UNP Q9Y4K3 ? ? 'cloning artifact' 505 1 
1 1LB4 GLU A 159 ? UNP Q9Y4K3 ? ? 'cloning artifact' 506 2 
# 
_pdbx_struct_assembly.id                   1 
_pdbx_struct_assembly.details              author_defined_assembly 
_pdbx_struct_assembly.method_details       ? 
_pdbx_struct_assembly.oligomeric_details   monomeric 
_pdbx_struct_assembly.oligomeric_count     1 
# 
_pdbx_struct_assembly_gen.assembly_id       1 
_pdbx_struct_assembly_gen.oper_expression   1 
_pdbx_struct_assembly_gen.asym_id_list      A,B 
# 
_pdbx_struct_oper_list.id                   1 
_pdbx_struct_oper_list.type                 'identity operation' 
_pdbx_struct_oper_list.name                 1_555 
_pdbx_struct_oper_list.symmetry_operation   x,y,z 
_pdbx_struct_oper_list.matrix[1][1]         1.0000000000 
_pdbx_struct_oper_list.matrix[1][2]         0.0000000000 
_pdbx_struct_oper_list.matrix[1][3]         0.0000000000 
_pdbx_struct_oper_list.vector[1]            0.0000000000 
_pdbx_struct_oper_list.matrix[2][1]         0.0000000000 
_pdbx_struct_oper_list.matrix[2][2]         1.0000000000 
_pdbx_struct_oper_list.matrix[2][3]         0.0000000000 
_pdbx_struct_oper_list.vector[2]            0.0000000000 
_pdbx_struct_oper_list.matrix[3][1]         0.0000000000 
_pdbx_struct_oper_list.matrix[3][2]         0.0000000000 
_pdbx_struct_oper_list.matrix[3][3]         1.0000000000 
_pdbx_struct_oper_list.vector[3]            0.0000000000 
# 
_struct_biol.id                    1 
_struct_biol.details               ? 
_struct_biol.pdbx_parent_biol_id   ? 
# 
loop_
_struct_conf.conf_type_id 
_struct_conf.id 
_struct_conf.pdbx_PDB_helix_id 
_struct_conf.beg_label_comp_id 
_struct_conf.beg_label_asym_id 
_struct_conf.beg_label_seq_id 
_struct_conf.pdbx_beg_PDB_ins_code 
_struct_conf.end_label_comp_id 
_struct_conf.end_label_asym_id 
_struct_conf.end_label_seq_id 
_struct_conf.pdbx_end_PDB_ins_code 
_struct_conf.beg_auth_comp_id 
_struct_conf.beg_auth_asym_id 
_struct_conf.beg_auth_seq_id 
_struct_conf.end_auth_comp_id 
_struct_conf.end_auth_asym_id 
_struct_conf.end_auth_seq_id 
_struct_conf.pdbx_PDB_helix_class 
_struct_conf.details 
_struct_conf.pdbx_PDB_helix_length 
HELX_P HELX_P1 1 ASN A 12  ? GLU A 22  ? ASN A 359 GLU A 369 1 ? 11 
HELX_P HELX_P2 2 TYR A 71  ? LEU A 75  ? TYR A 418 LEU A 422 5 ? 5  
HELX_P HELX_P3 3 GLU A 92  ? ARG A 96  ? GLU A 439 ARG A 443 5 ? 5  
HELX_P HELX_P4 4 GLU A 133 ? ARG A 138 ? GLU A 480 ARG A 485 5 ? 6  
# 
_struct_conf_type.id          HELX_P 
_struct_conf_type.criteria    ? 
_struct_conf_type.reference   ? 
# 
_struct_mon_prot_cis.pdbx_id                1 
_struct_mon_prot_cis.label_comp_id          TRP 
_struct_mon_prot_cis.label_seq_id           77 
_struct_mon_prot_cis.label_asym_id          A 
_struct_mon_prot_cis.label_alt_id           . 
_struct_mon_prot_cis.pdbx_PDB_ins_code      ? 
_struct_mon_prot_cis.auth_comp_id           TRP 
_struct_mon_prot_cis.auth_seq_id            424 
_struct_mon_prot_cis.auth_asym_id           A 
_struct_mon_prot_cis.pdbx_label_comp_id_2   PRO 
_struct_mon_prot_cis.pdbx_label_seq_id_2    78 
_struct_mon_prot_cis.pdbx_label_asym_id_2   A 
_struct_mon_prot_cis.pdbx_PDB_ins_code_2    ? 
_struct_mon_prot_cis.pdbx_auth_comp_id_2    PRO 
_struct_mon_prot_cis.pdbx_auth_seq_id_2     425 
_struct_mon_prot_cis.pdbx_auth_asym_id_2    A 
_struct_mon_prot_cis.pdbx_PDB_model_num     1 
_struct_mon_prot_cis.pdbx_omega_angle       -0.14 
# 
loop_
_struct_sheet.id 
_struct_sheet.type 
_struct_sheet.number_strands 
_struct_sheet.details 
A ? 4 ? 
B ? 4 ? 
C ? 4 ? 
# 
loop_
_struct_sheet_order.sheet_id 
_struct_sheet_order.range_id_1 
_struct_sheet_order.range_id_2 
_struct_sheet_order.offset 
_struct_sheet_order.sense 
A 1 2 ? anti-parallel 
A 2 3 ? anti-parallel 
A 3 4 ? anti-parallel 
B 1 2 ? anti-parallel 
B 2 3 ? anti-parallel 
B 3 4 ? anti-parallel 
C 1 2 ? anti-parallel 
C 2 3 ? anti-parallel 
C 3 4 ? anti-parallel 
# 
loop_
_struct_sheet_range.sheet_id 
_struct_sheet_range.id 
_struct_sheet_range.beg_label_comp_id 
_struct_sheet_range.beg_label_asym_id 
_struct_sheet_range.beg_label_seq_id 
_struct_sheet_range.pdbx_beg_PDB_ins_code 
_struct_sheet_range.end_label_comp_id 
_struct_sheet_range.end_label_asym_id 
_struct_sheet_range.end_label_seq_id 
_struct_sheet_range.pdbx_end_PDB_ins_code 
_struct_sheet_range.beg_auth_comp_id 
_struct_sheet_range.beg_auth_asym_id 
_struct_sheet_range.beg_auth_seq_id 
_struct_sheet_range.end_auth_comp_id 
_struct_sheet_range.end_auth_asym_id 
_struct_sheet_range.end_auth_seq_id 
A 1 ILE A 5   ? ILE A 10  ? ILE A 352 ILE A 357 
A 2 LEU A 146 ? THR A 154 ? LEU A 493 THR A 501 
A 3 GLY A 81  ? ILE A 87  ? GLY A 428 ILE A 434 
A 4 HIS A 99  ? ASP A 104 ? HIS A 446 ASP A 451 
B 1 PHE A 124 ? HIS A 131 ? PHE A 471 HIS A 478 
B 2 TYR A 59  ? THR A 66  ? TYR A 406 THR A 413 
B 3 LYS A 41  ? LEU A 48  ? LYS A 388 LEU A 395 
B 4 VAL A 26  ? HIS A 29  ? VAL A 373 HIS A 376 
C 1 PHE A 124 ? HIS A 131 ? PHE A 471 HIS A 478 
C 2 TYR A 59  ? THR A 66  ? TYR A 406 THR A 413 
C 3 LYS A 41  ? LEU A 48  ? LYS A 388 LEU A 395 
C 4 PHE A 33  ? TYR A 34  ? PHE A 380 TYR A 381 
# 
loop_
_pdbx_struct_sheet_hbond.sheet_id 
_pdbx_struct_sheet_hbond.range_id_1 
_pdbx_struct_sheet_hbond.range_id_2 
_pdbx_struct_sheet_hbond.range_1_label_atom_id 
_pdbx_struct_sheet_hbond.range_1_label_comp_id 
_pdbx_struct_sheet_hbond.range_1_label_asym_id 
_pdbx_struct_sheet_hbond.range_1_label_seq_id 
_pdbx_struct_sheet_hbond.range_1_PDB_ins_code 
_pdbx_struct_sheet_hbond.range_1_auth_atom_id 
_pdbx_struct_sheet_hbond.range_1_auth_comp_id 
_pdbx_struct_sheet_hbond.range_1_auth_asym_id 
_pdbx_struct_sheet_hbond.range_1_auth_seq_id 
_pdbx_struct_sheet_hbond.range_2_label_atom_id 
_pdbx_struct_sheet_hbond.range_2_label_comp_id 
_pdbx_struct_sheet_hbond.range_2_label_asym_id 
_pdbx_struct_sheet_hbond.range_2_label_seq_id 
_pdbx_struct_sheet_hbond.range_2_PDB_ins_code 
_pdbx_struct_sheet_hbond.range_2_auth_atom_id 
_pdbx_struct_sheet_hbond.range_2_auth_comp_id 
_pdbx_struct_sheet_hbond.range_2_auth_asym_id 
_pdbx_struct_sheet_hbond.range_2_auth_seq_id 
A 1 2 N TYR A 6   ? N TYR A 353 O CYS A 150 ? O CYS A 497 
A 2 3 O ARG A 149 ? O ARG A 496 N THR A 86  ? N THR A 433 
A 3 4 N ILE A 83  ? N ILE A 430 O MET A 103 ? O MET A 450 
B 1 2 O MET A 130 ? O MET A 477 N ILE A 60  ? N ILE A 407 
B 2 3 O SER A 61  ? O SER A 408 N HIS A 47  ? N HIS A 394 
B 3 4 O LEU A 46  ? O LEU A 393 N ILE A 28  ? N ILE A 375 
C 1 2 O MET A 130 ? O MET A 477 N ILE A 60  ? N ILE A 407 
C 2 3 O SER A 61  ? O SER A 408 N HIS A 47  ? N HIS A 394 
C 3 4 O LEU A 42  ? O LEU A 389 N PHE A 33  ? N PHE A 380 
# 
_pdbx_validate_rmsd_angle.id                         1 
_pdbx_validate_rmsd_angle.PDB_model_num              1 
_pdbx_validate_rmsd_angle.auth_atom_id_1             C 
_pdbx_validate_rmsd_angle.auth_asym_id_1             A 
_pdbx_validate_rmsd_angle.auth_comp_id_1             LYS 
_pdbx_validate_rmsd_angle.auth_seq_id_1              384 
_pdbx_validate_rmsd_angle.PDB_ins_code_1             ? 
_pdbx_validate_rmsd_angle.label_alt_id_1             ? 
_pdbx_validate_rmsd_angle.auth_atom_id_2             N 
_pdbx_validate_rmsd_angle.auth_asym_id_2             A 
_pdbx_validate_rmsd_angle.auth_comp_id_2             PRO 
_pdbx_validate_rmsd_angle.auth_seq_id_2              385 
_pdbx_validate_rmsd_angle.PDB_ins_code_2             ? 
_pdbx_validate_rmsd_angle.label_alt_id_2             ? 
_pdbx_validate_rmsd_angle.auth_atom_id_3             CA 
_pdbx_validate_rmsd_angle.auth_asym_id_3             A 
_pdbx_validate_rmsd_angle.auth_comp_id_3             PRO 
_pdbx_validate_rmsd_angle.auth_seq_id_3              385 
_pdbx_validate_rmsd_angle.PDB_ins_code_3             ? 
_pdbx_validate_rmsd_angle.label_alt_id_3             ? 
_pdbx_validate_rmsd_angle.angle_value                110.20 
_pdbx_validate_rmsd_angle.angle_target_value         119.30 
_pdbx_validate_rmsd_angle.angle_deviation            -9.10 
_pdbx_validate_rmsd_angle.angle_standard_deviation   1.50 
_pdbx_validate_rmsd_angle.linker_flag                Y 
# 
loop_
_pdbx_validate_torsion.id 
_pdbx_validate_torsion.PDB_model_num 
_pdbx_validate_torsion.auth_comp_id 
_pdbx_validate_torsion.auth_asym_id 
_pdbx_validate_torsion.auth_seq_id 
_pdbx_validate_torsion.PDB_ins_code 
_pdbx_validate_torsion.label_alt_id 
_pdbx_validate_torsion.phi 
_pdbx_validate_torsion.psi 
1 1 ASN A 350 ? ? -73.96  -92.80 
2 1 ASN A 359 ? ? 47.89   26.69  
3 1 GLU A 369 ? ? -95.64  30.23  
4 1 LYS A 384 ? ? -46.84  -80.55 
5 1 LEU A 457 ? ? -67.06  2.89   
6 1 THR A 463 ? ? -140.55 -34.14 
7 1 THR A 475 ? ? -113.58 52.67  
8 1 THR A 486 ? ? -97.06  59.66  
# 
loop_
_pdbx_unobs_or_zero_occ_residues.id 
_pdbx_unobs_or_zero_occ_residues.PDB_model_num 
_pdbx_unobs_or_zero_occ_residues.polymer_flag 
_pdbx_unobs_or_zero_occ_residues.occupancy_flag 
_pdbx_unobs_or_zero_occ_residues.auth_asym_id 
_pdbx_unobs_or_zero_occ_residues.auth_comp_id 
_pdbx_unobs_or_zero_occ_residues.auth_seq_id 
_pdbx_unobs_or_zero_occ_residues.PDB_ins_code 
_pdbx_unobs_or_zero_occ_residues.label_asym_id 
_pdbx_unobs_or_zero_occ_residues.label_comp_id 
_pdbx_unobs_or_zero_occ_residues.label_seq_id 
1 1 Y 1 A PRO 465 ? A PRO 118 
2 1 Y 1 A ARG 466 ? A ARG 119 
3 1 Y 1 A ASN 467 ? A ASN 120 
4 1 Y 1 A PRO 468 ? A PRO 121 
# 
loop_
_chem_comp_atom.comp_id 
_chem_comp_atom.atom_id 
_chem_comp_atom.type_symbol 
_chem_comp_atom.pdbx_aromatic_flag 
_chem_comp_atom.pdbx_stereo_config 
_chem_comp_atom.pdbx_ordinal 
ALA N    N N N 1   
ALA CA   C N S 2   
ALA C    C N N 3   
ALA O    O N N 4   
ALA CB   C N N 5   
ALA OXT  O N N 6   
ALA H    H N N 7   
ALA H2   H N N 8   
ALA HA   H N N 9   
ALA HB1  H N N 10  
ALA HB2  H N N 11  
ALA HB3  H N N 12  
ALA HXT  H N N 13  
ARG N    N N N 14  
ARG CA   C N S 15  
ARG C    C N N 16  
ARG O    O N N 17  
ARG CB   C N N 18  
ARG CG   C N N 19  
ARG CD   C N N 20  
ARG NE   N N N 21  
ARG CZ   C N N 22  
ARG NH1  N N N 23  
ARG NH2  N N N 24  
ARG OXT  O N N 25  
ARG H    H N N 26  
ARG H2   H N N 27  
ARG HA   H N N 28  
ARG HB2  H N N 29  
ARG HB3  H N N 30  
ARG HG2  H N N 31  
ARG HG3  H N N 32  
ARG HD2  H N N 33  
ARG HD3  H N N 34  
ARG HE   H N N 35  
ARG HH11 H N N 36  
ARG HH12 H N N 37  
ARG HH21 H N N 38  
ARG HH22 H N N 39  
ARG HXT  H N N 40  
ASN N    N N N 41  
ASN CA   C N S 42  
ASN C    C N N 43  
ASN O    O N N 44  
ASN CB   C N N 45  
ASN CG   C N N 46  
ASN OD1  O N N 47  
ASN ND2  N N N 48  
ASN OXT  O N N 49  
ASN H    H N N 50  
ASN H2   H N N 51  
ASN HA   H N N 52  
ASN HB2  H N N 53  
ASN HB3  H N N 54  
ASN HD21 H N N 55  
ASN HD22 H N N 56  
ASN HXT  H N N 57  
ASP N    N N N 58  
ASP CA   C N S 59  
ASP C    C N N 60  
ASP O    O N N 61  
ASP CB   C N N 62  
ASP CG   C N N 63  
ASP OD1  O N N 64  
ASP OD2  O N N 65  
ASP OXT  O N N 66  
ASP H    H N N 67  
ASP H2   H N N 68  
ASP HA   H N N 69  
ASP HB2  H N N 70  
ASP HB3  H N N 71  
ASP HD2  H N N 72  
ASP HXT  H N N 73  
CYS N    N N N 74  
CYS CA   C N R 75  
CYS C    C N N 76  
CYS O    O N N 77  
CYS CB   C N N 78  
CYS SG   S N N 79  
CYS OXT  O N N 80  
CYS H    H N N 81  
CYS H2   H N N 82  
CYS HA   H N N 83  
CYS HB2  H N N 84  
CYS HB3  H N N 85  
CYS HG   H N N 86  
CYS HXT  H N N 87  
GLN N    N N N 88  
GLN CA   C N S 89  
GLN C    C N N 90  
GLN O    O N N 91  
GLN CB   C N N 92  
GLN CG   C N N 93  
GLN CD   C N N 94  
GLN OE1  O N N 95  
GLN NE2  N N N 96  
GLN OXT  O N N 97  
GLN H    H N N 98  
GLN H2   H N N 99  
GLN HA   H N N 100 
GLN HB2  H N N 101 
GLN HB3  H N N 102 
GLN HG2  H N N 103 
GLN HG3  H N N 104 
GLN HE21 H N N 105 
GLN HE22 H N N 106 
GLN HXT  H N N 107 
GLU N    N N N 108 
GLU CA   C N S 109 
GLU C    C N N 110 
GLU O    O N N 111 
GLU CB   C N N 112 
GLU CG   C N N 113 
GLU CD   C N N 114 
GLU OE1  O N N 115 
GLU OE2  O N N 116 
GLU OXT  O N N 117 
GLU H    H N N 118 
GLU H2   H N N 119 
GLU HA   H N N 120 
GLU HB2  H N N 121 
GLU HB3  H N N 122 
GLU HG2  H N N 123 
GLU HG3  H N N 124 
GLU HE2  H N N 125 
GLU HXT  H N N 126 
GLY N    N N N 127 
GLY CA   C N N 128 
GLY C    C N N 129 
GLY O    O N N 130 
GLY OXT  O N N 131 
GLY H    H N N 132 
GLY H2   H N N 133 
GLY HA2  H N N 134 
GLY HA3  H N N 135 
GLY HXT  H N N 136 
HIS N    N N N 137 
HIS CA   C N S 138 
HIS C    C N N 139 
HIS O    O N N 140 
HIS CB   C N N 141 
HIS CG   C Y N 142 
HIS ND1  N Y N 143 
HIS CD2  C Y N 144 
HIS CE1  C Y N 145 
HIS NE2  N Y N 146 
HIS OXT  O N N 147 
HIS H    H N N 148 
HIS H2   H N N 149 
HIS HA   H N N 150 
HIS HB2  H N N 151 
HIS HB3  H N N 152 
HIS HD1  H N N 153 
HIS HD2  H N N 154 
HIS HE1  H N N 155 
HIS HE2  H N N 156 
HIS HXT  H N N 157 
HOH O    O N N 158 
HOH H1   H N N 159 
HOH H2   H N N 160 
ILE N    N N N 161 
ILE CA   C N S 162 
ILE C    C N N 163 
ILE O    O N N 164 
ILE CB   C N S 165 
ILE CG1  C N N 166 
ILE CG2  C N N 167 
ILE CD1  C N N 168 
ILE OXT  O N N 169 
ILE H    H N N 170 
ILE H2   H N N 171 
ILE HA   H N N 172 
ILE HB   H N N 173 
ILE HG12 H N N 174 
ILE HG13 H N N 175 
ILE HG21 H N N 176 
ILE HG22 H N N 177 
ILE HG23 H N N 178 
ILE HD11 H N N 179 
ILE HD12 H N N 180 
ILE HD13 H N N 181 
ILE HXT  H N N 182 
LEU N    N N N 183 
LEU CA   C N S 184 
LEU C    C N N 185 
LEU O    O N N 186 
LEU CB   C N N 187 
LEU CG   C N N 188 
LEU CD1  C N N 189 
LEU CD2  C N N 190 
LEU OXT  O N N 191 
LEU H    H N N 192 
LEU H2   H N N 193 
LEU HA   H N N 194 
LEU HB2  H N N 195 
LEU HB3  H N N 196 
LEU HG   H N N 197 
LEU HD11 H N N 198 
LEU HD12 H N N 199 
LEU HD13 H N N 200 
LEU HD21 H N N 201 
LEU HD22 H N N 202 
LEU HD23 H N N 203 
LEU HXT  H N N 204 
LYS N    N N N 205 
LYS CA   C N S 206 
LYS C    C N N 207 
LYS O    O N N 208 
LYS CB   C N N 209 
LYS CG   C N N 210 
LYS CD   C N N 211 
LYS CE   C N N 212 
LYS NZ   N N N 213 
LYS OXT  O N N 214 
LYS H    H N N 215 
LYS H2   H N N 216 
LYS HA   H N N 217 
LYS HB2  H N N 218 
LYS HB3  H N N 219 
LYS HG2  H N N 220 
LYS HG3  H N N 221 
LYS HD2  H N N 222 
LYS HD3  H N N 223 
LYS HE2  H N N 224 
LYS HE3  H N N 225 
LYS HZ1  H N N 226 
LYS HZ2  H N N 227 
LYS HZ3  H N N 228 
LYS HXT  H N N 229 
MET N    N N N 230 
MET CA   C N S 231 
MET C    C N N 232 
MET O    O N N 233 
MET CB   C N N 234 
MET CG   C N N 235 
MET SD   S N N 236 
MET CE   C N N 237 
MET OXT  O N N 238 
MET H    H N N 239 
MET H2   H N N 240 
MET HA   H N N 241 
MET HB2  H N N 242 
MET HB3  H N N 243 
MET HG2  H N N 244 
MET HG3  H N N 245 
MET HE1  H N N 246 
MET HE2  H N N 247 
MET HE3  H N N 248 
MET HXT  H N N 249 
PHE N    N N N 250 
PHE CA   C N S 251 
PHE C    C N N 252 
PHE O    O N N 253 
PHE CB   C N N 254 
PHE CG   C Y N 255 
PHE CD1  C Y N 256 
PHE CD2  C Y N 257 
PHE CE1  C Y N 258 
PHE CE2  C Y N 259 
PHE CZ   C Y N 260 
PHE OXT  O N N 261 
PHE H    H N N 262 
PHE H2   H N N 263 
PHE HA   H N N 264 
PHE HB2  H N N 265 
PHE HB3  H N N 266 
PHE HD1  H N N 267 
PHE HD2  H N N 268 
PHE HE1  H N N 269 
PHE HE2  H N N 270 
PHE HZ   H N N 271 
PHE HXT  H N N 272 
PRO N    N N N 273 
PRO CA   C N S 274 
PRO C    C N N 275 
PRO O    O N N 276 
PRO CB   C N N 277 
PRO CG   C N N 278 
PRO CD   C N N 279 
PRO OXT  O N N 280 
PRO H    H N N 281 
PRO HA   H N N 282 
PRO HB2  H N N 283 
PRO HB3  H N N 284 
PRO HG2  H N N 285 
PRO HG3  H N N 286 
PRO HD2  H N N 287 
PRO HD3  H N N 288 
PRO HXT  H N N 289 
SER N    N N N 290 
SER CA   C N S 291 
SER C    C N N 292 
SER O    O N N 293 
SER CB   C N N 294 
SER OG   O N N 295 
SER OXT  O N N 296 
SER H    H N N 297 
SER H2   H N N 298 
SER HA   H N N 299 
SER HB2  H N N 300 
SER HB3  H N N 301 
SER HG   H N N 302 
SER HXT  H N N 303 
THR N    N N N 304 
THR CA   C N S 305 
THR C    C N N 306 
THR O    O N N 307 
THR CB   C N R 308 
THR OG1  O N N 309 
THR CG2  C N N 310 
THR OXT  O N N 311 
THR H    H N N 312 
THR H2   H N N 313 
THR HA   H N N 314 
THR HB   H N N 315 
THR HG1  H N N 316 
THR HG21 H N N 317 
THR HG22 H N N 318 
THR HG23 H N N 319 
THR HXT  H N N 320 
TRP N    N N N 321 
TRP CA   C N S 322 
TRP C    C N N 323 
TRP O    O N N 324 
TRP CB   C N N 325 
TRP CG   C Y N 326 
TRP CD1  C Y N 327 
TRP CD2  C Y N 328 
TRP NE1  N Y N 329 
TRP CE2  C Y N 330 
TRP CE3  C Y N 331 
TRP CZ2  C Y N 332 
TRP CZ3  C Y N 333 
TRP CH2  C Y N 334 
TRP OXT  O N N 335 
TRP H    H N N 336 
TRP H2   H N N 337 
TRP HA   H N N 338 
TRP HB2  H N N 339 
TRP HB3  H N N 340 
TRP HD1  H N N 341 
TRP HE1  H N N 342 
TRP HE3  H N N 343 
TRP HZ2  H N N 344 
TRP HZ3  H N N 345 
TRP HH2  H N N 346 
TRP HXT  H N N 347 
TYR N    N N N 348 
TYR CA   C N S 349 
TYR C    C N N 350 
TYR O    O N N 351 
TYR CB   C N N 352 
TYR CG   C Y N 353 
TYR CD1  C Y N 354 
TYR CD2  C Y N 355 
TYR CE1  C Y N 356 
TYR CE2  C Y N 357 
TYR CZ   C Y N 358 
TYR OH   O N N 359 
TYR OXT  O N N 360 
TYR H    H N N 361 
TYR H2   H N N 362 
TYR HA   H N N 363 
TYR HB2  H N N 364 
TYR HB3  H N N 365 
TYR HD1  H N N 366 
TYR HD2  H N N 367 
TYR HE1  H N N 368 
TYR HE2  H N N 369 
TYR HH   H N N 370 
TYR HXT  H N N 371 
VAL N    N N N 372 
VAL CA   C N S 373 
VAL C    C N N 374 
VAL O    O N N 375 
VAL CB   C N N 376 
VAL CG1  C N N 377 
VAL CG2  C N N 378 
VAL OXT  O N N 379 
VAL H    H N N 380 
VAL H2   H N N 381 
VAL HA   H N N 382 
VAL HB   H N N 383 
VAL HG11 H N N 384 
VAL HG12 H N N 385 
VAL HG13 H N N 386 
VAL HG21 H N N 387 
VAL HG22 H N N 388 
VAL HG23 H N N 389 
VAL HXT  H N N 390 
# 
loop_
_chem_comp_bond.comp_id 
_chem_comp_bond.atom_id_1 
_chem_comp_bond.atom_id_2 
_chem_comp_bond.value_order 
_chem_comp_bond.pdbx_aromatic_flag 
_chem_comp_bond.pdbx_stereo_config 
_chem_comp_bond.pdbx_ordinal 
ALA N   CA   sing N N 1   
ALA N   H    sing N N 2   
ALA N   H2   sing N N 3   
ALA CA  C    sing N N 4   
ALA CA  CB   sing N N 5   
ALA CA  HA   sing N N 6   
ALA C   O    doub N N 7   
ALA C   OXT  sing N N 8   
ALA CB  HB1  sing N N 9   
ALA CB  HB2  sing N N 10  
ALA CB  HB3  sing N N 11  
ALA OXT HXT  sing N N 12  
ARG N   CA   sing N N 13  
ARG N   H    sing N N 14  
ARG N   H2   sing N N 15  
ARG CA  C    sing N N 16  
ARG CA  CB   sing N N 17  
ARG CA  HA   sing N N 18  
ARG C   O    doub N N 19  
ARG C   OXT  sing N N 20  
ARG CB  CG   sing N N 21  
ARG CB  HB2  sing N N 22  
ARG CB  HB3  sing N N 23  
ARG CG  CD   sing N N 24  
ARG CG  HG2  sing N N 25  
ARG CG  HG3  sing N N 26  
ARG CD  NE   sing N N 27  
ARG CD  HD2  sing N N 28  
ARG CD  HD3  sing N N 29  
ARG NE  CZ   sing N N 30  
ARG NE  HE   sing N N 31  
ARG CZ  NH1  sing N N 32  
ARG CZ  NH2  doub N N 33  
ARG NH1 HH11 sing N N 34  
ARG NH1 HH12 sing N N 35  
ARG NH2 HH21 sing N N 36  
ARG NH2 HH22 sing N N 37  
ARG OXT HXT  sing N N 38  
ASN N   CA   sing N N 39  
ASN N   H    sing N N 40  
ASN N   H2   sing N N 41  
ASN CA  C    sing N N 42  
ASN CA  CB   sing N N 43  
ASN CA  HA   sing N N 44  
ASN C   O    doub N N 45  
ASN C   OXT  sing N N 46  
ASN CB  CG   sing N N 47  
ASN CB  HB2  sing N N 48  
ASN CB  HB3  sing N N 49  
ASN CG  OD1  doub N N 50  
ASN CG  ND2  sing N N 51  
ASN ND2 HD21 sing N N 52  
ASN ND2 HD22 sing N N 53  
ASN OXT HXT  sing N N 54  
ASP N   CA   sing N N 55  
ASP N   H    sing N N 56  
ASP N   H2   sing N N 57  
ASP CA  C    sing N N 58  
ASP CA  CB   sing N N 59  
ASP CA  HA   sing N N 60  
ASP C   O    doub N N 61  
ASP C   OXT  sing N N 62  
ASP CB  CG   sing N N 63  
ASP CB  HB2  sing N N 64  
ASP CB  HB3  sing N N 65  
ASP CG  OD1  doub N N 66  
ASP CG  OD2  sing N N 67  
ASP OD2 HD2  sing N N 68  
ASP OXT HXT  sing N N 69  
CYS N   CA   sing N N 70  
CYS N   H    sing N N 71  
CYS N   H2   sing N N 72  
CYS CA  C    sing N N 73  
CYS CA  CB   sing N N 74  
CYS CA  HA   sing N N 75  
CYS C   O    doub N N 76  
CYS C   OXT  sing N N 77  
CYS CB  SG   sing N N 78  
CYS CB  HB2  sing N N 79  
CYS CB  HB3  sing N N 80  
CYS SG  HG   sing N N 81  
CYS OXT HXT  sing N N 82  
GLN N   CA   sing N N 83  
GLN N   H    sing N N 84  
GLN N   H2   sing N N 85  
GLN CA  C    sing N N 86  
GLN CA  CB   sing N N 87  
GLN CA  HA   sing N N 88  
GLN C   O    doub N N 89  
GLN C   OXT  sing N N 90  
GLN CB  CG   sing N N 91  
GLN CB  HB2  sing N N 92  
GLN CB  HB3  sing N N 93  
GLN CG  CD   sing N N 94  
GLN CG  HG2  sing N N 95  
GLN CG  HG3  sing N N 96  
GLN CD  OE1  doub N N 97  
GLN CD  NE2  sing N N 98  
GLN NE2 HE21 sing N N 99  
GLN NE2 HE22 sing N N 100 
GLN OXT HXT  sing N N 101 
GLU N   CA   sing N N 102 
GLU N   H    sing N N 103 
GLU N   H2   sing N N 104 
GLU CA  C    sing N N 105 
GLU CA  CB   sing N N 106 
GLU CA  HA   sing N N 107 
GLU C   O    doub N N 108 
GLU C   OXT  sing N N 109 
GLU CB  CG   sing N N 110 
GLU CB  HB2  sing N N 111 
GLU CB  HB3  sing N N 112 
GLU CG  CD   sing N N 113 
GLU CG  HG2  sing N N 114 
GLU CG  HG3  sing N N 115 
GLU CD  OE1  doub N N 116 
GLU CD  OE2  sing N N 117 
GLU OE2 HE2  sing N N 118 
GLU OXT HXT  sing N N 119 
GLY N   CA   sing N N 120 
GLY N   H    sing N N 121 
GLY N   H2   sing N N 122 
GLY CA  C    sing N N 123 
GLY CA  HA2  sing N N 124 
GLY CA  HA3  sing N N 125 
GLY C   O    doub N N 126 
GLY C   OXT  sing N N 127 
GLY OXT HXT  sing N N 128 
HIS N   CA   sing N N 129 
HIS N   H    sing N N 130 
HIS N   H2   sing N N 131 
HIS CA  C    sing N N 132 
HIS CA  CB   sing N N 133 
HIS CA  HA   sing N N 134 
HIS C   O    doub N N 135 
HIS C   OXT  sing N N 136 
HIS CB  CG   sing N N 137 
HIS CB  HB2  sing N N 138 
HIS CB  HB3  sing N N 139 
HIS CG  ND1  sing Y N 140 
HIS CG  CD2  doub Y N 141 
HIS ND1 CE1  doub Y N 142 
HIS ND1 HD1  sing N N 143 
HIS CD2 NE2  sing Y N 144 
HIS CD2 HD2  sing N N 145 
HIS CE1 NE2  sing Y N 146 
HIS CE1 HE1  sing N N 147 
HIS NE2 HE2  sing N N 148 
HIS OXT HXT  sing N N 149 
HOH O   H1   sing N N 150 
HOH O   H2   sing N N 151 
ILE N   CA   sing N N 152 
ILE N   H    sing N N 153 
ILE N   H2   sing N N 154 
ILE CA  C    sing N N 155 
ILE CA  CB   sing N N 156 
ILE CA  HA   sing N N 157 
ILE C   O    doub N N 158 
ILE C   OXT  sing N N 159 
ILE CB  CG1  sing N N 160 
ILE CB  CG2  sing N N 161 
ILE CB  HB   sing N N 162 
ILE CG1 CD1  sing N N 163 
ILE CG1 HG12 sing N N 164 
ILE CG1 HG13 sing N N 165 
ILE CG2 HG21 sing N N 166 
ILE CG2 HG22 sing N N 167 
ILE CG2 HG23 sing N N 168 
ILE CD1 HD11 sing N N 169 
ILE CD1 HD12 sing N N 170 
ILE CD1 HD13 sing N N 171 
ILE OXT HXT  sing N N 172 
LEU N   CA   sing N N 173 
LEU N   H    sing N N 174 
LEU N   H2   sing N N 175 
LEU CA  C    sing N N 176 
LEU CA  CB   sing N N 177 
LEU CA  HA   sing N N 178 
LEU C   O    doub N N 179 
LEU C   OXT  sing N N 180 
LEU CB  CG   sing N N 181 
LEU CB  HB2  sing N N 182 
LEU CB  HB3  sing N N 183 
LEU CG  CD1  sing N N 184 
LEU CG  CD2  sing N N 185 
LEU CG  HG   sing N N 186 
LEU CD1 HD11 sing N N 187 
LEU CD1 HD12 sing N N 188 
LEU CD1 HD13 sing N N 189 
LEU CD2 HD21 sing N N 190 
LEU CD2 HD22 sing N N 191 
LEU CD2 HD23 sing N N 192 
LEU OXT HXT  sing N N 193 
LYS N   CA   sing N N 194 
LYS N   H    sing N N 195 
LYS N   H2   sing N N 196 
LYS CA  C    sing N N 197 
LYS CA  CB   sing N N 198 
LYS CA  HA   sing N N 199 
LYS C   O    doub N N 200 
LYS C   OXT  sing N N 201 
LYS CB  CG   sing N N 202 
LYS CB  HB2  sing N N 203 
LYS CB  HB3  sing N N 204 
LYS CG  CD   sing N N 205 
LYS CG  HG2  sing N N 206 
LYS CG  HG3  sing N N 207 
LYS CD  CE   sing N N 208 
LYS CD  HD2  sing N N 209 
LYS CD  HD3  sing N N 210 
LYS CE  NZ   sing N N 211 
LYS CE  HE2  sing N N 212 
LYS CE  HE3  sing N N 213 
LYS NZ  HZ1  sing N N 214 
LYS NZ  HZ2  sing N N 215 
LYS NZ  HZ3  sing N N 216 
LYS OXT HXT  sing N N 217 
MET N   CA   sing N N 218 
MET N   H    sing N N 219 
MET N   H2   sing N N 220 
MET CA  C    sing N N 221 
MET CA  CB   sing N N 222 
MET CA  HA   sing N N 223 
MET C   O    doub N N 224 
MET C   OXT  sing N N 225 
MET CB  CG   sing N N 226 
MET CB  HB2  sing N N 227 
MET CB  HB3  sing N N 228 
MET CG  SD   sing N N 229 
MET CG  HG2  sing N N 230 
MET CG  HG3  sing N N 231 
MET SD  CE   sing N N 232 
MET CE  HE1  sing N N 233 
MET CE  HE2  sing N N 234 
MET CE  HE3  sing N N 235 
MET OXT HXT  sing N N 236 
PHE N   CA   sing N N 237 
PHE N   H    sing N N 238 
PHE N   H2   sing N N 239 
PHE CA  C    sing N N 240 
PHE CA  CB   sing N N 241 
PHE CA  HA   sing N N 242 
PHE C   O    doub N N 243 
PHE C   OXT  sing N N 244 
PHE CB  CG   sing N N 245 
PHE CB  HB2  sing N N 246 
PHE CB  HB3  sing N N 247 
PHE CG  CD1  doub Y N 248 
PHE CG  CD2  sing Y N 249 
PHE CD1 CE1  sing Y N 250 
PHE CD1 HD1  sing N N 251 
PHE CD2 CE2  doub Y N 252 
PHE CD2 HD2  sing N N 253 
PHE CE1 CZ   doub Y N 254 
PHE CE1 HE1  sing N N 255 
PHE CE2 CZ   sing Y N 256 
PHE CE2 HE2  sing N N 257 
PHE CZ  HZ   sing N N 258 
PHE OXT HXT  sing N N 259 
PRO N   CA   sing N N 260 
PRO N   CD   sing N N 261 
PRO N   H    sing N N 262 
PRO CA  C    sing N N 263 
PRO CA  CB   sing N N 264 
PRO CA  HA   sing N N 265 
PRO C   O    doub N N 266 
PRO C   OXT  sing N N 267 
PRO CB  CG   sing N N 268 
PRO CB  HB2  sing N N 269 
PRO CB  HB3  sing N N 270 
PRO CG  CD   sing N N 271 
PRO CG  HG2  sing N N 272 
PRO CG  HG3  sing N N 273 
PRO CD  HD2  sing N N 274 
PRO CD  HD3  sing N N 275 
PRO OXT HXT  sing N N 276 
SER N   CA   sing N N 277 
SER N   H    sing N N 278 
SER N   H2   sing N N 279 
SER CA  C    sing N N 280 
SER CA  CB   sing N N 281 
SER CA  HA   sing N N 282 
SER C   O    doub N N 283 
SER C   OXT  sing N N 284 
SER CB  OG   sing N N 285 
SER CB  HB2  sing N N 286 
SER CB  HB3  sing N N 287 
SER OG  HG   sing N N 288 
SER OXT HXT  sing N N 289 
THR N   CA   sing N N 290 
THR N   H    sing N N 291 
THR N   H2   sing N N 292 
THR CA  C    sing N N 293 
THR CA  CB   sing N N 294 
THR CA  HA   sing N N 295 
THR C   O    doub N N 296 
THR C   OXT  sing N N 297 
THR CB  OG1  sing N N 298 
THR CB  CG2  sing N N 299 
THR CB  HB   sing N N 300 
THR OG1 HG1  sing N N 301 
THR CG2 HG21 sing N N 302 
THR CG2 HG22 sing N N 303 
THR CG2 HG23 sing N N 304 
THR OXT HXT  sing N N 305 
TRP N   CA   sing N N 306 
TRP N   H    sing N N 307 
TRP N   H2   sing N N 308 
TRP CA  C    sing N N 309 
TRP CA  CB   sing N N 310 
TRP CA  HA   sing N N 311 
TRP C   O    doub N N 312 
TRP C   OXT  sing N N 313 
TRP CB  CG   sing N N 314 
TRP CB  HB2  sing N N 315 
TRP CB  HB3  sing N N 316 
TRP CG  CD1  doub Y N 317 
TRP CG  CD2  sing Y N 318 
TRP CD1 NE1  sing Y N 319 
TRP CD1 HD1  sing N N 320 
TRP CD2 CE2  doub Y N 321 
TRP CD2 CE3  sing Y N 322 
TRP NE1 CE2  sing Y N 323 
TRP NE1 HE1  sing N N 324 
TRP CE2 CZ2  sing Y N 325 
TRP CE3 CZ3  doub Y N 326 
TRP CE3 HE3  sing N N 327 
TRP CZ2 CH2  doub Y N 328 
TRP CZ2 HZ2  sing N N 329 
TRP CZ3 CH2  sing Y N 330 
TRP CZ3 HZ3  sing N N 331 
TRP CH2 HH2  sing N N 332 
TRP OXT HXT  sing N N 333 
TYR N   CA   sing N N 334 
TYR N   H    sing N N 335 
TYR N   H2   sing N N 336 
TYR CA  C    sing N N 337 
TYR CA  CB   sing N N 338 
TYR CA  HA   sing N N 339 
TYR C   O    doub N N 340 
TYR C   OXT  sing N N 341 
TYR CB  CG   sing N N 342 
TYR CB  HB2  sing N N 343 
TYR CB  HB3  sing N N 344 
TYR CG  CD1  doub Y N 345 
TYR CG  CD2  sing Y N 346 
TYR CD1 CE1  sing Y N 347 
TYR CD1 HD1  sing N N 348 
TYR CD2 CE2  doub Y N 349 
TYR CD2 HD2  sing N N 350 
TYR CE1 CZ   doub Y N 351 
TYR CE1 HE1  sing N N 352 
TYR CE2 CZ   sing Y N 353 
TYR CE2 HE2  sing N N 354 
TYR CZ  OH   sing N N 355 
TYR OH  HH   sing N N 356 
TYR OXT HXT  sing N N 357 
VAL N   CA   sing N N 358 
VAL N   H    sing N N 359 
VAL N   H2   sing N N 360 
VAL CA  C    sing N N 361 
VAL CA  CB   sing N N 362 
VAL CA  HA   sing N N 363 
VAL C   O    doub N N 364 
VAL C   OXT  sing N N 365 
VAL CB  CG1  sing N N 366 
VAL CB  CG2  sing N N 367 
VAL CB  HB   sing N N 368 
VAL CG1 HG11 sing N N 369 
VAL CG1 HG12 sing N N 370 
VAL CG1 HG13 sing N N 371 
VAL CG2 HG21 sing N N 372 
VAL CG2 HG22 sing N N 373 
VAL CG2 HG23 sing N N 374 
VAL OXT HXT  sing N N 375 
# 
_pdbx_initial_refinement_model.accession_code   ? 
_pdbx_initial_refinement_model.id               1 
_pdbx_initial_refinement_model.entity_id_list   ? 
_pdbx_initial_refinement_model.type             'experimental model' 
_pdbx_initial_refinement_model.source_name      Other 
_pdbx_initial_refinement_model.details          TRAF2 
# 
_atom_sites.entry_id                    1LB4 
_atom_sites.fract_transf_matrix[1][1]   0.02876607 
_atom_sites.fract_transf_matrix[1][2]   0.00257304 
_atom_sites.fract_transf_matrix[1][3]   0.01294752 
_atom_sites.fract_transf_matrix[2][1]   0.00656392 
_atom_sites.fract_transf_matrix[2][2]   0.00576441 
_atom_sites.fract_transf_matrix[2][3]   -0.01572891 
_atom_sites.fract_transf_matrix[3][1]   -0.00054411 
_atom_sites.fract_transf_matrix[3][2]   0.02011298 
_atom_sites.fract_transf_matrix[3][3]   0.00714404 
_atom_sites.fract_transf_vector[1]      0.322202 
_atom_sites.fract_transf_vector[2]      -0.035770 
_atom_sites.fract_transf_vector[3]      0.237801 
# 
loop_
_atom_type.symbol 
C 
N 
O 
S 
# 
loop_
_atom_site.group_PDB 
_atom_site.id 
_atom_site.type_symbol 
_atom_site.label_atom_id 
_atom_site.label_alt_id 
_atom_site.label_comp_id 
_atom_site.label_asym_id 
_atom_site.label_entity_id 
_atom_site.label_seq_id 
_atom_site.pdbx_PDB_ins_code 
_atom_site.Cartn_x 
_atom_site.Cartn_y 
_atom_site.Cartn_z 
_atom_site.occupancy 
_atom_site.B_iso_or_equiv 
_atom_site.pdbx_formal_charge 
_atom_site.auth_seq_id 
_atom_site.auth_comp_id 
_atom_site.auth_asym_id 
_atom_site.auth_atom_id 
_atom_site.pdbx_PDB_model_num 
ATOM   1    N N   . GLN A 1 1   ? 6.146   4.989   -11.891 1.00 59.94 ? 348 GLN A N   1 
ATOM   2    C CA  . GLN A 1 1   ? 4.933   5.207   -12.733 1.00 61.65 ? 348 GLN A CA  1 
ATOM   3    C C   . GLN A 1 1   ? 5.013   6.538   -13.488 1.00 61.69 ? 348 GLN A C   1 
ATOM   4    O O   . GLN A 1 1   ? 5.851   7.390   -13.190 1.00 60.99 ? 348 GLN A O   1 
ATOM   5    C CB  . GLN A 1 1   ? 3.677   5.183   -11.854 1.00 62.45 ? 348 GLN A CB  1 
ATOM   6    C CG  . GLN A 1 1   ? 2.350   5.227   -12.617 1.00 65.88 ? 348 GLN A CG  1 
ATOM   7    C CD  . GLN A 1 1   ? 2.089   3.971   -13.445 1.00 67.85 ? 348 GLN A CD  1 
ATOM   8    O OE1 . GLN A 1 1   ? 2.054   2.858   -12.913 1.00 68.12 ? 348 GLN A OE1 1 
ATOM   9    N NE2 . GLN A 1 1   ? 1.892   4.149   -14.751 1.00 67.58 ? 348 GLN A NE2 1 
ATOM   10   N N   . CYS A 1 2   ? 4.134   6.703   -14.472 1.00 62.15 ? 349 CYS A N   1 
ATOM   11   C CA  . CYS A 1 2   ? 4.091   7.908   -15.292 1.00 61.69 ? 349 CYS A CA  1 
ATOM   12   C C   . CYS A 1 2   ? 2.944   8.827   -14.882 1.00 60.46 ? 349 CYS A C   1 
ATOM   13   O O   . CYS A 1 2   ? 3.153   10.002  -14.578 1.00 60.70 ? 349 CYS A O   1 
ATOM   14   C CB  . CYS A 1 2   ? 3.951   7.514   -16.764 1.00 62.47 ? 349 CYS A CB  1 
ATOM   15   S SG  . CYS A 1 2   ? 3.637   8.878   -17.899 1.00 66.40 ? 349 CYS A SG  1 
ATOM   16   N N   . ASN A 1 3   ? 1.732   8.282   -14.882 1.00 58.47 ? 350 ASN A N   1 
ATOM   17   C CA  . ASN A 1 3   ? 0.544   9.040   -14.503 1.00 55.88 ? 350 ASN A CA  1 
ATOM   18   C C   . ASN A 1 3   ? 0.466   9.277   -12.990 1.00 52.76 ? 350 ASN A C   1 
ATOM   19   O O   . ASN A 1 3   ? 1.022   10.252  -12.484 1.00 54.39 ? 350 ASN A O   1 
ATOM   20   C CB  . ASN A 1 3   ? -0.711  8.311   -14.998 1.00 57.13 ? 350 ASN A CB  1 
ATOM   21   C CG  . ASN A 1 3   ? -0.659  6.816   -14.729 1.00 58.97 ? 350 ASN A CG  1 
ATOM   22   O OD1 . ASN A 1 3   ? 0.146   6.091   -15.319 1.00 60.17 ? 350 ASN A OD1 1 
ATOM   23   N ND2 . ASN A 1 3   ? -1.510  6.350   -13.826 1.00 60.16 ? 350 ASN A ND2 1 
ATOM   24   N N   . GLY A 1 4   ? -0.218  8.390   -12.271 1.00 47.72 ? 351 GLY A N   1 
ATOM   25   C CA  . GLY A 1 4   ? -0.343  8.545   -10.832 1.00 40.26 ? 351 GLY A CA  1 
ATOM   26   C C   . GLY A 1 4   ? -0.936  7.342   -10.115 1.00 36.32 ? 351 GLY A C   1 
ATOM   27   O O   . GLY A 1 4   ? -1.293  7.422   -8.938  1.00 36.76 ? 351 GLY A O   1 
ATOM   28   N N   . ILE A 1 5   ? -1.062  6.222   -10.815 1.00 30.78 ? 352 ILE A N   1 
ATOM   29   C CA  . ILE A 1 5   ? -1.611  5.032   -10.186 1.00 25.51 ? 352 ILE A CA  1 
ATOM   30   C C   . ILE A 1 5   ? -0.704  3.842   -10.488 1.00 22.45 ? 352 ILE A C   1 
ATOM   31   O O   . ILE A 1 5   ? -0.224  3.670   -11.608 1.00 20.44 ? 352 ILE A O   1 
ATOM   32   C CB  . ILE A 1 5   ? -3.079  4.750   -10.658 1.00 24.59 ? 352 ILE A CB  1 
ATOM   33   C CG1 . ILE A 1 5   ? -3.096  3.928   -11.937 1.00 23.63 ? 352 ILE A CG1 1 
ATOM   34   C CG2 . ILE A 1 5   ? -3.830  6.051   -10.870 1.00 23.89 ? 352 ILE A CG2 1 
ATOM   35   C CD1 . ILE A 1 5   ? -3.235  2.458   -11.663 1.00 22.53 ? 352 ILE A CD1 1 
ATOM   36   N N   . TYR A 1 6   ? -0.457  3.035   -9.465  1.00 20.78 ? 353 TYR A N   1 
ATOM   37   C CA  . TYR A 1 6   ? 0.404   1.870   -9.593  1.00 17.36 ? 353 TYR A CA  1 
ATOM   38   C C   . TYR A 1 6   ? -0.345  0.629   -9.130  1.00 16.96 ? 353 TYR A C   1 
ATOM   39   O O   . TYR A 1 6   ? -1.185  0.694   -8.229  1.00 16.07 ? 353 TYR A O   1 
ATOM   40   C CB  . TYR A 1 6   ? 1.662   2.057   -8.735  1.00 15.82 ? 353 TYR A CB  1 
ATOM   41   C CG  . TYR A 1 6   ? 2.636   0.899   -8.769  1.00 13.50 ? 353 TYR A CG  1 
ATOM   42   C CD1 . TYR A 1 6   ? 3.453   0.673   -9.877  1.00 14.35 ? 353 TYR A CD1 1 
ATOM   43   C CD2 . TYR A 1 6   ? 2.723   0.006   -7.697  1.00 14.50 ? 353 TYR A CD2 1 
ATOM   44   C CE1 . TYR A 1 6   ? 4.332   -0.417  -9.914  1.00 14.45 ? 353 TYR A CE1 1 
ATOM   45   C CE2 . TYR A 1 6   ? 3.593   -1.081  -7.722  1.00 11.25 ? 353 TYR A CE2 1 
ATOM   46   C CZ  . TYR A 1 6   ? 4.393   -1.291  -8.833  1.00 14.00 ? 353 TYR A CZ  1 
ATOM   47   O OH  . TYR A 1 6   ? 5.225   -2.388  -8.878  1.00 14.81 ? 353 TYR A OH  1 
ATOM   48   N N   . ILE A 1 7   ? -0.043  -0.495  -9.769  1.00 15.38 ? 354 ILE A N   1 
ATOM   49   C CA  . ILE A 1 7   ? -0.649  -1.766  -9.423  1.00 14.14 ? 354 ILE A CA  1 
ATOM   50   C C   . ILE A 1 7   ? 0.461   -2.741  -9.071  1.00 13.29 ? 354 ILE A C   1 
ATOM   51   O O   . ILE A 1 7   ? 1.218   -3.190  -9.932  1.00 9.95  ? 354 ILE A O   1 
ATOM   52   C CB  . ILE A 1 7   ? -1.473  -2.340  -10.580 1.00 16.20 ? 354 ILE A CB  1 
ATOM   53   C CG1 . ILE A 1 7   ? -2.692  -1.456  -10.837 1.00 13.29 ? 354 ILE A CG1 1 
ATOM   54   C CG2 . ILE A 1 7   ? -1.884  -3.761  -10.253 1.00 14.25 ? 354 ILE A CG2 1 
ATOM   55   C CD1 . ILE A 1 7   ? -3.521  -1.912  -11.998 1.00 20.25 ? 354 ILE A CD1 1 
ATOM   56   N N   . TRP A 1 8   ? 0.538   -3.042  -7.779  1.00 13.47 ? 355 TRP A N   1 
ATOM   57   C CA  . TRP A 1 8   ? 1.523   -3.933  -7.193  1.00 10.41 ? 355 TRP A CA  1 
ATOM   58   C C   . TRP A 1 8   ? 1.024   -5.375  -7.168  1.00 11.04 ? 355 TRP A C   1 
ATOM   59   O O   . TRP A 1 8   ? 0.125   -5.714  -6.401  1.00 9.98  ? 355 TRP A O   1 
ATOM   60   C CB  . TRP A 1 8   ? 1.839   -3.435  -5.770  1.00 9.39  ? 355 TRP A CB  1 
ATOM   61   C CG  . TRP A 1 8   ? 2.812   -4.273  -5.002  1.00 6.06  ? 355 TRP A CG  1 
ATOM   62   C CD1 . TRP A 1 8   ? 3.759   -5.097  -5.524  1.00 7.35  ? 355 TRP A CD1 1 
ATOM   63   C CD2 . TRP A 1 8   ? 2.955   -4.349  -3.570  1.00 8.74  ? 355 TRP A CD2 1 
ATOM   64   N NE1 . TRP A 1 8   ? 4.482   -5.693  -4.515  1.00 15.18 ? 355 TRP A NE1 1 
ATOM   65   C CE2 . TRP A 1 8   ? 4.017   -5.246  -3.307  1.00 8.70  ? 355 TRP A CE2 1 
ATOM   66   C CE3 . TRP A 1 8   ? 2.295   -3.741  -2.489  1.00 7.78  ? 355 TRP A CE3 1 
ATOM   67   C CZ2 . TRP A 1 8   ? 4.429   -5.566  -2.006  1.00 13.26 ? 355 TRP A CZ2 1 
ATOM   68   C CZ3 . TRP A 1 8   ? 2.710   -4.058  -1.180  1.00 10.95 ? 355 TRP A CZ3 1 
ATOM   69   C CH2 . TRP A 1 8   ? 3.773   -4.960  -0.957  1.00 15.15 ? 355 TRP A CH2 1 
ATOM   70   N N   . LYS A 1 9   ? 1.613   -6.220  -8.006  1.00 12.17 ? 356 LYS A N   1 
ATOM   71   C CA  . LYS A 1 9   ? 1.219   -7.623  -8.064  1.00 15.82 ? 356 LYS A CA  1 
ATOM   72   C C   . LYS A 1 9   ? 2.088   -8.426  -7.100  1.00 14.83 ? 356 LYS A C   1 
ATOM   73   O O   . LYS A 1 9   ? 3.317   -8.318  -7.120  1.00 17.92 ? 356 LYS A O   1 
ATOM   74   C CB  . LYS A 1 9   ? 1.395   -8.187  -9.479  1.00 19.22 ? 356 LYS A CB  1 
ATOM   75   C CG  . LYS A 1 9   ? 0.851   -7.315  -10.619 1.00 27.72 ? 356 LYS A CG  1 
ATOM   76   C CD  . LYS A 1 9   ? 1.839   -6.192  -11.005 1.00 36.18 ? 356 LYS A CD  1 
ATOM   77   C CE  . LYS A 1 9   ? 1.437   -5.480  -12.309 1.00 38.99 ? 356 LYS A CE  1 
ATOM   78   N NZ  . LYS A 1 9   ? 2.422   -4.444  -12.764 1.00 41.13 ? 356 LYS A NZ  1 
ATOM   79   N N   . ILE A 1 10  ? 1.455   -9.223  -6.248  1.00 12.81 ? 357 ILE A N   1 
ATOM   80   C CA  . ILE A 1 10  ? 2.193   -10.047 -5.294  1.00 9.65  ? 357 ILE A CA  1 
ATOM   81   C C   . ILE A 1 10  ? 1.842   -11.519 -5.540  1.00 9.14  ? 357 ILE A C   1 
ATOM   82   O O   . ILE A 1 10  ? 0.758   -11.983 -5.173  1.00 5.01  ? 357 ILE A O   1 
ATOM   83   C CB  . ILE A 1 10  ? 1.848   -9.666  -3.828  1.00 8.41  ? 357 ILE A CB  1 
ATOM   84   C CG1 . ILE A 1 10  ? 2.121   -8.178  -3.588  1.00 6.44  ? 357 ILE A CG1 1 
ATOM   85   C CG2 . ILE A 1 10  ? 2.690   -10.490 -2.871  1.00 8.91  ? 357 ILE A CG2 1 
ATOM   86   C CD1 . ILE A 1 10  ? 1.712   -7.678  -2.204  1.00 7.26  ? 357 ILE A CD1 1 
ATOM   87   N N   . GLY A 1 11  ? 2.757   -12.240 -6.179  1.00 7.40  ? 358 GLY A N   1 
ATOM   88   C CA  . GLY A 1 11  ? 2.514   -13.641 -6.469  1.00 10.56 ? 358 GLY A CA  1 
ATOM   89   C C   . GLY A 1 11  ? 2.935   -14.542 -5.326  1.00 12.25 ? 358 GLY A C   1 
ATOM   90   O O   . GLY A 1 11  ? 3.239   -14.050 -4.239  1.00 15.51 ? 358 GLY A O   1 
ATOM   91   N N   . ASN A 1 12  ? 2.936   -15.853 -5.565  1.00 13.98 ? 359 ASN A N   1 
ATOM   92   C CA  . ASN A 1 12  ? 3.332   -16.839 -4.554  1.00 14.79 ? 359 ASN A CA  1 
ATOM   93   C C   . ASN A 1 12  ? 2.620   -16.529 -3.233  1.00 14.27 ? 359 ASN A C   1 
ATOM   94   O O   . ASN A 1 12  ? 3.097   -16.867 -2.151  1.00 14.09 ? 359 ASN A O   1 
ATOM   95   C CB  . ASN A 1 12  ? 4.848   -16.762 -4.361  1.00 18.91 ? 359 ASN A CB  1 
ATOM   96   C CG  . ASN A 1 12  ? 5.397   -17.888 -3.518  1.00 23.67 ? 359 ASN A CG  1 
ATOM   97   O OD1 . ASN A 1 12  ? 6.505   -17.788 -2.983  1.00 26.64 ? 359 ASN A OD1 1 
ATOM   98   N ND2 . ASN A 1 12  ? 4.646   -18.980 -3.415  1.00 25.67 ? 359 ASN A ND2 1 
ATOM   99   N N   . PHE A 1 13  ? 1.460   -15.889 -3.332  1.00 14.49 ? 360 PHE A N   1 
ATOM   100  C CA  . PHE A 1 13  ? 0.716   -15.491 -2.151  1.00 12.48 ? 360 PHE A CA  1 
ATOM   101  C C   . PHE A 1 13  ? 0.337   -16.661 -1.248  1.00 12.29 ? 360 PHE A C   1 
ATOM   102  O O   . PHE A 1 13  ? 0.201   -16.501 -0.026  1.00 7.29  ? 360 PHE A O   1 
ATOM   103  C CB  . PHE A 1 13  ? -0.548  -14.736 -2.562  1.00 12.97 ? 360 PHE A CB  1 
ATOM   104  C CG  . PHE A 1 13  ? -1.013  -13.781 -1.523  1.00 8.55  ? 360 PHE A CG  1 
ATOM   105  C CD1 . PHE A 1 13  ? -0.354  -12.570 -1.338  1.00 11.45 ? 360 PHE A CD1 1 
ATOM   106  C CD2 . PHE A 1 13  ? -2.047  -14.116 -0.673  1.00 10.89 ? 360 PHE A CD2 1 
ATOM   107  C CE1 . PHE A 1 13  ? -0.710  -11.716 -0.305  1.00 9.50  ? 360 PHE A CE1 1 
ATOM   108  C CE2 . PHE A 1 13  ? -2.413  -13.269 0.366   1.00 12.77 ? 360 PHE A CE2 1 
ATOM   109  C CZ  . PHE A 1 13  ? -1.745  -12.064 0.547   1.00 8.61  ? 360 PHE A CZ  1 
ATOM   110  N N   . GLY A 1 14  ? 0.162   -17.829 -1.859  1.00 11.49 ? 361 GLY A N   1 
ATOM   111  C CA  . GLY A 1 14  ? -0.207  -19.014 -1.110  1.00 12.46 ? 361 GLY A CA  1 
ATOM   112  C C   . GLY A 1 14  ? 0.809   -19.348 -0.042  1.00 15.40 ? 361 GLY A C   1 
ATOM   113  O O   . GLY A 1 14  ? 0.456   -19.758 1.062   1.00 14.81 ? 361 GLY A O   1 
ATOM   114  N N   . MET A 1 15  ? 2.082   -19.172 -0.360  1.00 16.86 ? 362 MET A N   1 
ATOM   115  C CA  . MET A 1 15  ? 3.117   -19.469 0.612   1.00 19.27 ? 362 MET A CA  1 
ATOM   116  C C   . MET A 1 15  ? 3.143   -18.438 1.747   1.00 17.86 ? 362 MET A C   1 
ATOM   117  O O   . MET A 1 15  ? 3.555   -18.749 2.859   1.00 16.61 ? 362 MET A O   1 
ATOM   118  C CB  . MET A 1 15  ? 4.476   -19.519 -0.069  1.00 22.60 ? 362 MET A CB  1 
ATOM   119  C CG  . MET A 1 15  ? 5.606   -19.862 0.870   1.00 27.43 ? 362 MET A CG  1 
ATOM   120  S SD  . MET A 1 15  ? 7.142   -19.427 0.078   1.00 37.34 ? 362 MET A SD  1 
ATOM   121  C CE  . MET A 1 15  ? 7.232   -20.705 -1.256  1.00 36.19 ? 362 MET A CE  1 
ATOM   122  N N   . HIS A 1 16  ? 2.705   -17.213 1.474   1.00 16.32 ? 363 HIS A N   1 
ATOM   123  C CA  . HIS A 1 16  ? 2.697   -16.197 2.520   1.00 15.41 ? 363 HIS A CA  1 
ATOM   124  C C   . HIS A 1 16  ? 1.615   -16.517 3.543   1.00 16.18 ? 363 HIS A C   1 
ATOM   125  O O   . HIS A 1 16  ? 1.860   -16.473 4.748   1.00 17.86 ? 363 HIS A O   1 
ATOM   126  C CB  . HIS A 1 16  ? 2.450   -14.809 1.940   1.00 13.93 ? 363 HIS A CB  1 
ATOM   127  C CG  . HIS A 1 16  ? 3.449   -14.406 0.908   1.00 16.28 ? 363 HIS A CG  1 
ATOM   128  N ND1 . HIS A 1 16  ? 4.809   -14.497 1.117   1.00 15.72 ? 363 HIS A ND1 1 
ATOM   129  C CD2 . HIS A 1 16  ? 3.293   -13.915 -0.344  1.00 14.68 ? 363 HIS A CD2 1 
ATOM   130  C CE1 . HIS A 1 16  ? 5.445   -14.084 0.039   1.00 15.00 ? 363 HIS A CE1 1 
ATOM   131  N NE2 . HIS A 1 16  ? 4.550   -13.724 -0.864  1.00 17.13 ? 363 HIS A NE2 1 
ATOM   132  N N   . LEU A 1 17  ? 0.418   -16.837 3.056   1.00 15.44 ? 364 LEU A N   1 
ATOM   133  C CA  . LEU A 1 17  ? -0.704  -17.174 3.925   1.00 15.40 ? 364 LEU A CA  1 
ATOM   134  C C   . LEU A 1 17  ? -0.406  -18.384 4.808   1.00 14.04 ? 364 LEU A C   1 
ATOM   135  O O   . LEU A 1 17  ? -0.870  -18.457 5.938   1.00 12.54 ? 364 LEU A O   1 
ATOM   136  C CB  . LEU A 1 17  ? -1.956  -17.448 3.091   1.00 16.02 ? 364 LEU A CB  1 
ATOM   137  C CG  . LEU A 1 17  ? -2.705  -16.262 2.484   1.00 16.78 ? 364 LEU A CG  1 
ATOM   138  C CD1 . LEU A 1 17  ? -3.728  -16.794 1.495   1.00 16.43 ? 364 LEU A CD1 1 
ATOM   139  C CD2 . LEU A 1 17  ? -3.374  -15.436 3.585   1.00 10.66 ? 364 LEU A CD2 1 
ATOM   140  N N   . LYS A 1 18  ? 0.361   -19.336 4.295   1.00 15.00 ? 365 LYS A N   1 
ATOM   141  C CA  . LYS A 1 18  ? 0.694   -20.503 5.092   1.00 18.73 ? 365 LYS A CA  1 
ATOM   142  C C   . LYS A 1 18  ? 1.776   -20.156 6.113   1.00 18.23 ? 365 LYS A C   1 
ATOM   143  O O   . LYS A 1 18  ? 1.806   -20.716 7.211   1.00 16.32 ? 365 LYS A O   1 
ATOM   144  C CB  . LYS A 1 18  ? 1.116   -21.668 4.193   1.00 19.87 ? 365 LYS A CB  1 
ATOM   145  C CG  . LYS A 1 18  ? -0.016  -22.106 3.271   1.00 25.46 ? 365 LYS A CG  1 
ATOM   146  C CD  . LYS A 1 18  ? -0.064  -23.618 3.067   1.00 29.29 ? 365 LYS A CD  1 
ATOM   147  C CE  . LYS A 1 18  ? 1.113   -24.124 2.259   1.00 32.49 ? 365 LYS A CE  1 
ATOM   148  N NZ  . LYS A 1 18  ? 1.023   -25.589 1.993   1.00 34.91 ? 365 LYS A NZ  1 
ATOM   149  N N   . CYS A 1 19  ? 2.652   -19.220 5.758   1.00 16.75 ? 366 CYS A N   1 
ATOM   150  C CA  . CYS A 1 19  ? 3.691   -18.787 6.681   1.00 17.89 ? 366 CYS A CA  1 
ATOM   151  C C   . CYS A 1 19  ? 3.047   -18.107 7.888   1.00 18.05 ? 366 CYS A C   1 
ATOM   152  O O   . CYS A 1 19  ? 3.430   -18.355 9.034   1.00 16.96 ? 366 CYS A O   1 
ATOM   153  C CB  . CYS A 1 19  ? 4.646   -17.801 6.005   1.00 16.49 ? 366 CYS A CB  1 
ATOM   154  S SG  . CYS A 1 19  ? 5.862   -18.557 4.913   1.00 23.58 ? 366 CYS A SG  1 
ATOM   155  N N   . GLN A 1 20  ? 2.065   -17.252 7.628   1.00 16.88 ? 367 GLN A N   1 
ATOM   156  C CA  . GLN A 1 20  ? 1.409   -16.537 8.708   1.00 19.21 ? 367 GLN A CA  1 
ATOM   157  C C   . GLN A 1 20  ? 0.509   -17.488 9.495   1.00 19.22 ? 367 GLN A C   1 
ATOM   158  O O   . GLN A 1 20  ? 0.137   -17.219 10.636  1.00 15.93 ? 367 GLN A O   1 
ATOM   159  C CB  . GLN A 1 20  ? 0.620   -15.354 8.137   1.00 19.59 ? 367 GLN A CB  1 
ATOM   160  C CG  . GLN A 1 20  ? -0.872  -15.536 8.043   1.00 22.43 ? 367 GLN A CG  1 
ATOM   161  C CD  . GLN A 1 20  ? -1.552  -15.397 9.383   1.00 22.78 ? 367 GLN A CD  1 
ATOM   162  O OE1 . GLN A 1 20  ? -1.413  -14.373 10.056  1.00 24.35 ? 367 GLN A OE1 1 
ATOM   163  N NE2 . GLN A 1 20  ? -2.300  -16.421 9.780   1.00 20.09 ? 367 GLN A NE2 1 
ATOM   164  N N   . GLU A 1 21  ? 0.180   -18.615 8.881   1.00 20.18 ? 368 GLU A N   1 
ATOM   165  C CA  . GLU A 1 21  ? -0.661  -19.608 9.521   1.00 20.85 ? 368 GLU A CA  1 
ATOM   166  C C   . GLU A 1 21  ? 0.182   -20.404 10.523  1.00 20.01 ? 368 GLU A C   1 
ATOM   167  O O   . GLU A 1 21  ? -0.302  -20.792 11.575  1.00 18.48 ? 368 GLU A O   1 
ATOM   168  C CB  . GLU A 1 21  ? -1.256  -20.518 8.452   1.00 23.73 ? 368 GLU A CB  1 
ATOM   169  C CG  . GLU A 1 21  ? -2.272  -21.508 8.946   1.00 30.97 ? 368 GLU A CG  1 
ATOM   170  C CD  . GLU A 1 21  ? -2.858  -22.311 7.805   1.00 35.87 ? 368 GLU A CD  1 
ATOM   171  O OE1 . GLU A 1 21  ? -3.662  -23.231 8.068   1.00 39.36 ? 368 GLU A OE1 1 
ATOM   172  O OE2 . GLU A 1 21  ? -2.513  -22.013 6.641   1.00 38.83 ? 368 GLU A OE2 1 
ATOM   173  N N   . GLU A 1 22  ? 1.448   -20.650 10.198  1.00 20.07 ? 369 GLU A N   1 
ATOM   174  C CA  . GLU A 1 22  ? 2.309   -21.373 11.125  1.00 20.26 ? 369 GLU A CA  1 
ATOM   175  C C   . GLU A 1 22  ? 3.155   -20.454 12.004  1.00 17.92 ? 369 GLU A C   1 
ATOM   176  O O   . GLU A 1 22  ? 4.253   -20.802 12.418  1.00 17.64 ? 369 GLU A O   1 
ATOM   177  C CB  . GLU A 1 22  ? 3.180   -22.380 10.373  1.00 21.89 ? 369 GLU A CB  1 
ATOM   178  C CG  . GLU A 1 22  ? 3.562   -21.953 8.988   1.00 27.38 ? 369 GLU A CG  1 
ATOM   179  C CD  . GLU A 1 22  ? 3.995   -23.126 8.124   1.00 29.36 ? 369 GLU A CD  1 
ATOM   180  O OE1 . GLU A 1 22  ? 3.241   -24.130 8.060   1.00 23.89 ? 369 GLU A OE1 1 
ATOM   181  O OE2 . GLU A 1 22  ? 5.076   -23.034 7.496   1.00 33.84 ? 369 GLU A OE2 1 
ATOM   182  N N   . GLU A 1 23  ? 2.615   -19.275 12.285  1.00 16.64 ? 370 GLU A N   1 
ATOM   183  C CA  . GLU A 1 23  ? 3.264   -18.301 13.142  1.00 18.14 ? 370 GLU A CA  1 
ATOM   184  C C   . GLU A 1 23  ? 4.607   -17.727 12.663  1.00 17.69 ? 370 GLU A C   1 
ATOM   185  O O   . GLU A 1 23  ? 5.465   -17.393 13.477  1.00 16.40 ? 370 GLU A O   1 
ATOM   186  C CB  . GLU A 1 23  ? 3.405   -18.898 14.552  1.00 20.68 ? 370 GLU A CB  1 
ATOM   187  C CG  . GLU A 1 23  ? 2.065   -19.128 15.251  1.00 22.45 ? 370 GLU A CG  1 
ATOM   188  C CD  . GLU A 1 23  ? 2.195   -19.814 16.611  1.00 26.38 ? 370 GLU A CD  1 
ATOM   189  O OE1 . GLU A 1 23  ? 3.075   -19.424 17.406  1.00 29.43 ? 370 GLU A OE1 1 
ATOM   190  O OE2 . GLU A 1 23  ? 1.394   -20.728 16.899  1.00 28.04 ? 370 GLU A OE2 1 
ATOM   191  N N   . LYS A 1 24  ? 4.790   -17.601 11.350  1.00 17.05 ? 371 LYS A N   1 
ATOM   192  C CA  . LYS A 1 24  ? 6.026   -17.023 10.819  1.00 17.50 ? 371 LYS A CA  1 
ATOM   193  C C   . LYS A 1 24  ? 5.753   -15.615 10.305  1.00 15.18 ? 371 LYS A C   1 
ATOM   194  O O   . LYS A 1 24  ? 4.944   -15.419 9.402   1.00 15.26 ? 371 LYS A O   1 
ATOM   195  C CB  . LYS A 1 24  ? 6.600   -17.886 9.696   1.00 19.08 ? 371 LYS A CB  1 
ATOM   196  C CG  . LYS A 1 24  ? 7.081   -19.256 10.155  1.00 22.69 ? 371 LYS A CG  1 
ATOM   197  C CD  . LYS A 1 24  ? 7.678   -20.039 8.998   1.00 24.90 ? 371 LYS A CD  1 
ATOM   198  C CE  . LYS A 1 24  ? 7.973   -21.479 9.400   1.00 28.02 ? 371 LYS A CE  1 
ATOM   199  N NZ  . LYS A 1 24  ? 8.313   -22.334 8.220   1.00 27.64 ? 371 LYS A NZ  1 
ATOM   200  N N   . PRO A 1 25  ? 6.455   -14.616 10.858  1.00 14.47 ? 372 PRO A N   1 
ATOM   201  C CA  . PRO A 1 25  ? 6.279   -13.213 10.459  1.00 13.84 ? 372 PRO A CA  1 
ATOM   202  C C   . PRO A 1 25  ? 6.465   -13.000 8.962   1.00 12.25 ? 372 PRO A C   1 
ATOM   203  O O   . PRO A 1 25  ? 7.404   -13.525 8.361   1.00 10.50 ? 372 PRO A O   1 
ATOM   204  C CB  . PRO A 1 25  ? 7.325   -12.485 11.306  1.00 13.68 ? 372 PRO A CB  1 
ATOM   205  C CG  . PRO A 1 25  ? 8.393   -13.548 11.488  1.00 14.95 ? 372 PRO A CG  1 
ATOM   206  C CD  . PRO A 1 25  ? 7.528   -14.728 11.857  1.00 14.87 ? 372 PRO A CD  1 
ATOM   207  N N   . VAL A 1 26  ? 5.559   -12.224 8.372   1.00 10.22 ? 373 VAL A N   1 
ATOM   208  C CA  . VAL A 1 26  ? 5.586   -11.943 6.942   1.00 8.11  ? 373 VAL A CA  1 
ATOM   209  C C   . VAL A 1 26  ? 5.462   -10.442 6.623   1.00 8.61  ? 373 VAL A C   1 
ATOM   210  O O   . VAL A 1 26  ? 4.557   -9.762  7.108   1.00 10.45 ? 373 VAL A O   1 
ATOM   211  C CB  . VAL A 1 26  ? 4.429   -12.688 6.210   1.00 8.37  ? 373 VAL A CB  1 
ATOM   212  C CG1 . VAL A 1 26  ? 4.495   -12.427 4.714   1.00 6.70  ? 373 VAL A CG1 1 
ATOM   213  C CG2 . VAL A 1 26  ? 4.503   -14.186 6.489   1.00 8.46  ? 373 VAL A CG2 1 
ATOM   214  N N   . VAL A 1 27  ? 6.383   -9.940  5.809   1.00 4.65  ? 374 VAL A N   1 
ATOM   215  C CA  . VAL A 1 27  ? 6.378   -8.551  5.379   1.00 2.49  ? 374 VAL A CA  1 
ATOM   216  C C   . VAL A 1 27  ? 6.807   -8.556  3.931   1.00 2.49  ? 374 VAL A C   1 
ATOM   217  O O   . VAL A 1 27  ? 7.726   -9.276  3.556   1.00 5.21  ? 374 VAL A O   1 
ATOM   218  C CB  . VAL A 1 27  ? 7.385   -7.691  6.150   1.00 5.80  ? 374 VAL A CB  1 
ATOM   219  C CG1 . VAL A 1 27  ? 7.414   -6.277  5.565   1.00 2.49  ? 374 VAL A CG1 1 
ATOM   220  C CG2 . VAL A 1 27  ? 7.005   -7.644  7.625   1.00 8.78  ? 374 VAL A CG2 1 
ATOM   221  N N   . ILE A 1 28  ? 6.143   -7.762  3.110   1.00 2.49  ? 375 ILE A N   1 
ATOM   222  C CA  . ILE A 1 28  ? 6.501   -7.713  1.706   1.00 5.22  ? 375 ILE A CA  1 
ATOM   223  C C   . ILE A 1 28  ? 6.768   -6.262  1.330   1.00 4.15  ? 375 ILE A C   1 
ATOM   224  O O   . ILE A 1 28  ? 6.020   -5.373  1.717   1.00 6.88  ? 375 ILE A O   1 
ATOM   225  C CB  . ILE A 1 28  ? 5.368   -8.304  0.821   1.00 3.64  ? 375 ILE A CB  1 
ATOM   226  C CG1 . ILE A 1 28  ? 4.851   -9.609  1.447   1.00 4.25  ? 375 ILE A CG1 1 
ATOM   227  C CG2 . ILE A 1 28  ? 5.906   -8.568  -0.581  1.00 2.49  ? 375 ILE A CG2 1 
ATOM   228  C CD1 . ILE A 1 28  ? 3.683   -10.274 0.719   1.00 7.35  ? 375 ILE A CD1 1 
ATOM   229  N N   . HIS A 1 29  ? 7.842   -6.034  0.581   1.00 7.04  ? 376 HIS A N   1 
ATOM   230  C CA  . HIS A 1 29  ? 8.243   -4.692  0.151   1.00 7.47  ? 376 HIS A CA  1 
ATOM   231  C C   . HIS A 1 29  ? 7.986   -4.551  -1.340  1.00 8.33  ? 376 HIS A C   1 
ATOM   232  O O   . HIS A 1 29  ? 8.513   -5.322  -2.140  1.00 8.08  ? 376 HIS A O   1 
ATOM   233  C CB  . HIS A 1 29  ? 9.740   -4.486  0.419   1.00 11.16 ? 376 HIS A CB  1 
ATOM   234  C CG  . HIS A 1 29  ? 10.145  -4.747  1.838   1.00 11.31 ? 376 HIS A CG  1 
ATOM   235  N ND1 . HIS A 1 29  ? 9.914   -3.845  2.854   1.00 11.55 ? 376 HIS A ND1 1 
ATOM   236  C CD2 . HIS A 1 29  ? 10.690  -5.839  2.418   1.00 13.79 ? 376 HIS A CD2 1 
ATOM   237  C CE1 . HIS A 1 29  ? 10.305  -4.372  4.003   1.00 11.91 ? 376 HIS A CE1 1 
ATOM   238  N NE2 . HIS A 1 29  ? 10.778  -5.584  3.766   1.00 14.62 ? 376 HIS A NE2 1 
ATOM   239  N N   . SER A 1 30  ? 7.189   -3.563  -1.716  1.00 8.92  ? 377 SER A N   1 
ATOM   240  C CA  . SER A 1 30  ? 6.872   -3.350  -3.121  1.00 11.93 ? 377 SER A CA  1 
ATOM   241  C C   . SER A 1 30  ? 7.967   -2.521  -3.765  1.00 14.52 ? 377 SER A C   1 
ATOM   242  O O   . SER A 1 30  ? 8.888   -2.059  -3.097  1.00 16.83 ? 377 SER A O   1 
ATOM   243  C CB  . SER A 1 30  ? 5.568   -2.562  -3.285  1.00 10.13 ? 377 SER A CB  1 
ATOM   244  O OG  . SER A 1 30  ? 5.811   -1.160  -3.337  1.00 8.64  ? 377 SER A OG  1 
ATOM   245  N N   . PRO A 1 31  ? 7.938   -2.427  -5.100  1.00 15.50 ? 378 PRO A N   1 
ATOM   246  C CA  . PRO A 1 31  ? 8.924   -1.626  -5.829  1.00 13.19 ? 378 PRO A CA  1 
ATOM   247  C C   . PRO A 1 31  ? 8.553   -0.156  -5.617  1.00 13.38 ? 378 PRO A C   1 
ATOM   248  O O   . PRO A 1 31  ? 7.384   0.168   -5.378  1.00 11.81 ? 378 PRO A O   1 
ATOM   249  C CB  . PRO A 1 31  ? 8.701   -2.043  -7.284  1.00 12.91 ? 378 PRO A CB  1 
ATOM   250  C CG  . PRO A 1 31  ? 8.130   -3.433  -7.154  1.00 13.44 ? 378 PRO A CG  1 
ATOM   251  C CD  . PRO A 1 31  ? 7.123   -3.205  -6.049  1.00 13.50 ? 378 PRO A CD  1 
ATOM   252  N N   . GLY A 1 32  ? 9.543   0.727   -5.686  1.00 13.08 ? 379 GLY A N   1 
ATOM   253  C CA  . GLY A 1 32  ? 9.251   2.137   -5.536  1.00 11.49 ? 379 GLY A CA  1 
ATOM   254  C C   . GLY A 1 32  ? 8.649   2.592   -6.852  1.00 11.21 ? 379 GLY A C   1 
ATOM   255  O O   . GLY A 1 32  ? 9.003   2.068   -7.897  1.00 13.90 ? 379 GLY A O   1 
ATOM   256  N N   . PHE A 1 33  ? 7.728   3.543   -6.812  1.00 11.76 ? 380 PHE A N   1 
ATOM   257  C CA  . PHE A 1 33  ? 7.101   4.058   -8.023  1.00 14.67 ? 380 PHE A CA  1 
ATOM   258  C C   . PHE A 1 33  ? 6.883   5.566   -7.862  1.00 16.84 ? 380 PHE A C   1 
ATOM   259  O O   . PHE A 1 33  ? 6.890   6.077   -6.741  1.00 17.67 ? 380 PHE A O   1 
ATOM   260  C CB  . PHE A 1 33  ? 5.781   3.315   -8.283  1.00 13.32 ? 380 PHE A CB  1 
ATOM   261  C CG  . PHE A 1 33  ? 4.840   3.306   -7.105  1.00 15.02 ? 380 PHE A CG  1 
ATOM   262  C CD1 . PHE A 1 33  ? 3.810   4.238   -7.001  1.00 15.08 ? 380 PHE A CD1 1 
ATOM   263  C CD2 . PHE A 1 33  ? 4.991   2.364   -6.090  1.00 14.88 ? 380 PHE A CD2 1 
ATOM   264  C CE1 . PHE A 1 33  ? 2.944   4.221   -5.903  1.00 15.25 ? 380 PHE A CE1 1 
ATOM   265  C CE2 . PHE A 1 33  ? 4.130   2.342   -4.994  1.00 13.26 ? 380 PHE A CE2 1 
ATOM   266  C CZ  . PHE A 1 33  ? 3.108   3.272   -4.900  1.00 13.25 ? 380 PHE A CZ  1 
ATOM   267  N N   . TYR A 1 34  ? 6.721   6.276   -8.976  1.00 19.01 ? 381 TYR A N   1 
ATOM   268  C CA  . TYR A 1 34  ? 6.514   7.728   -8.943  1.00 20.31 ? 381 TYR A CA  1 
ATOM   269  C C   . TYR A 1 34  ? 5.061   8.174   -9.048  1.00 20.51 ? 381 TYR A C   1 
ATOM   270  O O   . TYR A 1 34  ? 4.245   7.543   -9.725  1.00 22.62 ? 381 TYR A O   1 
ATOM   271  C CB  . TYR A 1 34  ? 7.317   8.435   -10.054 1.00 19.91 ? 381 TYR A CB  1 
ATOM   272  C CG  . TYR A 1 34  ? 8.804   8.534   -9.784  1.00 20.28 ? 381 TYR A CG  1 
ATOM   273  C CD1 . TYR A 1 34  ? 9.685   7.522   -10.177 1.00 18.41 ? 381 TYR A CD1 1 
ATOM   274  C CD2 . TYR A 1 34  ? 9.316   9.597   -9.040  1.00 18.49 ? 381 TYR A CD2 1 
ATOM   275  C CE1 . TYR A 1 34  ? 11.040  7.568   -9.827  1.00 16.13 ? 381 TYR A CE1 1 
ATOM   276  C CE2 . TYR A 1 34  ? 10.661  9.649   -8.686  1.00 18.26 ? 381 TYR A CE2 1 
ATOM   277  C CZ  . TYR A 1 34  ? 11.516  8.631   -9.075  1.00 15.84 ? 381 TYR A CZ  1 
ATOM   278  O OH  . TYR A 1 34  ? 12.836  8.670   -8.673  1.00 17.74 ? 381 TYR A OH  1 
ATOM   279  N N   . THR A 1 35  ? 4.750   9.277   -8.376  1.00 19.86 ? 382 THR A N   1 
ATOM   280  C CA  . THR A 1 35  ? 3.406   9.839   -8.402  1.00 19.87 ? 382 THR A CA  1 
ATOM   281  C C   . THR A 1 35  ? 3.208   10.526  -9.750  1.00 19.24 ? 382 THR A C   1 
ATOM   282  O O   . THR A 1 35  ? 2.128   11.007  -10.069 1.00 20.03 ? 382 THR A O   1 
ATOM   283  C CB  . THR A 1 35  ? 3.220   10.876  -7.274  1.00 18.87 ? 382 THR A CB  1 
ATOM   284  O OG1 . THR A 1 35  ? 4.196   11.918  -7.412  1.00 20.19 ? 382 THR A OG1 1 
ATOM   285  C CG2 . THR A 1 35  ? 3.387   10.218  -5.917  1.00 17.75 ? 382 THR A CG2 1 
ATOM   286  N N   . GLY A 1 36  ? 4.271   10.559  -10.536 1.00 21.95 ? 383 GLY A N   1 
ATOM   287  C CA  . GLY A 1 36  ? 4.217   11.186  -11.841 1.00 27.30 ? 383 GLY A CA  1 
ATOM   288  C C   . GLY A 1 36  ? 5.637   11.531  -12.212 1.00 29.45 ? 383 GLY A C   1 
ATOM   289  O O   . GLY A 1 36  ? 6.479   11.613  -11.317 1.00 28.22 ? 383 GLY A O   1 
ATOM   290  N N   . LYS A 1 37  ? 5.910   11.714  -13.507 1.00 32.78 ? 384 LYS A N   1 
ATOM   291  C CA  . LYS A 1 37  ? 7.259   12.047  -13.958 1.00 34.39 ? 384 LYS A CA  1 
ATOM   292  C C   . LYS A 1 37  ? 7.761   13.160  -13.050 1.00 34.60 ? 384 LYS A C   1 
ATOM   293  O O   . LYS A 1 37  ? 8.558   12.903  -12.145 1.00 38.30 ? 384 LYS A O   1 
ATOM   294  C CB  . LYS A 1 37  ? 7.263   12.480  -15.427 1.00 35.21 ? 384 LYS A CB  1 
ATOM   295  C CG  . LYS A 1 37  ? 6.928   11.375  -16.442 1.00 39.42 ? 384 LYS A CG  1 
ATOM   296  C CD  . LYS A 1 37  ? 7.935   10.206  -16.439 1.00 40.85 ? 384 LYS A CD  1 
ATOM   297  C CE  . LYS A 1 37  ? 7.617   9.156   -15.376 1.00 42.16 ? 384 LYS A CE  1 
ATOM   298  N NZ  . LYS A 1 37  ? 8.608   8.041   -15.339 1.00 39.58 ? 384 LYS A NZ  1 
ATOM   299  N N   . PRO A 1 38  ? 7.366   14.417  -13.299 1.00 32.03 ? 385 PRO A N   1 
ATOM   300  C CA  . PRO A 1 38  ? 7.932   15.331  -12.303 1.00 28.63 ? 385 PRO A CA  1 
ATOM   301  C C   . PRO A 1 38  ? 7.110   15.080  -11.034 1.00 26.15 ? 385 PRO A C   1 
ATOM   302  O O   . PRO A 1 38  ? 6.099   15.733  -10.810 1.00 28.24 ? 385 PRO A O   1 
ATOM   303  C CB  . PRO A 1 38  ? 7.696   16.705  -12.928 1.00 26.96 ? 385 PRO A CB  1 
ATOM   304  C CG  . PRO A 1 38  ? 6.396   16.498  -13.671 1.00 30.48 ? 385 PRO A CG  1 
ATOM   305  C CD  . PRO A 1 38  ? 6.600   15.146  -14.328 1.00 28.90 ? 385 PRO A CD  1 
ATOM   306  N N   . GLY A 1 39  ? 7.528   14.108  -10.226 1.00 21.60 ? 386 GLY A N   1 
ATOM   307  C CA  . GLY A 1 39  ? 6.780   13.799  -9.023  1.00 17.56 ? 386 GLY A CA  1 
ATOM   308  C C   . GLY A 1 39  ? 7.539   13.081  -7.927  1.00 16.20 ? 386 GLY A C   1 
ATOM   309  O O   . GLY A 1 39  ? 8.749   12.894  -8.011  1.00 14.53 ? 386 GLY A O   1 
ATOM   310  N N   . TYR A 1 40  ? 6.805   12.675  -6.890  1.00 16.68 ? 387 TYR A N   1 
ATOM   311  C CA  . TYR A 1 40  ? 7.374   11.985  -5.732  1.00 12.91 ? 387 TYR A CA  1 
ATOM   312  C C   . TYR A 1 40  ? 7.454   10.461  -5.900  1.00 12.60 ? 387 TYR A C   1 
ATOM   313  O O   . TYR A 1 40  ? 6.638   9.852   -6.598  1.00 10.47 ? 387 TYR A O   1 
ATOM   314  C CB  . TYR A 1 40  ? 6.560   12.314  -4.471  1.00 11.04 ? 387 TYR A CB  1 
ATOM   315  C CG  . TYR A 1 40  ? 6.353   13.794  -4.223  1.00 8.09  ? 387 TYR A CG  1 
ATOM   316  C CD1 . TYR A 1 40  ? 5.450   14.523  -4.990  1.00 7.39  ? 387 TYR A CD1 1 
ATOM   317  C CD2 . TYR A 1 40  ? 7.086   14.475  -3.242  1.00 8.24  ? 387 TYR A CD2 1 
ATOM   318  C CE1 . TYR A 1 40  ? 5.267   15.891  -4.797  1.00 2.98  ? 387 TYR A CE1 1 
ATOM   319  C CE2 . TYR A 1 40  ? 6.910   15.856  -3.040  1.00 7.60  ? 387 TYR A CE2 1 
ATOM   320  C CZ  . TYR A 1 40  ? 5.995   16.549  -3.831  1.00 6.21  ? 387 TYR A CZ  1 
ATOM   321  O OH  . TYR A 1 40  ? 5.790   17.893  -3.662  1.00 2.49  ? 387 TYR A OH  1 
ATOM   322  N N   . LYS A 1 41  ? 8.447   9.863   -5.247  1.00 10.53 ? 388 LYS A N   1 
ATOM   323  C CA  . LYS A 1 41  ? 8.673   8.422   -5.294  1.00 14.79 ? 388 LYS A CA  1 
ATOM   324  C C   . LYS A 1 41  ? 8.202   7.757   -3.995  1.00 14.37 ? 388 LYS A C   1 
ATOM   325  O O   . LYS A 1 41  ? 8.640   8.122   -2.900  1.00 11.69 ? 388 LYS A O   1 
ATOM   326  C CB  . LYS A 1 41  ? 10.161  8.131   -5.502  1.00 14.80 ? 388 LYS A CB  1 
ATOM   327  C CG  . LYS A 1 41  ? 10.469  6.672   -5.772  1.00 15.67 ? 388 LYS A CG  1 
ATOM   328  C CD  . LYS A 1 41  ? 11.954  6.479   -5.976  1.00 18.19 ? 388 LYS A CD  1 
ATOM   329  C CE  . LYS A 1 41  ? 12.279  5.062   -6.366  1.00 16.62 ? 388 LYS A CE  1 
ATOM   330  N NZ  . LYS A 1 41  ? 13.746  4.922   -6.569  1.00 19.90 ? 388 LYS A NZ  1 
ATOM   331  N N   . LEU A 1 42  ? 7.324   6.768   -4.136  1.00 13.86 ? 389 LEU A N   1 
ATOM   332  C CA  . LEU A 1 42  ? 6.757   6.053   -2.998  1.00 10.84 ? 389 LEU A CA  1 
ATOM   333  C C   . LEU A 1 42  ? 6.875   4.540   -3.165  1.00 12.00 ? 389 LEU A C   1 
ATOM   334  O O   . LEU A 1 42  ? 7.089   4.032   -4.266  1.00 12.89 ? 389 LEU A O   1 
ATOM   335  C CB  . LEU A 1 42  ? 5.280   6.402   -2.875  1.00 11.11 ? 389 LEU A CB  1 
ATOM   336  C CG  . LEU A 1 42  ? 4.939   7.884   -2.813  1.00 12.11 ? 389 LEU A CG  1 
ATOM   337  C CD1 . LEU A 1 42  ? 3.465   8.076   -3.044  1.00 13.43 ? 389 LEU A CD1 1 
ATOM   338  C CD2 . LEU A 1 42  ? 5.370   8.447   -1.474  1.00 17.51 ? 389 LEU A CD2 1 
ATOM   339  N N   . CYS A 1 43  ? 6.717   3.818   -2.064  1.00 11.86 ? 390 CYS A N   1 
ATOM   340  C CA  . CYS A 1 43  ? 6.761   2.363   -2.103  1.00 12.20 ? 390 CYS A CA  1 
ATOM   341  C C   . CYS A 1 43  ? 5.771   1.891   -1.036  1.00 11.62 ? 390 CYS A C   1 
ATOM   342  O O   . CYS A 1 43  ? 5.344   2.686   -0.201  1.00 10.02 ? 390 CYS A O   1 
ATOM   343  C CB  . CYS A 1 43  ? 8.176   1.851   -1.798  1.00 13.87 ? 390 CYS A CB  1 
ATOM   344  S SG  . CYS A 1 43  ? 8.684   1.917   -0.061  1.00 15.47 ? 390 CYS A SG  1 
ATOM   345  N N   . MET A 1 44  ? 5.379   0.620   -1.072  1.00 11.04 ? 391 MET A N   1 
ATOM   346  C CA  . MET A 1 44  ? 4.446   0.101   -0.073  1.00 7.98  ? 391 MET A CA  1 
ATOM   347  C C   . MET A 1 44  ? 5.047   -1.045  0.718   1.00 7.38  ? 391 MET A C   1 
ATOM   348  O O   . MET A 1 44  ? 5.987   -1.692  0.278   1.00 5.95  ? 391 MET A O   1 
ATOM   349  C CB  . MET A 1 44  ? 3.149   -0.390  -0.728  1.00 8.54  ? 391 MET A CB  1 
ATOM   350  C CG  . MET A 1 44  ? 2.198   0.709   -1.191  1.00 13.56 ? 391 MET A CG  1 
ATOM   351  S SD  . MET A 1 44  ? 0.708   0.096   -2.059  1.00 11.38 ? 391 MET A SD  1 
ATOM   352  C CE  . MET A 1 44  ? 1.298   0.062   -3.793  1.00 11.34 ? 391 MET A CE  1 
ATOM   353  N N   . ARG A 1 45  ? 4.507   -1.268  1.908   1.00 5.62  ? 392 ARG A N   1 
ATOM   354  C CA  . ARG A 1 45  ? 4.933   -2.366  2.756   1.00 7.87  ? 392 ARG A CA  1 
ATOM   355  C C   . ARG A 1 45  ? 3.641   -3.027  3.183   1.00 4.87  ? 392 ARG A C   1 
ATOM   356  O O   . ARG A 1 45  ? 2.695   -2.354  3.592   1.00 2.49  ? 392 ARG A O   1 
ATOM   357  C CB  . ARG A 1 45  ? 5.706   -1.872  3.986   1.00 10.40 ? 392 ARG A CB  1 
ATOM   358  C CG  . ARG A 1 45  ? 7.191   -1.618  3.753   1.00 21.20 ? 392 ARG A CG  1 
ATOM   359  C CD  . ARG A 1 45  ? 7.826   -0.786  4.892   1.00 28.94 ? 392 ARG A CD  1 
ATOM   360  N NE  . ARG A 1 45  ? 7.494   -1.279  6.231   1.00 35.61 ? 392 ARG A NE  1 
ATOM   361  C CZ  . ARG A 1 45  ? 6.795   -0.586  7.130   1.00 38.59 ? 392 ARG A CZ  1 
ATOM   362  N NH1 . ARG A 1 45  ? 6.353   0.629   6.841   1.00 39.77 ? 392 ARG A NH1 1 
ATOM   363  N NH2 . ARG A 1 45  ? 6.532   -1.106  8.321   1.00 40.05 ? 392 ARG A NH2 1 
ATOM   364  N N   . LEU A 1 46  ? 3.588   -4.343  3.045   1.00 2.70  ? 393 LEU A N   1 
ATOM   365  C CA  . LEU A 1 46  ? 2.405   -5.085  3.433   1.00 4.79  ? 393 LEU A CA  1 
ATOM   366  C C   . LEU A 1 46  ? 2.774   -6.043  4.558   1.00 4.29  ? 393 LEU A C   1 
ATOM   367  O O   . LEU A 1 46  ? 3.841   -6.635  4.530   1.00 6.25  ? 393 LEU A O   1 
ATOM   368  C CB  . LEU A 1 46  ? 1.844   -5.848  2.228   1.00 3.58  ? 393 LEU A CB  1 
ATOM   369  C CG  . LEU A 1 46  ? 0.666   -6.768  2.564   1.00 5.95  ? 393 LEU A CG  1 
ATOM   370  C CD1 . LEU A 1 46  ? -0.261  -6.917  1.389   1.00 10.31 ? 393 LEU A CD1 1 
ATOM   371  C CD2 . LEU A 1 46  ? 1.197   -8.110  3.015   1.00 6.66  ? 393 LEU A CD2 1 
ATOM   372  N N   . HIS A 1 47  ? 1.909   -6.193  5.553   1.00 7.70  ? 394 HIS A N   1 
ATOM   373  C CA  . HIS A 1 47  ? 2.208   -7.109  6.654   1.00 10.81 ? 394 HIS A CA  1 
ATOM   374  C C   . HIS A 1 47  ? 1.065   -8.087  6.911   1.00 10.81 ? 394 HIS A C   1 
ATOM   375  O O   . HIS A 1 47  ? -0.105  -7.738  6.776   1.00 12.88 ? 394 HIS A O   1 
ATOM   376  C CB  . HIS A 1 47  ? 2.458   -6.339  7.956   1.00 12.54 ? 394 HIS A CB  1 
ATOM   377  C CG  . HIS A 1 47  ? 3.605   -5.373  7.896   1.00 18.89 ? 394 HIS A CG  1 
ATOM   378  N ND1 . HIS A 1 47  ? 4.857   -5.667  8.388   1.00 20.48 ? 394 HIS A ND1 1 
ATOM   379  C CD2 . HIS A 1 47  ? 3.682   -4.118  7.396   1.00 16.40 ? 394 HIS A CD2 1 
ATOM   380  C CE1 . HIS A 1 47  ? 5.659   -4.635  8.197   1.00 17.89 ? 394 HIS A CE1 1 
ATOM   381  N NE2 . HIS A 1 47  ? 4.967   -3.680  7.594   1.00 17.46 ? 394 HIS A NE2 1 
ATOM   382  N N   . LEU A 1 48  ? 1.408   -9.315  7.277   1.00 9.91  ? 395 LEU A N   1 
ATOM   383  C CA  . LEU A 1 48  ? 0.402   -10.303 7.631   1.00 9.49  ? 395 LEU A CA  1 
ATOM   384  C C   . LEU A 1 48  ? 0.667   -10.606 9.105   1.00 11.13 ? 395 LEU A C   1 
ATOM   385  O O   . LEU A 1 48  ? 1.526   -11.428 9.430   1.00 15.24 ? 395 LEU A O   1 
ATOM   386  C CB  . LEU A 1 48  ? 0.563   -11.587 6.827   1.00 8.25  ? 395 LEU A CB  1 
ATOM   387  C CG  . LEU A 1 48  ? 0.565   -11.526 5.306   1.00 6.59  ? 395 LEU A CG  1 
ATOM   388  C CD1 . LEU A 1 48  ? 0.704   -12.955 4.795   1.00 7.34  ? 395 LEU A CD1 1 
ATOM   389  C CD2 . LEU A 1 48  ? -0.699  -10.848 4.778   1.00 2.54  ? 395 LEU A CD2 1 
ATOM   390  N N   . GLN A 1 49  ? -0.063  -9.931  9.987   1.00 10.24 ? 396 GLN A N   1 
ATOM   391  C CA  . GLN A 1 49  ? 0.083   -10.095 11.431  1.00 9.63  ? 396 GLN A CA  1 
ATOM   392  C C   . GLN A 1 49  ? -0.164  -11.532 11.927  1.00 11.38 ? 396 GLN A C   1 
ATOM   393  O O   . GLN A 1 49  ? -1.128  -12.185 11.522  1.00 11.52 ? 396 GLN A O   1 
ATOM   394  C CB  . GLN A 1 49  ? -0.872  -9.135  12.147  1.00 7.28  ? 396 GLN A CB  1 
ATOM   395  C CG  . GLN A 1 49  ? -0.793  -7.667  11.693  1.00 7.65  ? 396 GLN A CG  1 
ATOM   396  C CD  . GLN A 1 49  ? 0.552   -6.983  11.995  1.00 11.15 ? 396 GLN A CD  1 
ATOM   397  O OE1 . GLN A 1 49  ? 1.491   -7.596  12.521  1.00 7.18  ? 396 GLN A OE1 1 
ATOM   398  N NE2 . GLN A 1 49  ? 0.642   -5.700  11.651  1.00 11.25 ? 396 GLN A NE2 1 
ATOM   399  N N   . LEU A 1 50  ? 0.711   -12.013 12.806  1.00 11.38 ? 397 LEU A N   1 
ATOM   400  C CA  . LEU A 1 50  ? 0.590   -13.358 13.369  1.00 13.95 ? 397 LEU A CA  1 
ATOM   401  C C   . LEU A 1 50  ? -0.745  -13.572 14.065  1.00 14.38 ? 397 LEU A C   1 
ATOM   402  O O   . LEU A 1 50  ? -1.455  -12.622 14.372  1.00 15.37 ? 397 LEU A O   1 
ATOM   403  C CB  . LEU A 1 50  ? 1.704   -13.634 14.393  1.00 14.20 ? 397 LEU A CB  1 
ATOM   404  C CG  . LEU A 1 50  ? 3.130   -13.773 13.858  1.00 15.16 ? 397 LEU A CG  1 
ATOM   405  C CD1 . LEU A 1 50  ? 3.205   -14.939 12.887  1.00 15.69 ? 397 LEU A CD1 1 
ATOM   406  C CD2 . LEU A 1 50  ? 3.524   -12.491 13.159  1.00 17.68 ? 397 LEU A CD2 1 
ATOM   407  N N   . PRO A 1 51  ? -1.157  -14.837 14.206  1.00 15.56 ? 398 PRO A N   1 
ATOM   408  C CA  . PRO A 1 51  ? -2.407  -15.207 14.877  1.00 17.58 ? 398 PRO A CA  1 
ATOM   409  C C   . PRO A 1 51  ? -2.283  -15.023 16.392  1.00 19.91 ? 398 PRO A C   1 
ATOM   410  O O   . PRO A 1 51  ? -3.285  -14.969 17.106  1.00 19.16 ? 398 PRO A O   1 
ATOM   411  C CB  . PRO A 1 51  ? -2.562  -16.680 14.528  1.00 17.56 ? 398 PRO A CB  1 
ATOM   412  C CG  . PRO A 1 51  ? -1.824  -16.795 13.237  1.00 17.44 ? 398 PRO A CG  1 
ATOM   413  C CD  . PRO A 1 51  ? -0.580  -16.018 13.550  1.00 17.05 ? 398 PRO A CD  1 
ATOM   414  N N   . THR A 1 52  ? -1.041  -14.929 16.864  1.00 20.57 ? 399 THR A N   1 
ATOM   415  C CA  . THR A 1 52  ? -0.753  -14.775 18.282  1.00 22.67 ? 399 THR A CA  1 
ATOM   416  C C   . THR A 1 52  ? -0.495  -13.343 18.685  1.00 23.87 ? 399 THR A C   1 
ATOM   417  O O   . THR A 1 52  ? -0.126  -13.076 19.827  1.00 21.67 ? 399 THR A O   1 
ATOM   418  C CB  . THR A 1 52  ? 0.489   -15.545 18.674  1.00 24.33 ? 399 THR A CB  1 
ATOM   419  O OG1 . THR A 1 52  ? 1.588   -15.086 17.874  1.00 27.05 ? 399 THR A OG1 1 
ATOM   420  C CG2 . THR A 1 52  ? 0.281   -17.034 18.476  1.00 24.01 ? 399 THR A CG2 1 
ATOM   421  N N   . ALA A 1 53  ? -0.650  -12.418 17.751  1.00 25.27 ? 400 ALA A N   1 
ATOM   422  C CA  . ALA A 1 53  ? -0.415  -11.028 18.088  1.00 29.30 ? 400 ALA A CA  1 
ATOM   423  C C   . ALA A 1 53  ? -1.443  -10.601 19.126  1.00 30.30 ? 400 ALA A C   1 
ATOM   424  O O   . ALA A 1 53  ? -2.614  -10.962 19.028  1.00 31.88 ? 400 ALA A O   1 
ATOM   425  C CB  . ALA A 1 53  ? -0.523  -10.159 16.846  1.00 29.76 ? 400 ALA A CB  1 
ATOM   426  N N   . GLN A 1 54  ? -1.000  -9.844  20.127  1.00 32.47 ? 401 GLN A N   1 
ATOM   427  C CA  . GLN A 1 54  ? -1.904  -9.365  21.162  1.00 32.60 ? 401 GLN A CA  1 
ATOM   428  C C   . GLN A 1 54  ? -3.001  -8.505  20.537  1.00 31.37 ? 401 GLN A C   1 
ATOM   429  O O   . GLN A 1 54  ? -4.174  -8.635  20.887  1.00 30.15 ? 401 GLN A O   1 
ATOM   430  C CB  . GLN A 1 54  ? -1.140  -8.551  22.210  1.00 36.32 ? 401 GLN A CB  1 
ATOM   431  C CG  . GLN A 1 54  ? -2.033  -8.024  23.321  1.00 39.84 ? 401 GLN A CG  1 
ATOM   432  C CD  . GLN A 1 54  ? -1.263  -7.354  24.439  1.00 43.42 ? 401 GLN A CD  1 
ATOM   433  O OE1 . GLN A 1 54  ? -1.845  -6.943  25.441  1.00 44.06 ? 401 GLN A OE1 1 
ATOM   434  N NE2 . GLN A 1 54  ? 0.051   -7.240  24.275  1.00 44.02 ? 401 GLN A NE2 1 
ATOM   435  N N   . ARG A 1 55  ? -2.614  -7.623  19.616  1.00 28.82 ? 402 ARG A N   1 
ATOM   436  C CA  . ARG A 1 55  ? -3.574  -6.760  18.933  1.00 26.43 ? 402 ARG A CA  1 
ATOM   437  C C   . ARG A 1 55  ? -3.408  -6.916  17.422  1.00 24.92 ? 402 ARG A C   1 
ATOM   438  O O   . ARG A 1 55  ? -2.327  -7.253  16.934  1.00 23.18 ? 402 ARG A O   1 
ATOM   439  C CB  . ARG A 1 55  ? -3.343  -5.289  19.300  1.00 27.22 ? 402 ARG A CB  1 
ATOM   440  C CG  . ARG A 1 55  ? -3.241  -5.030  20.785  1.00 25.58 ? 402 ARG A CG  1 
ATOM   441  C CD  . ARG A 1 55  ? -2.030  -4.155  21.090  1.00 24.09 ? 402 ARG A CD  1 
ATOM   442  N NE  . ARG A 1 55  ? -2.300  -2.731  20.949  1.00 21.71 ? 402 ARG A NE  1 
ATOM   443  C CZ  . ARG A 1 55  ? -1.362  -1.786  20.945  1.00 17.28 ? 402 ARG A CZ  1 
ATOM   444  N NH1 . ARG A 1 55  ? -0.083  -2.113  21.071  1.00 12.00 ? 402 ARG A NH1 1 
ATOM   445  N NH2 . ARG A 1 55  ? -1.711  -0.509  20.842  1.00 12.72 ? 402 ARG A NH2 1 
ATOM   446  N N   . CYS A 1 56  ? -4.487  -6.667  16.688  1.00 24.44 ? 403 CYS A N   1 
ATOM   447  C CA  . CYS A 1 56  ? -4.468  -6.750  15.231  1.00 24.11 ? 403 CYS A CA  1 
ATOM   448  C C   . CYS A 1 56  ? -3.987  -8.110  14.723  1.00 23.75 ? 403 CYS A C   1 
ATOM   449  O O   . CYS A 1 56  ? -3.100  -8.190  13.881  1.00 26.78 ? 403 CYS A O   1 
ATOM   450  C CB  . CYS A 1 56  ? -3.575  -5.637  14.671  1.00 25.14 ? 403 CYS A CB  1 
ATOM   451  S SG  . CYS A 1 56  ? -3.953  -3.981  15.328  1.00 23.65 ? 403 CYS A SG  1 
ATOM   452  N N   . ALA A 1 57  ? -4.578  -9.181  15.236  1.00 23.45 ? 404 ALA A N   1 
ATOM   453  C CA  . ALA A 1 57  ? -4.203  -10.525 14.817  1.00 23.89 ? 404 ALA A CA  1 
ATOM   454  C C   . ALA A 1 57  ? -4.896  -10.894 13.504  1.00 22.47 ? 404 ALA A C   1 
ATOM   455  O O   . ALA A 1 57  ? -6.034  -10.484 13.257  1.00 22.14 ? 404 ALA A O   1 
ATOM   456  C CB  . ALA A 1 57  ? -4.574  -11.535 15.912  1.00 25.84 ? 404 ALA A CB  1 
ATOM   457  N N   . ASN A 1 58  ? -4.191  -11.655 12.666  1.00 21.71 ? 405 ASN A N   1 
ATOM   458  C CA  . ASN A 1 58  ? -4.708  -12.118 11.371  1.00 18.13 ? 405 ASN A CA  1 
ATOM   459  C C   . ASN A 1 58  ? -5.224  -11.005 10.460  1.00 15.10 ? 405 ASN A C   1 
ATOM   460  O O   . ASN A 1 58  ? -6.083  -11.223 9.616   1.00 13.16 ? 405 ASN A O   1 
ATOM   461  C CB  . ASN A 1 58  ? -5.806  -13.157 11.592  1.00 18.54 ? 405 ASN A CB  1 
ATOM   462  C CG  . ASN A 1 58  ? -5.381  -14.240 12.562  1.00 20.74 ? 405 ASN A CG  1 
ATOM   463  O OD1 . ASN A 1 58  ? -4.349  -14.890 12.371  1.00 22.43 ? 405 ASN A OD1 1 
ATOM   464  N ND2 . ASN A 1 58  ? -6.168  -14.434 13.614  1.00 17.67 ? 405 ASN A ND2 1 
ATOM   465  N N   . TYR A 1 59  ? -4.687  -9.809  10.651  1.00 12.69 ? 406 TYR A N   1 
ATOM   466  C CA  . TYR A 1 59  ? -5.049  -8.677  9.834   1.00 8.79  ? 406 TYR A CA  1 
ATOM   467  C C   . TYR A 1 59  ? -3.935  -8.403  8.854   1.00 9.38  ? 406 TYR A C   1 
ATOM   468  O O   . TYR A 1 59  ? -2.781  -8.715  9.115   1.00 10.20 ? 406 TYR A O   1 
ATOM   469  C CB  . TYR A 1 59  ? -5.248  -7.419  10.675  1.00 7.66  ? 406 TYR A CB  1 
ATOM   470  C CG  . TYR A 1 59  ? -6.665  -7.178  11.130  1.00 7.59  ? 406 TYR A CG  1 
ATOM   471  C CD1 . TYR A 1 59  ? -7.120  -7.629  12.371  1.00 9.42  ? 406 TYR A CD1 1 
ATOM   472  C CD2 . TYR A 1 59  ? -7.550  -6.474  10.317  1.00 6.42  ? 406 TYR A CD2 1 
ATOM   473  C CE1 . TYR A 1 59  ? -8.427  -7.383  12.787  1.00 8.69  ? 406 TYR A CE1 1 
ATOM   474  C CE2 . TYR A 1 59  ? -8.852  -6.223  10.715  1.00 8.16  ? 406 TYR A CE2 1 
ATOM   475  C CZ  . TYR A 1 59  ? -9.286  -6.674  11.953  1.00 10.51 ? 406 TYR A CZ  1 
ATOM   476  O OH  . TYR A 1 59  ? -10.582 -6.421  12.348  1.00 11.61 ? 406 TYR A OH  1 
ATOM   477  N N   . ILE A 1 60  ? -4.299  -7.830  7.715   1.00 7.86  ? 407 ILE A N   1 
ATOM   478  C CA  . ILE A 1 60  ? -3.340  -7.440  6.704   1.00 7.92  ? 407 ILE A CA  1 
ATOM   479  C C   . ILE A 1 60  ? -3.064  -5.966  6.988   1.00 9.90  ? 407 ILE A C   1 
ATOM   480  O O   . ILE A 1 60  ? -3.996  -5.185  7.203   1.00 11.11 ? 407 ILE A O   1 
ATOM   481  C CB  . ILE A 1 60  ? -3.929  -7.550  5.284   1.00 7.41  ? 407 ILE A CB  1 
ATOM   482  C CG1 . ILE A 1 60  ? -4.141  -9.010  4.907   1.00 7.45  ? 407 ILE A CG1 1 
ATOM   483  C CG2 . ILE A 1 60  ? -3.029  -6.860  4.295   1.00 7.68  ? 407 ILE A CG2 1 
ATOM   484  C CD1 . ILE A 1 60  ? -4.658  -9.192  3.514   1.00 5.03  ? 407 ILE A CD1 1 
ATOM   485  N N   . SER A 1 61  ? -1.788  -5.593  6.997   1.00 8.88  ? 408 SER A N   1 
ATOM   486  C CA  . SER A 1 61  ? -1.383  -4.211  7.242   1.00 8.83  ? 408 SER A CA  1 
ATOM   487  C C   . SER A 1 61  ? -0.765  -3.621  5.977   1.00 10.24 ? 408 SER A C   1 
ATOM   488  O O   . SER A 1 61  ? -0.051  -4.312  5.246   1.00 11.09 ? 408 SER A O   1 
ATOM   489  C CB  . SER A 1 61  ? -0.360  -4.147  8.378   1.00 9.28  ? 408 SER A CB  1 
ATOM   490  O OG  . SER A 1 61  ? -0.905  -4.638  9.586   1.00 7.57  ? 408 SER A OG  1 
ATOM   491  N N   . LEU A 1 62  ? -1.032  -2.343  5.728   1.00 9.29  ? 409 LEU A N   1 
ATOM   492  C CA  . LEU A 1 62  ? -0.506  -1.688  4.543   1.00 9.79  ? 409 LEU A CA  1 
ATOM   493  C C   . LEU A 1 62  ? -0.068  -0.246  4.849   1.00 8.76  ? 409 LEU A C   1 
ATOM   494  O O   . LEU A 1 62  ? -0.870  0.588   5.285   1.00 5.75  ? 409 LEU A O   1 
ATOM   495  C CB  . LEU A 1 62  ? -1.575  -1.693  3.440   1.00 7.98  ? 409 LEU A CB  1 
ATOM   496  C CG  . LEU A 1 62  ? -1.106  -1.595  1.987   1.00 8.72  ? 409 LEU A CG  1 
ATOM   497  C CD1 . LEU A 1 62  ? -2.307  -1.352  1.097   1.00 8.97  ? 409 LEU A CD1 1 
ATOM   498  C CD2 . LEU A 1 62  ? -0.106  -0.473  1.823   1.00 8.11  ? 409 LEU A CD2 1 
ATOM   499  N N   . PHE A 1 63  ? 1.207   0.036   4.605   1.00 6.28  ? 410 PHE A N   1 
ATOM   500  C CA  . PHE A 1 63  ? 1.752   1.362   4.853   1.00 9.09  ? 410 PHE A CA  1 
ATOM   501  C C   . PHE A 1 63  ? 2.421   1.943   3.613   1.00 11.17 ? 410 PHE A C   1 
ATOM   502  O O   . PHE A 1 63  ? 2.949   1.219   2.769   1.00 10.22 ? 410 PHE A O   1 
ATOM   503  C CB  . PHE A 1 63  ? 2.775   1.320   5.998   1.00 6.88  ? 410 PHE A CB  1 
ATOM   504  C CG  . PHE A 1 63  ? 2.253   0.692   7.250   1.00 6.05  ? 410 PHE A CG  1 
ATOM   505  C CD1 . PHE A 1 63  ? 2.579   -0.618  7.573   1.00 9.00  ? 410 PHE A CD1 1 
ATOM   506  C CD2 . PHE A 1 63  ? 1.405   1.401   8.094   1.00 5.97  ? 410 PHE A CD2 1 
ATOM   507  C CE1 . PHE A 1 63  ? 2.065   -1.220  8.720   1.00 6.47  ? 410 PHE A CE1 1 
ATOM   508  C CE2 . PHE A 1 63  ? 0.884   0.811   9.239   1.00 5.75  ? 410 PHE A CE2 1 
ATOM   509  C CZ  . PHE A 1 63  ? 1.218   -0.502  9.554   1.00 6.58  ? 410 PHE A CZ  1 
ATOM   510  N N   . VAL A 1 64  ? 2.391   3.262   3.511   1.00 13.47 ? 411 VAL A N   1 
ATOM   511  C CA  . VAL A 1 64  ? 3.013   3.933   2.391   1.00 18.06 ? 411 VAL A CA  1 
ATOM   512  C C   . VAL A 1 64  ? 4.295   4.615   2.864   1.00 18.67 ? 411 VAL A C   1 
ATOM   513  O O   . VAL A 1 64  ? 4.357   5.142   3.978   1.00 15.09 ? 411 VAL A O   1 
ATOM   514  C CB  . VAL A 1 64  ? 2.057   4.958   1.774   1.00 18.14 ? 411 VAL A CB  1 
ATOM   515  C CG1 . VAL A 1 64  ? 2.769   5.730   0.675   1.00 20.71 ? 411 VAL A CG1 1 
ATOM   516  C CG2 . VAL A 1 64  ? 0.836   4.235   1.217   1.00 17.31 ? 411 VAL A CG2 1 
ATOM   517  N N   . HIS A 1 65  ? 5.312   4.578   2.006   1.00 21.26 ? 412 HIS A N   1 
ATOM   518  C CA  . HIS A 1 65  ? 6.626   5.159   2.287   1.00 23.97 ? 412 HIS A CA  1 
ATOM   519  C C   . HIS A 1 65  ? 7.126   6.125   1.228   1.00 22.87 ? 412 HIS A C   1 
ATOM   520  O O   . HIS A 1 65  ? 6.799   6.012   0.055   1.00 22.64 ? 412 HIS A O   1 
ATOM   521  C CB  . HIS A 1 65  ? 7.686   4.065   2.409   1.00 27.04 ? 412 HIS A CB  1 
ATOM   522  C CG  . HIS A 1 65  ? 8.081   3.750   3.815   1.00 29.83 ? 412 HIS A CG  1 
ATOM   523  N ND1 . HIS A 1 65  ? 7.289   3.027   4.675   1.00 30.05 ? 412 HIS A ND1 1 
ATOM   524  C CD2 . HIS A 1 65  ? 9.201   4.072   4.508   1.00 33.16 ? 412 HIS A CD2 1 
ATOM   525  C CE1 . HIS A 1 65  ? 7.900   2.911   5.841   1.00 32.65 ? 412 HIS A CE1 1 
ATOM   526  N NE2 . HIS A 1 65  ? 9.061   3.537   5.767   1.00 35.71 ? 412 HIS A NE2 1 
ATOM   527  N N   . THR A 1 66  ? 7.957   7.063   1.656   1.00 23.55 ? 413 THR A N   1 
ATOM   528  C CA  . THR A 1 66  ? 8.550   8.023   0.745   1.00 24.46 ? 413 THR A CA  1 
ATOM   529  C C   . THR A 1 66  ? 10.006  7.616   0.515   1.00 23.12 ? 413 THR A C   1 
ATOM   530  O O   . THR A 1 66  ? 10.733  7.334   1.462   1.00 24.63 ? 413 THR A O   1 
ATOM   531  C CB  . THR A 1 66  ? 8.491   9.457   1.334   1.00 25.52 ? 413 THR A CB  1 
ATOM   532  O OG1 . THR A 1 66  ? 7.143   9.941   1.297   1.00 29.16 ? 413 THR A OG1 1 
ATOM   533  C CG2 . THR A 1 66  ? 9.374   10.392  0.555   1.00 27.55 ? 413 THR A CG2 1 
ATOM   534  N N   . MET A 1 67  ? 10.423  7.561   -0.745  1.00 23.94 ? 414 MET A N   1 
ATOM   535  C CA  . MET A 1 67  ? 11.801  7.208   -1.080  1.00 22.42 ? 414 MET A CA  1 
ATOM   536  C C   . MET A 1 67  ? 12.470  8.459   -1.653  1.00 21.50 ? 414 MET A C   1 
ATOM   537  O O   . MET A 1 67  ? 11.803  9.468   -1.894  1.00 20.03 ? 414 MET A O   1 
ATOM   538  C CB  . MET A 1 67  ? 11.835  6.092   -2.134  1.00 21.86 ? 414 MET A CB  1 
ATOM   539  C CG  . MET A 1 67  ? 10.967  4.881   -1.811  1.00 23.95 ? 414 MET A CG  1 
ATOM   540  S SD  . MET A 1 67  ? 11.046  3.547   -3.060  1.00 24.84 ? 414 MET A SD  1 
ATOM   541  C CE  . MET A 1 67  ? 12.320  2.516   -2.394  1.00 23.85 ? 414 MET A CE  1 
ATOM   542  N N   . GLN A 1 68  ? 13.782  8.392   -1.858  1.00 22.18 ? 415 GLN A N   1 
ATOM   543  C CA  . GLN A 1 68  ? 14.525  9.506   -2.435  1.00 23.28 ? 415 GLN A CA  1 
ATOM   544  C C   . GLN A 1 68  ? 14.334  9.473   -3.947  1.00 22.22 ? 415 GLN A C   1 
ATOM   545  O O   . GLN A 1 68  ? 14.605  8.460   -4.591  1.00 25.46 ? 415 GLN A O   1 
ATOM   546  C CB  . GLN A 1 68  ? 16.014  9.400   -2.099  1.00 25.15 ? 415 GLN A CB  1 
ATOM   547  C CG  . GLN A 1 68  ? 16.318  9.379   -0.607  1.00 30.44 ? 415 GLN A CG  1 
ATOM   548  C CD  . GLN A 1 68  ? 17.756  9.781   -0.292  1.00 31.60 ? 415 GLN A CD  1 
ATOM   549  O OE1 . GLN A 1 68  ? 18.127  10.947  -0.424  1.00 32.07 ? 415 GLN A OE1 1 
ATOM   550  N NE2 . GLN A 1 68  ? 18.573  8.812   0.110   1.00 33.83 ? 415 GLN A NE2 1 
ATOM   551  N N   . GLY A 1 69  ? 13.869  10.574  -4.522  1.00 21.27 ? 416 GLY A N   1 
ATOM   552  C CA  . GLY A 1 69  ? 13.639  10.589  -5.954  1.00 19.70 ? 416 GLY A CA  1 
ATOM   553  C C   . GLY A 1 69  ? 14.495  11.529  -6.772  1.00 19.66 ? 416 GLY A C   1 
ATOM   554  O O   . GLY A 1 69  ? 15.099  12.465  -6.254  1.00 17.04 ? 416 GLY A O   1 
ATOM   555  N N   . GLU A 1 70  ? 14.533  11.272  -8.073  1.00 21.88 ? 417 GLU A N   1 
ATOM   556  C CA  . GLU A 1 70  ? 15.305  12.086  -9.000  1.00 24.75 ? 417 GLU A CA  1 
ATOM   557  C C   . GLU A 1 70  ? 14.888  13.564  -9.008  1.00 23.26 ? 417 GLU A C   1 
ATOM   558  O O   . GLU A 1 70  ? 15.710  14.435  -9.285  1.00 23.83 ? 417 GLU A O   1 
ATOM   559  C CB  . GLU A 1 70  ? 15.176  11.509  -10.411 1.00 29.46 ? 417 GLU A CB  1 
ATOM   560  C CG  . GLU A 1 70  ? 15.870  12.311  -11.494 1.00 37.15 ? 417 GLU A CG  1 
ATOM   561  C CD  . GLU A 1 70  ? 15.619  11.745  -12.881 1.00 41.80 ? 417 GLU A CD  1 
ATOM   562  O OE1 . GLU A 1 70  ? 15.892  10.543  -13.083 1.00 44.84 ? 417 GLU A OE1 1 
ATOM   563  O OE2 . GLU A 1 70  ? 15.158  12.497  -13.768 1.00 42.81 ? 417 GLU A OE2 1 
ATOM   564  N N   . TYR A 1 71  ? 13.625  13.851  -8.692  1.00 19.19 ? 418 TYR A N   1 
ATOM   565  C CA  . TYR A 1 71  ? 13.141  15.232  -8.708  1.00 16.34 ? 418 TYR A CA  1 
ATOM   566  C C   . TYR A 1 71  ? 13.003  15.856  -7.324  1.00 14.58 ? 418 TYR A C   1 
ATOM   567  O O   . TYR A 1 71  ? 12.443  16.942  -7.192  1.00 14.73 ? 418 TYR A O   1 
ATOM   568  C CB  . TYR A 1 71  ? 11.777  15.310  -9.414  1.00 15.17 ? 418 TYR A CB  1 
ATOM   569  C CG  . TYR A 1 71  ? 11.653  14.390  -10.605 1.00 12.42 ? 418 TYR A CG  1 
ATOM   570  C CD1 . TYR A 1 71  ? 11.292  13.054  -10.438 1.00 15.12 ? 418 TYR A CD1 1 
ATOM   571  C CD2 . TYR A 1 71  ? 11.985  14.827  -11.883 1.00 12.72 ? 418 TYR A CD2 1 
ATOM   572  C CE1 . TYR A 1 71  ? 11.271  12.174  -11.516 1.00 15.75 ? 418 TYR A CE1 1 
ATOM   573  C CE2 . TYR A 1 71  ? 11.968  13.961  -12.969 1.00 13.93 ? 418 TYR A CE2 1 
ATOM   574  C CZ  . TYR A 1 71  ? 11.615  12.633  -12.781 1.00 17.20 ? 418 TYR A CZ  1 
ATOM   575  O OH  . TYR A 1 71  ? 11.628  11.763  -13.849 1.00 19.19 ? 418 TYR A OH  1 
ATOM   576  N N   . ASP A 1 72  ? 13.514  15.174  -6.302  1.00 13.72 ? 419 ASP A N   1 
ATOM   577  C CA  . ASP A 1 72  ? 13.407  15.656  -4.925  1.00 16.05 ? 419 ASP A CA  1 
ATOM   578  C C   . ASP A 1 72  ? 13.772  17.124  -4.735  1.00 17.30 ? 419 ASP A C   1 
ATOM   579  O O   . ASP A 1 72  ? 13.009  17.883  -4.138  1.00 18.33 ? 419 ASP A O   1 
ATOM   580  C CB  . ASP A 1 72  ? 14.264  14.789  -3.990  1.00 14.79 ? 419 ASP A CB  1 
ATOM   581  C CG  . ASP A 1 72  ? 13.593  13.468  -3.618  1.00 17.14 ? 419 ASP A CG  1 
ATOM   582  O OD1 . ASP A 1 72  ? 12.630  13.054  -4.298  1.00 14.12 ? 419 ASP A OD1 1 
ATOM   583  O OD2 . ASP A 1 72  ? 14.051  12.830  -2.647  1.00 16.43 ? 419 ASP A OD2 1 
ATOM   584  N N   . SER A 1 73  ? 14.925  17.530  -5.256  1.00 17.86 ? 420 SER A N   1 
ATOM   585  C CA  . SER A 1 73  ? 15.373  18.900  -5.090  1.00 18.95 ? 420 SER A CA  1 
ATOM   586  C C   . SER A 1 73  ? 14.537  19.891  -5.873  1.00 17.77 ? 420 SER A C   1 
ATOM   587  O O   . SER A 1 73  ? 14.709  21.098  -5.736  1.00 18.41 ? 420 SER A O   1 
ATOM   588  C CB  . SER A 1 73  ? 16.845  19.034  -5.492  1.00 19.57 ? 420 SER A CB  1 
ATOM   589  O OG  . SER A 1 73  ? 17.020  18.841  -6.881  1.00 24.47 ? 420 SER A OG  1 
ATOM   590  N N   . HIS A 1 74  ? 13.607  19.389  -6.672  1.00 16.92 ? 421 HIS A N   1 
ATOM   591  C CA  . HIS A 1 74  ? 12.783  20.270  -7.486  1.00 16.20 ? 421 HIS A CA  1 
ATOM   592  C C   . HIS A 1 74  ? 11.336  20.381  -7.027  1.00 16.71 ? 421 HIS A C   1 
ATOM   593  O O   . HIS A 1 74  ? 10.580  21.203  -7.543  1.00 17.55 ? 421 HIS A O   1 
ATOM   594  C CB  . HIS A 1 74  ? 12.840  19.800  -8.937  1.00 12.74 ? 421 HIS A CB  1 
ATOM   595  C CG  . HIS A 1 74  ? 14.218  19.837  -9.525  1.00 14.45 ? 421 HIS A CG  1 
ATOM   596  N ND1 . HIS A 1 74  ? 14.809  20.999  -9.974  1.00 12.35 ? 421 HIS A ND1 1 
ATOM   597  C CD2 . HIS A 1 74  ? 15.136  18.859  -9.700  1.00 14.17 ? 421 HIS A CD2 1 
ATOM   598  C CE1 . HIS A 1 74  ? 16.028  20.734  -10.404 1.00 12.57 ? 421 HIS A CE1 1 
ATOM   599  N NE2 . HIS A 1 74  ? 16.253  19.440  -10.247 1.00 14.73 ? 421 HIS A NE2 1 
ATOM   600  N N   . LEU A 1 75  ? 10.954  19.561  -6.059  1.00 18.18 ? 422 LEU A N   1 
ATOM   601  C CA  . LEU A 1 75  ? 9.583   19.559  -5.546  1.00 17.31 ? 422 LEU A CA  1 
ATOM   602  C C   . LEU A 1 75  ? 9.431   20.239  -4.179  1.00 15.40 ? 422 LEU A C   1 
ATOM   603  O O   . LEU A 1 75  ? 10.415  20.458  -3.469  1.00 16.26 ? 422 LEU A O   1 
ATOM   604  C CB  . LEU A 1 75  ? 9.057   18.117  -5.447  1.00 17.19 ? 422 LEU A CB  1 
ATOM   605  C CG  . LEU A 1 75  ? 8.459   17.324  -6.626  1.00 18.72 ? 422 LEU A CG  1 
ATOM   606  C CD1 . LEU A 1 75  ? 8.213   18.226  -7.826  1.00 19.98 ? 422 LEU A CD1 1 
ATOM   607  C CD2 . LEU A 1 75  ? 9.376   16.172  -6.980  1.00 16.14 ? 422 LEU A CD2 1 
ATOM   608  N N   . PRO A 1 76  ? 8.194   20.641  -3.825  1.00 13.14 ? 423 PRO A N   1 
ATOM   609  C CA  . PRO A 1 76  ? 7.922   21.289  -2.539  1.00 13.76 ? 423 PRO A CA  1 
ATOM   610  C C   . PRO A 1 76  ? 7.694   20.217  -1.484  1.00 13.11 ? 423 PRO A C   1 
ATOM   611  O O   . PRO A 1 76  ? 7.109   19.183  -1.786  1.00 15.13 ? 423 PRO A O   1 
ATOM   612  C CB  . PRO A 1 76  ? 6.656   22.079  -2.831  1.00 12.23 ? 423 PRO A CB  1 
ATOM   613  C CG  . PRO A 1 76  ? 5.905   21.105  -3.674  1.00 13.42 ? 423 PRO A CG  1 
ATOM   614  C CD  . PRO A 1 76  ? 6.979   20.643  -4.658  1.00 12.87 ? 423 PRO A CD  1 
ATOM   615  N N   . TRP A 1 77  ? 8.158   20.452  -0.261  1.00 11.68 ? 424 TRP A N   1 
ATOM   616  C CA  . TRP A 1 77  ? 7.966   19.474  0.806   1.00 11.97 ? 424 TRP A CA  1 
ATOM   617  C C   . TRP A 1 77  ? 7.360   20.077  2.060   1.00 13.94 ? 424 TRP A C   1 
ATOM   618  O O   . TRP A 1 77  ? 7.527   21.265  2.325   1.00 18.62 ? 424 TRP A O   1 
ATOM   619  C CB  . TRP A 1 77  ? 9.283   18.797  1.168   1.00 9.58  ? 424 TRP A CB  1 
ATOM   620  C CG  . TRP A 1 77  ? 9.894   18.044  0.038   1.00 7.29  ? 424 TRP A CG  1 
ATOM   621  C CD1 . TRP A 1 77  ? 10.637  18.555  -0.982  1.00 2.76  ? 424 TRP A CD1 1 
ATOM   622  C CD2 . TRP A 1 77  ? 9.803   16.636  -0.192  1.00 5.63  ? 424 TRP A CD2 1 
ATOM   623  N NE1 . TRP A 1 77  ? 11.024  17.548  -1.835  1.00 2.49  ? 424 TRP A NE1 1 
ATOM   624  C CE2 . TRP A 1 77  ? 10.524  16.357  -1.374  1.00 2.49  ? 424 TRP A CE2 1 
ATOM   625  C CE3 . TRP A 1 77  ? 9.182   15.577  0.485   1.00 5.07  ? 424 TRP A CE3 1 
ATOM   626  C CZ2 . TRP A 1 77  ? 10.651  15.064  -1.894  1.00 5.00  ? 424 TRP A CZ2 1 
ATOM   627  C CZ3 . TRP A 1 77  ? 9.305   14.289  -0.032  1.00 7.01  ? 424 TRP A CZ3 1 
ATOM   628  C CH2 . TRP A 1 77  ? 10.035  14.044  -1.213  1.00 3.60  ? 424 TRP A CH2 1 
ATOM   629  N N   . PRO A 1 78  ? 6.654   19.257  2.860   1.00 14.97 ? 425 PRO A N   1 
ATOM   630  C CA  . PRO A 1 78  ? 6.403   17.824  2.643   1.00 14.20 ? 425 PRO A CA  1 
ATOM   631  C C   . PRO A 1 78  ? 5.377   17.516  1.549   1.00 13.88 ? 425 PRO A C   1 
ATOM   632  O O   . PRO A 1 78  ? 4.762   18.420  0.976   1.00 12.09 ? 425 PRO A O   1 
ATOM   633  C CB  . PRO A 1 78  ? 5.944   17.356  4.017   1.00 15.41 ? 425 PRO A CB  1 
ATOM   634  C CG  . PRO A 1 78  ? 5.135   18.529  4.475   1.00 14.79 ? 425 PRO A CG  1 
ATOM   635  C CD  . PRO A 1 78  ? 6.066   19.690  4.140   1.00 14.09 ? 425 PRO A CD  1 
ATOM   636  N N   . PHE A 1 79  ? 5.205   16.228  1.266   1.00 13.37 ? 426 PHE A N   1 
ATOM   637  C CA  . PHE A 1 79  ? 4.256   15.778  0.254   1.00 13.62 ? 426 PHE A CA  1 
ATOM   638  C C   . PHE A 1 79  ? 2.796   15.940  0.694   1.00 13.40 ? 426 PHE A C   1 
ATOM   639  O O   . PHE A 1 79  ? 2.421   15.521  1.781   1.00 13.29 ? 426 PHE A O   1 
ATOM   640  C CB  . PHE A 1 79  ? 4.498   14.307  -0.084  1.00 14.22 ? 426 PHE A CB  1 
ATOM   641  C CG  . PHE A 1 79  ? 3.400   13.701  -0.913  1.00 16.62 ? 426 PHE A CG  1 
ATOM   642  C CD1 . PHE A 1 79  ? 3.337   13.927  -2.283  1.00 14.35 ? 426 PHE A CD1 1 
ATOM   643  C CD2 . PHE A 1 79  ? 2.368   12.997  -0.301  1.00 13.37 ? 426 PHE A CD2 1 
ATOM   644  C CE1 . PHE A 1 79  ? 2.261   13.460  -3.032  1.00 16.45 ? 426 PHE A CE1 1 
ATOM   645  C CE2 . PHE A 1 79  ? 1.289   12.528  -1.041  1.00 16.14 ? 426 PHE A CE2 1 
ATOM   646  C CZ  . PHE A 1 79  ? 1.234   12.764  -2.413  1.00 15.12 ? 426 PHE A CZ  1 
ATOM   647  N N   . GLN A 1 80  ? 1.971   16.515  -0.175  1.00 14.51 ? 427 GLN A N   1 
ATOM   648  C CA  . GLN A 1 80  ? 0.552   16.737  0.108   1.00 16.94 ? 427 GLN A CA  1 
ATOM   649  C C   . GLN A 1 80  ? -0.299  16.054  -0.967  1.00 17.83 ? 427 GLN A C   1 
ATOM   650  O O   . GLN A 1 80  ? 0.063   16.069  -2.149  1.00 16.87 ? 427 GLN A O   1 
ATOM   651  C CB  . GLN A 1 80  ? 0.264   18.244  0.124   1.00 20.37 ? 427 GLN A CB  1 
ATOM   652  C CG  . GLN A 1 80  ? 1.015   19.008  1.212   1.00 24.68 ? 427 GLN A CG  1 
ATOM   653  C CD  . GLN A 1 80  ? 0.413   18.796  2.593   1.00 29.78 ? 427 GLN A CD  1 
ATOM   654  O OE1 . GLN A 1 80  ? -0.659  19.327  2.900   1.00 32.55 ? 427 GLN A OE1 1 
ATOM   655  N NE2 . GLN A 1 80  ? 1.087   18.006  3.423   1.00 28.09 ? 427 GLN A NE2 1 
ATOM   656  N N   . GLY A 1 81  ? -1.420  15.451  -0.574  1.00 15.68 ? 428 GLY A N   1 
ATOM   657  C CA  . GLY A 1 81  ? -2.249  14.799  -1.573  1.00 17.61 ? 428 GLY A CA  1 
ATOM   658  C C   . GLY A 1 81  ? -3.170  13.706  -1.079  1.00 18.00 ? 428 GLY A C   1 
ATOM   659  O O   . GLY A 1 81  ? -3.207  13.393  0.107   1.00 20.01 ? 428 GLY A O   1 
ATOM   660  N N   . THR A 1 82  ? -3.909  13.110  -2.005  1.00 18.77 ? 429 THR A N   1 
ATOM   661  C CA  . THR A 1 82  ? -4.865  12.068  -1.666  1.00 19.61 ? 429 THR A CA  1 
ATOM   662  C C   . THR A 1 82  ? -4.442  10.706  -2.198  1.00 20.72 ? 429 THR A C   1 
ATOM   663  O O   . THR A 1 82  ? -4.257  10.523  -3.404  1.00 21.09 ? 429 THR A O   1 
ATOM   664  C CB  . THR A 1 82  ? -6.255  12.425  -2.218  1.00 19.53 ? 429 THR A CB  1 
ATOM   665  O OG1 . THR A 1 82  ? -6.662  13.689  -1.682  1.00 18.55 ? 429 THR A OG1 1 
ATOM   666  C CG2 . THR A 1 82  ? -7.273  11.370  -1.830  1.00 21.87 ? 429 THR A CG2 1 
ATOM   667  N N   . ILE A 1 83  ? -4.307  9.750   -1.288  1.00 19.28 ? 430 ILE A N   1 
ATOM   668  C CA  . ILE A 1 83  ? -3.882  8.406   -1.647  1.00 18.20 ? 430 ILE A CA  1 
ATOM   669  C C   . ILE A 1 83  ? -4.979  7.387   -1.420  1.00 18.95 ? 430 ILE A C   1 
ATOM   670  O O   . ILE A 1 83  ? -5.538  7.306   -0.333  1.00 21.30 ? 430 ILE A O   1 
ATOM   671  C CB  . ILE A 1 83  ? -2.680  7.971   -0.802  1.00 18.34 ? 430 ILE A CB  1 
ATOM   672  C CG1 . ILE A 1 83  ? -1.523  8.945   -1.003  1.00 17.92 ? 430 ILE A CG1 1 
ATOM   673  C CG2 . ILE A 1 83  ? -2.275  6.558   -1.171  1.00 19.13 ? 430 ILE A CG2 1 
ATOM   674  C CD1 . ILE A 1 83  ? -0.342  8.650   -0.132  1.00 18.10 ? 430 ILE A CD1 1 
ATOM   675  N N   . ARG A 1 84  ? -5.271  6.600   -2.445  1.00 20.43 ? 431 ARG A N   1 
ATOM   676  C CA  . ARG A 1 84  ? -6.288  5.564   -2.347  1.00 20.64 ? 431 ARG A CA  1 
ATOM   677  C C   . ARG A 1 84  ? -5.625  4.190   -2.452  1.00 19.00 ? 431 ARG A C   1 
ATOM   678  O O   . ARG A 1 84  ? -5.044  3.860   -3.481  1.00 23.05 ? 431 ARG A O   1 
ATOM   679  C CB  . ARG A 1 84  ? -7.319  5.725   -3.468  1.00 21.84 ? 431 ARG A CB  1 
ATOM   680  C CG  . ARG A 1 84  ? -8.360  4.609   -3.518  1.00 25.26 ? 431 ARG A CG  1 
ATOM   681  C CD  . ARG A 1 84  ? -9.209  4.676   -4.783  1.00 30.89 ? 431 ARG A CD  1 
ATOM   682  N NE  . ARG A 1 84  ? -9.992  5.910   -4.875  1.00 38.34 ? 431 ARG A NE  1 
ATOM   683  C CZ  . ARG A 1 84  ? -11.325 5.963   -4.918  1.00 41.06 ? 431 ARG A CZ  1 
ATOM   684  N NH1 . ARG A 1 84  ? -12.046 4.846   -4.878  1.00 41.14 ? 431 ARG A NH1 1 
ATOM   685  N NH2 . ARG A 1 84  ? -11.944 7.138   -4.997  1.00 41.56 ? 431 ARG A NH2 1 
ATOM   686  N N   . LEU A 1 85  ? -5.692  3.398   -1.389  1.00 15.97 ? 432 LEU A N   1 
ATOM   687  C CA  . LEU A 1 85  ? -5.103  2.054   -1.398  1.00 13.27 ? 432 LEU A CA  1 
ATOM   688  C C   . LEU A 1 85  ? -6.264  1.067   -1.567  1.00 14.19 ? 432 LEU A C   1 
ATOM   689  O O   . LEU A 1 85  ? -7.259  1.149   -0.847  1.00 13.51 ? 432 LEU A O   1 
ATOM   690  C CB  . LEU A 1 85  ? -4.373  1.789   -0.080  1.00 10.71 ? 432 LEU A CB  1 
ATOM   691  C CG  . LEU A 1 85  ? -3.198  2.715   0.244   1.00 9.80  ? 432 LEU A CG  1 
ATOM   692  C CD1 . LEU A 1 85  ? -2.774  2.560   1.699   1.00 7.23  ? 432 LEU A CD1 1 
ATOM   693  C CD2 . LEU A 1 85  ? -2.057  2.398   -0.695  1.00 9.13  ? 432 LEU A CD2 1 
ATOM   694  N N   . THR A 1 86  ? -6.134  0.132   -2.509  1.00 14.59 ? 433 THR A N   1 
ATOM   695  C CA  . THR A 1 86  ? -7.209  -0.820  -2.782  1.00 14.87 ? 433 THR A CA  1 
ATOM   696  C C   . THR A 1 86  ? -6.759  -2.253  -3.064  1.00 14.81 ? 433 THR A C   1 
ATOM   697  O O   . THR A 1 86  ? -5.958  -2.490  -3.968  1.00 14.45 ? 433 THR A O   1 
ATOM   698  C CB  . THR A 1 86  ? -8.029  -0.393  -4.028  1.00 14.48 ? 433 THR A CB  1 
ATOM   699  O OG1 . THR A 1 86  ? -8.308  1.011   -3.980  1.00 12.06 ? 433 THR A OG1 1 
ATOM   700  C CG2 . THR A 1 86  ? -9.345  -1.172  -4.082  1.00 16.59 ? 433 THR A CG2 1 
ATOM   701  N N   . ILE A 1 87  ? -7.279  -3.215  -2.313  1.00 14.10 ? 434 ILE A N   1 
ATOM   702  C CA  . ILE A 1 87  ? -6.933  -4.588  -2.600  1.00 18.61 ? 434 ILE A CA  1 
ATOM   703  C C   . ILE A 1 87  ? -8.025  -5.066  -3.571  1.00 17.96 ? 434 ILE A C   1 
ATOM   704  O O   . ILE A 1 87  ? -9.158  -5.351  -3.192  1.00 18.75 ? 434 ILE A O   1 
ATOM   705  C CB  . ILE A 1 87  ? -6.876  -5.422  -1.325  1.00 20.95 ? 434 ILE A CB  1 
ATOM   706  C CG1 . ILE A 1 87  ? -6.593  -6.876  -1.678  1.00 24.45 ? 434 ILE A CG1 1 
ATOM   707  C CG2 . ILE A 1 87  ? -8.155  -5.258  -0.542  1.00 27.64 ? 434 ILE A CG2 1 
ATOM   708  C CD1 . ILE A 1 87  ? -6.401  -7.744  -0.474  1.00 29.65 ? 434 ILE A CD1 1 
ATOM   709  N N   . LEU A 1 88  ? -7.651  -5.114  -4.841  1.00 16.93 ? 435 LEU A N   1 
ATOM   710  C CA  . LEU A 1 88  ? -8.540  -5.474  -5.935  1.00 15.56 ? 435 LEU A CA  1 
ATOM   711  C C   . LEU A 1 88  ? -9.249  -6.831  -5.887  1.00 15.72 ? 435 LEU A C   1 
ATOM   712  O O   . LEU A 1 88  ? -8.633  -7.870  -5.684  1.00 15.10 ? 435 LEU A O   1 
ATOM   713  C CB  . LEU A 1 88  ? -7.769  -5.334  -7.262  1.00 12.11 ? 435 LEU A CB  1 
ATOM   714  C CG  . LEU A 1 88  ? -7.228  -3.938  -7.641  1.00 12.62 ? 435 LEU A CG  1 
ATOM   715  C CD1 . LEU A 1 88  ? -6.367  -4.019  -8.878  1.00 10.26 ? 435 LEU A CD1 1 
ATOM   716  C CD2 . LEU A 1 88  ? -8.382  -2.974  -7.877  1.00 11.57 ? 435 LEU A CD2 1 
ATOM   717  N N   . ASP A 1 89  ? -10.566 -6.798  -6.047  1.00 14.70 ? 436 ASP A N   1 
ATOM   718  C CA  . ASP A 1 89  ? -11.368 -8.011  -6.100  1.00 15.04 ? 436 ASP A CA  1 
ATOM   719  C C   . ASP A 1 89  ? -11.130 -8.447  -7.548  1.00 15.24 ? 436 ASP A C   1 
ATOM   720  O O   . ASP A 1 89  ? -11.379 -7.677  -8.473  1.00 13.65 ? 436 ASP A O   1 
ATOM   721  C CB  . ASP A 1 89  ? -12.842 -7.658  -5.853  1.00 16.28 ? 436 ASP A CB  1 
ATOM   722  C CG  . ASP A 1 89  ? -13.797 -8.808  -6.147  1.00 15.84 ? 436 ASP A CG  1 
ATOM   723  O OD1 . ASP A 1 89  ? -13.325 -9.940  -6.401  1.00 16.70 ? 436 ASP A OD1 1 
ATOM   724  O OD2 . ASP A 1 89  ? -15.027 -8.570  -6.110  1.00 11.69 ? 436 ASP A OD2 1 
ATOM   725  N N   . GLN A 1 90  ? -10.620 -9.655  -7.763  1.00 13.35 ? 437 GLN A N   1 
ATOM   726  C CA  . GLN A 1 90  ? -10.357 -10.058 -9.135  1.00 13.75 ? 437 GLN A CA  1 
ATOM   727  C C   . GLN A 1 90  ? -11.532 -10.707 -9.868  1.00 13.63 ? 437 GLN A C   1 
ATOM   728  O O   . GLN A 1 90  ? -11.361 -11.271 -10.946 1.00 11.31 ? 437 GLN A O   1 
ATOM   729  C CB  . GLN A 1 90  ? -9.115  -10.952 -9.198  1.00 15.02 ? 437 GLN A CB  1 
ATOM   730  C CG  . GLN A 1 90  ? -7.855  -10.261 -8.690  1.00 15.37 ? 437 GLN A CG  1 
ATOM   731  C CD  . GLN A 1 90  ? -6.605  -11.060 -8.967  1.00 13.83 ? 437 GLN A CD  1 
ATOM   732  O OE1 . GLN A 1 90  ? -6.236  -11.255 -10.121 1.00 13.69 ? 437 GLN A OE1 1 
ATOM   733  N NE2 . GLN A 1 90  ? -5.947  -11.532 -7.911  1.00 10.94 ? 437 GLN A NE2 1 
ATOM   734  N N   . SER A 1 91  ? -12.723 -10.600 -9.284  1.00 14.29 ? 438 SER A N   1 
ATOM   735  C CA  . SER A 1 91  ? -13.942 -11.121 -9.897  1.00 17.07 ? 438 SER A CA  1 
ATOM   736  C C   . SER A 1 91  ? -14.209 -10.262 -11.130 1.00 18.84 ? 438 SER A C   1 
ATOM   737  O O   . SER A 1 91  ? -13.497 -9.293  -11.380 1.00 16.27 ? 438 SER A O   1 
ATOM   738  C CB  . SER A 1 91  ? -15.140 -10.981 -8.949  1.00 14.76 ? 438 SER A CB  1 
ATOM   739  O OG  . SER A 1 91  ? -14.899 -11.584 -7.693  1.00 20.42 ? 438 SER A OG  1 
ATOM   740  N N   . GLU A 1 92  ? -15.253 -10.602 -11.878 1.00 23.64 ? 439 GLU A N   1 
ATOM   741  C CA  . GLU A 1 92  ? -15.613 -9.854  -13.085 1.00 28.36 ? 439 GLU A CA  1 
ATOM   742  C C   . GLU A 1 92  ? -15.783 -8.366  -12.772 1.00 25.86 ? 439 GLU A C   1 
ATOM   743  O O   . GLU A 1 92  ? -16.143 -7.997  -11.658 1.00 26.98 ? 439 GLU A O   1 
ATOM   744  C CB  . GLU A 1 92  ? -16.907 -10.417 -13.678 1.00 35.14 ? 439 GLU A CB  1 
ATOM   745  C CG  . GLU A 1 92  ? -16.974 -10.302 -15.188 1.00 46.37 ? 439 GLU A CG  1 
ATOM   746  C CD  . GLU A 1 92  ? -18.149 -11.061 -15.793 1.00 53.52 ? 439 GLU A CD  1 
ATOM   747  O OE1 . GLU A 1 92  ? -18.131 -11.281 -17.028 1.00 54.58 ? 439 GLU A OE1 1 
ATOM   748  O OE2 . GLU A 1 92  ? -19.088 -11.427 -15.042 1.00 55.58 ? 439 GLU A OE2 1 
ATOM   749  N N   . ALA A 1 93  ? -15.534 -7.513  -13.758 1.00 23.54 ? 440 ALA A N   1 
ATOM   750  C CA  . ALA A 1 93  ? -15.632 -6.073  -13.558 1.00 20.99 ? 440 ALA A CA  1 
ATOM   751  C C   . ALA A 1 93  ? -16.985 -5.559  -13.052 1.00 21.30 ? 440 ALA A C   1 
ATOM   752  O O   . ALA A 1 93  ? -17.043 -4.802  -12.082 1.00 22.16 ? 440 ALA A O   1 
ATOM   753  C CB  . ALA A 1 93  ? -15.247 -5.351  -14.837 1.00 20.97 ? 440 ALA A CB  1 
ATOM   754  N N   . PRO A 1 94  ? -18.091 -5.954  -13.700 1.00 21.03 ? 441 PRO A N   1 
ATOM   755  C CA  . PRO A 1 94  ? -19.397 -5.470  -13.236 1.00 19.27 ? 441 PRO A CA  1 
ATOM   756  C C   . PRO A 1 94  ? -19.814 -5.846  -11.809 1.00 18.07 ? 441 PRO A C   1 
ATOM   757  O O   . PRO A 1 94  ? -20.665 -5.182  -11.221 1.00 19.65 ? 441 PRO A O   1 
ATOM   758  C CB  . PRO A 1 94  ? -20.355 -6.013  -14.301 1.00 17.92 ? 441 PRO A CB  1 
ATOM   759  C CG  . PRO A 1 94  ? -19.683 -7.275  -14.728 1.00 20.60 ? 441 PRO A CG  1 
ATOM   760  C CD  . PRO A 1 94  ? -18.254 -6.808  -14.889 1.00 19.34 ? 441 PRO A CD  1 
ATOM   761  N N   . VAL A 1 95  ? -19.228 -6.893  -11.238 1.00 16.99 ? 442 VAL A N   1 
ATOM   762  C CA  . VAL A 1 95  ? -19.615 -7.283  -9.883  1.00 16.46 ? 442 VAL A CA  1 
ATOM   763  C C   . VAL A 1 95  ? -18.515 -7.221  -8.847  1.00 12.68 ? 442 VAL A C   1 
ATOM   764  O O   . VAL A 1 95  ? -18.603 -7.872  -7.816  1.00 15.03 ? 442 VAL A O   1 
ATOM   765  C CB  . VAL A 1 95  ? -20.206 -8.703  -9.833  1.00 18.70 ? 442 VAL A CB  1 
ATOM   766  C CG1 . VAL A 1 95  ? -21.442 -8.775  -10.709 1.00 23.99 ? 442 VAL A CG1 1 
ATOM   767  C CG2 . VAL A 1 95  ? -19.165 -9.717  -10.263 1.00 18.09 ? 442 VAL A CG2 1 
ATOM   768  N N   . ARG A 1 96  ? -17.487 -6.433  -9.113  1.00 12.76 ? 443 ARG A N   1 
ATOM   769  C CA  . ARG A 1 96  ? -16.391 -6.300  -8.170  1.00 12.72 ? 443 ARG A CA  1 
ATOM   770  C C   . ARG A 1 96  ? -16.764 -5.546  -6.902  1.00 12.57 ? 443 ARG A C   1 
ATOM   771  O O   . ARG A 1 96  ? -17.435 -4.518  -6.955  1.00 12.85 ? 443 ARG A O   1 
ATOM   772  C CB  . ARG A 1 96  ? -15.202 -5.603  -8.829  1.00 10.98 ? 443 ARG A CB  1 
ATOM   773  C CG  . ARG A 1 96  ? -14.361 -6.529  -9.667  1.00 13.72 ? 443 ARG A CG  1 
ATOM   774  C CD  . ARG A 1 96  ? -13.293 -5.780  -10.425 1.00 13.47 ? 443 ARG A CD  1 
ATOM   775  N NE  . ARG A 1 96  ? -12.968 -6.497  -11.649 1.00 17.12 ? 443 ARG A NE  1 
ATOM   776  C CZ  . ARG A 1 96  ? -12.396 -5.939  -12.711 1.00 22.71 ? 443 ARG A CZ  1 
ATOM   777  N NH1 . ARG A 1 96  ? -12.083 -4.649  -12.696 1.00 24.26 ? 443 ARG A NH1 1 
ATOM   778  N NH2 . ARG A 1 96  ? -12.171 -6.658  -13.802 1.00 23.20 ? 443 ARG A NH2 1 
ATOM   779  N N   . GLN A 1 97  ? -16.331 -6.083  -5.765  1.00 12.86 ? 444 GLN A N   1 
ATOM   780  C CA  . GLN A 1 97  ? -16.546 -5.460  -4.461  1.00 12.19 ? 444 GLN A CA  1 
ATOM   781  C C   . GLN A 1 97  ? -15.160 -5.246  -3.851  1.00 13.32 ? 444 GLN A C   1 
ATOM   782  O O   . GLN A 1 97  ? -14.775 -5.940  -2.915  1.00 12.05 ? 444 GLN A O   1 
ATOM   783  C CB  . GLN A 1 97  ? -17.376 -6.362  -3.542  1.00 11.23 ? 444 GLN A CB  1 
ATOM   784  C CG  . GLN A 1 97  ? -18.848 -6.459  -3.911  1.00 13.70 ? 444 GLN A CG  1 
ATOM   785  C CD  . GLN A 1 97  ? -19.640 -7.301  -2.931  1.00 17.63 ? 444 GLN A CD  1 
ATOM   786  O OE1 . GLN A 1 97  ? -19.494 -8.521  -2.874  1.00 20.05 ? 444 GLN A OE1 1 
ATOM   787  N NE2 . GLN A 1 97  ? -20.479 -6.644  -2.136  1.00 19.60 ? 444 GLN A NE2 1 
ATOM   788  N N   . ASN A 1 98  ? -14.411 -4.292  -4.393  1.00 12.42 ? 445 ASN A N   1 
ATOM   789  C CA  . ASN A 1 98  ? -13.064 -4.015  -3.904  1.00 15.85 ? 445 ASN A CA  1 
ATOM   790  C C   . ASN A 1 98  ? -12.991 -3.605  -2.437  1.00 16.35 ? 445 ASN A C   1 
ATOM   791  O O   . ASN A 1 98  ? -13.973 -3.146  -1.858  1.00 18.34 ? 445 ASN A O   1 
ATOM   792  C CB  . ASN A 1 98  ? -12.403 -2.946  -4.769  1.00 12.61 ? 445 ASN A CB  1 
ATOM   793  C CG  . ASN A 1 98  ? -12.277 -3.375  -6.206  1.00 13.60 ? 445 ASN A CG  1 
ATOM   794  O OD1 . ASN A 1 98  ? -11.774 -4.457  -6.500  1.00 14.26 ? 445 ASN A OD1 1 
ATOM   795  N ND2 . ASN A 1 98  ? -12.732 -2.528  -7.114  1.00 15.81 ? 445 ASN A ND2 1 
ATOM   796  N N   . HIS A 1 99  ? -11.817 -3.777  -1.835  1.00 16.25 ? 446 HIS A N   1 
ATOM   797  C CA  . HIS A 1 99  ? -11.636 -3.424  -0.433  1.00 17.12 ? 446 HIS A CA  1 
ATOM   798  C C   . HIS A 1 99  ? -10.615 -2.302  -0.371  1.00 17.44 ? 446 HIS A C   1 
ATOM   799  O O   . HIS A 1 99  ? -9.445  -2.517  -0.676  1.00 20.67 ? 446 HIS A O   1 
ATOM   800  C CB  . HIS A 1 99  ? -11.160 -4.654  0.343   1.00 17.40 ? 446 HIS A CB  1 
ATOM   801  C CG  . HIS A 1 99  ? -11.143 -4.472  1.828   1.00 18.53 ? 446 HIS A CG  1 
ATOM   802  N ND1 . HIS A 1 99  ? -10.197 -3.715  2.480   1.00 19.04 ? 446 HIS A ND1 1 
ATOM   803  C CD2 . HIS A 1 99  ? -11.972 -4.949  2.789   1.00 19.35 ? 446 HIS A CD2 1 
ATOM   804  C CE1 . HIS A 1 99  ? -10.438 -3.731  3.779   1.00 17.46 ? 446 HIS A CE1 1 
ATOM   805  N NE2 . HIS A 1 99  ? -11.509 -4.473  3.991   1.00 20.75 ? 446 HIS A NE2 1 
ATOM   806  N N   . GLU A 1 100 ? -11.042 -1.097  0.006   1.00 17.06 ? 447 GLU A N   1 
ATOM   807  C CA  . GLU A 1 100 ? -10.096 0.015   0.035   1.00 17.69 ? 447 GLU A CA  1 
ATOM   808  C C   . GLU A 1 100 ? -10.304 1.116   1.060   1.00 14.77 ? 447 GLU A C   1 
ATOM   809  O O   . GLU A 1 100 ? -11.279 1.144   1.795   1.00 16.92 ? 447 GLU A O   1 
ATOM   810  C CB  . GLU A 1 100 ? -10.033 0.678   -1.336  1.00 17.97 ? 447 GLU A CB  1 
ATOM   811  C CG  . GLU A 1 100 ? -11.332 1.312   -1.745  1.00 22.90 ? 447 GLU A CG  1 
ATOM   812  C CD  . GLU A 1 100 ? -11.178 2.241   -2.932  1.00 25.56 ? 447 GLU A CD  1 
ATOM   813  O OE1 . GLU A 1 100 ? -10.807 1.764   -4.035  1.00 23.10 ? 447 GLU A OE1 1 
ATOM   814  O OE2 . GLU A 1 100 ? -11.423 3.455   -2.746  1.00 24.69 ? 447 GLU A OE2 1 
ATOM   815  N N   . GLU A 1 101 ? -9.349  2.033   1.073   1.00 13.75 ? 448 GLU A N   1 
ATOM   816  C CA  . GLU A 1 101 ? -9.367  3.180   1.957   1.00 13.37 ? 448 GLU A CA  1 
ATOM   817  C C   . GLU A 1 101 ? -8.779  4.371   1.211   1.00 14.91 ? 448 GLU A C   1 
ATOM   818  O O   . GLU A 1 101 ? -8.039  4.213   0.230   1.00 12.71 ? 448 GLU A O   1 
ATOM   819  C CB  . GLU A 1 101 ? -8.548  2.900   3.220   1.00 12.15 ? 448 GLU A CB  1 
ATOM   820  C CG  . GLU A 1 101 ? -9.117  1.787   4.087   1.00 10.21 ? 448 GLU A CG  1 
ATOM   821  C CD  . GLU A 1 101 ? -10.431 2.154   4.766   1.00 8.43  ? 448 GLU A CD  1 
ATOM   822  O OE1 . GLU A 1 101 ? -11.140 3.063   4.292   1.00 11.32 ? 448 GLU A OE1 1 
ATOM   823  O OE2 . GLU A 1 101 ? -10.773 1.504   5.763   1.00 8.89  ? 448 GLU A OE2 1 
ATOM   824  N N   . ILE A 1 102 ? -9.126  5.565   1.674   1.00 16.02 ? 449 ILE A N   1 
ATOM   825  C CA  . ILE A 1 102 ? -8.638  6.790   1.064   1.00 17.73 ? 449 ILE A CA  1 
ATOM   826  C C   . ILE A 1 102 ? -8.101  7.689   2.155   1.00 18.19 ? 449 ILE A C   1 
ATOM   827  O O   . ILE A 1 102 ? -8.765  7.928   3.157   1.00 17.22 ? 449 ILE A O   1 
ATOM   828  C CB  . ILE A 1 102 ? -9.748  7.555   0.340   1.00 19.31 ? 449 ILE A CB  1 
ATOM   829  C CG1 . ILE A 1 102 ? -10.301 6.733   -0.821  1.00 19.06 ? 449 ILE A CG1 1 
ATOM   830  C CG2 . ILE A 1 102 ? -9.199  8.853   -0.186  1.00 21.67 ? 449 ILE A CG2 1 
ATOM   831  C CD1 . ILE A 1 102 ? -11.470 7.400   -1.515  1.00 18.29 ? 449 ILE A CD1 1 
ATOM   832  N N   . MET A 1 103 ? -6.898  8.201   1.959   1.00 19.52 ? 450 MET A N   1 
ATOM   833  C CA  . MET A 1 103 ? -6.321  9.058   2.966   1.00 20.68 ? 450 MET A CA  1 
ATOM   834  C C   . MET A 1 103 ? -5.606  10.251  2.360   1.00 21.53 ? 450 MET A C   1 
ATOM   835  O O   . MET A 1 103 ? -5.083  10.186  1.248   1.00 19.79 ? 450 MET A O   1 
ATOM   836  C CB  . MET A 1 103 ? -5.333  8.265   3.823   1.00 22.56 ? 450 MET A CB  1 
ATOM   837  C CG  . MET A 1 103 ? -4.050  7.908   3.096   1.00 23.83 ? 450 MET A CG  1 
ATOM   838  S SD  . MET A 1 103 ? -2.938  6.885   4.063   1.00 22.66 ? 450 MET A SD  1 
ATOM   839  C CE  . MET A 1 103 ? -2.204  5.890   2.768   1.00 22.88 ? 450 MET A CE  1 
ATOM   840  N N   . ASP A 1 104 ? -5.597  11.344  3.116   1.00 24.02 ? 451 ASP A N   1 
ATOM   841  C CA  . ASP A 1 104 ? -4.928  12.571  2.719   1.00 26.78 ? 451 ASP A CA  1 
ATOM   842  C C   . ASP A 1 104 ? -3.626  12.640  3.498   1.00 25.23 ? 451 ASP A C   1 
ATOM   843  O O   . ASP A 1 104 ? -3.620  12.443  4.709   1.00 25.28 ? 451 ASP A O   1 
ATOM   844  C CB  . ASP A 1 104 ? -5.782  13.793  3.070   1.00 32.51 ? 451 ASP A CB  1 
ATOM   845  C CG  . ASP A 1 104 ? -7.032  13.901  2.224   1.00 36.51 ? 451 ASP A CG  1 
ATOM   846  O OD1 . ASP A 1 104 ? -7.806  14.854  2.451   1.00 38.61 ? 451 ASP A OD1 1 
ATOM   847  O OD2 . ASP A 1 104 ? -7.241  13.049  1.332   1.00 40.51 ? 451 ASP A OD2 1 
ATOM   848  N N   . ALA A 1 105 ? -2.530  12.920  2.803   1.00 24.91 ? 452 ALA A N   1 
ATOM   849  C CA  . ALA A 1 105 ? -1.223  13.018  3.440   1.00 22.73 ? 452 ALA A CA  1 
ATOM   850  C C   . ALA A 1 105 ? -1.254  14.069  4.538   1.00 23.64 ? 452 ALA A C   1 
ATOM   851  O O   . ALA A 1 105 ? -2.031  15.022  4.479   1.00 24.25 ? 452 ALA A O   1 
ATOM   852  C CB  . ALA A 1 105 ? -0.171  13.374  2.413   1.00 22.30 ? 452 ALA A CB  1 
ATOM   853  N N   . LYS A 1 106 ? -0.414  13.892  5.548   1.00 23.79 ? 453 LYS A N   1 
ATOM   854  C CA  . LYS A 1 106 ? -0.357  14.843  6.646   1.00 26.91 ? 453 LYS A CA  1 
ATOM   855  C C   . LYS A 1 106 ? 1.067   15.336  6.768   1.00 26.84 ? 453 LYS A C   1 
ATOM   856  O O   . LYS A 1 106 ? 1.971   14.588  7.128   1.00 26.98 ? 453 LYS A O   1 
ATOM   857  C CB  . LYS A 1 106 ? -0.827  14.184  7.942   1.00 29.49 ? 453 LYS A CB  1 
ATOM   858  C CG  . LYS A 1 106 ? -2.306  13.842  7.921   1.00 33.59 ? 453 LYS A CG  1 
ATOM   859  C CD  . LYS A 1 106 ? -2.680  12.944  9.073   1.00 37.26 ? 453 LYS A CD  1 
ATOM   860  C CE  . LYS A 1 106 ? -4.126  12.499  8.974   1.00 36.82 ? 453 LYS A CE  1 
ATOM   861  N NZ  . LYS A 1 106 ? -4.443  11.514  10.044  1.00 39.03 ? 453 LYS A NZ  1 
ATOM   862  N N   . PRO A 1 107 ? 1.269   16.631  6.515   1.00 27.79 ? 454 PRO A N   1 
ATOM   863  C CA  . PRO A 1 107 ? 2.569   17.298  6.560   1.00 28.67 ? 454 PRO A CA  1 
ATOM   864  C C   . PRO A 1 107 ? 3.338   17.136  7.861   1.00 27.96 ? 454 PRO A C   1 
ATOM   865  O O   . PRO A 1 107 ? 4.555   16.990  7.849   1.00 30.36 ? 454 PRO A O   1 
ATOM   866  C CB  . PRO A 1 107 ? 2.212   18.754  6.259   1.00 29.21 ? 454 PRO A CB  1 
ATOM   867  C CG  . PRO A 1 107 ? 0.822   18.871  6.824   1.00 28.81 ? 454 PRO A CG  1 
ATOM   868  C CD  . PRO A 1 107 ? 0.205   17.615  6.253   1.00 28.85 ? 454 PRO A CD  1 
ATOM   869  N N   . GLU A 1 108 ? 2.625   17.140  8.981   1.00 28.01 ? 455 GLU A N   1 
ATOM   870  C CA  . GLU A 1 108 ? 3.260   17.021  10.291  1.00 26.63 ? 455 GLU A CA  1 
ATOM   871  C C   . GLU A 1 108 ? 3.922   15.667  10.554  1.00 25.78 ? 455 GLU A C   1 
ATOM   872  O O   . GLU A 1 108 ? 4.700   15.529  11.499  1.00 28.53 ? 455 GLU A O   1 
ATOM   873  C CB  . GLU A 1 108 ? 2.244   17.278  11.408  1.00 27.83 ? 455 GLU A CB  1 
ATOM   874  C CG  . GLU A 1 108 ? 1.222   16.166  11.577  1.00 30.48 ? 455 GLU A CG  1 
ATOM   875  C CD  . GLU A 1 108 ? -0.050  16.400  10.802  1.00 31.03 ? 455 GLU A CD  1 
ATOM   876  O OE1 . GLU A 1 108 ? 0.030   16.826  9.632   1.00 34.30 ? 455 GLU A OE1 1 
ATOM   877  O OE2 . GLU A 1 108 ? -1.135  16.138  11.364  1.00 33.33 ? 455 GLU A OE2 1 
ATOM   878  N N   . LEU A 1 109 ? 3.603   14.671  9.737   1.00 23.31 ? 456 LEU A N   1 
ATOM   879  C CA  . LEU A 1 109 ? 4.164   13.336  9.911   1.00 21.46 ? 456 LEU A CA  1 
ATOM   880  C C   . LEU A 1 109 ? 5.460   13.154  9.134   1.00 22.10 ? 456 LEU A C   1 
ATOM   881  O O   . LEU A 1 109 ? 5.536   13.463  7.943   1.00 22.37 ? 456 LEU A O   1 
ATOM   882  C CB  . LEU A 1 109 ? 3.148   12.277  9.475   1.00 19.32 ? 456 LEU A CB  1 
ATOM   883  C CG  . LEU A 1 109 ? 1.791   12.333  10.177  1.00 18.01 ? 456 LEU A CG  1 
ATOM   884  C CD1 . LEU A 1 109 ? 0.928   11.134  9.777   1.00 14.98 ? 456 LEU A CD1 1 
ATOM   885  C CD2 . LEU A 1 109 ? 2.016   12.334  11.671  1.00 19.11 ? 456 LEU A CD2 1 
ATOM   886  N N   . LEU A 1 110 ? 6.472   12.633  9.816   1.00 22.36 ? 457 LEU A N   1 
ATOM   887  C CA  . LEU A 1 110 ? 7.772   12.412  9.207   1.00 23.07 ? 457 LEU A CA  1 
ATOM   888  C C   . LEU A 1 110 ? 7.710   11.332  8.133   1.00 20.63 ? 457 LEU A C   1 
ATOM   889  O O   . LEU A 1 110 ? 8.724   10.974  7.557   1.00 21.83 ? 457 LEU A O   1 
ATOM   890  C CB  . LEU A 1 110 ? 8.801   12.027  10.278  1.00 26.80 ? 457 LEU A CB  1 
ATOM   891  C CG  . LEU A 1 110 ? 8.988   12.961  11.485  1.00 29.56 ? 457 LEU A CG  1 
ATOM   892  C CD1 . LEU A 1 110 ? 7.800   12.844  12.453  1.00 29.13 ? 457 LEU A CD1 1 
ATOM   893  C CD2 . LEU A 1 110 ? 10.262  12.575  12.212  1.00 29.94 ? 457 LEU A CD2 1 
ATOM   894  N N   . ALA A 1 111 ? 6.517   10.807  7.870   1.00 19.85 ? 458 ALA A N   1 
ATOM   895  C CA  . ALA A 1 111 ? 6.349   9.776   6.849   1.00 17.62 ? 458 ALA A CA  1 
ATOM   896  C C   . ALA A 1 111 ? 6.271   10.444  5.483   1.00 18.88 ? 458 ALA A C   1 
ATOM   897  O O   . ALA A 1 111 ? 6.615   9.847   4.461   1.00 18.22 ? 458 ALA A O   1 
ATOM   898  C CB  . ALA A 1 111 ? 5.083   8.970   7.106   1.00 14.09 ? 458 ALA A CB  1 
ATOM   899  N N   . PHE A 1 112 ? 5.831   11.698  5.470   1.00 19.51 ? 459 PHE A N   1 
ATOM   900  C CA  . PHE A 1 112 ? 5.705   12.438  4.225   1.00 19.82 ? 459 PHE A CA  1 
ATOM   901  C C   . PHE A 1 112 ? 6.765   13.518  4.028   1.00 20.91 ? 459 PHE A C   1 
ATOM   902  O O   . PHE A 1 112 ? 6.640   14.369  3.143   1.00 20.75 ? 459 PHE A O   1 
ATOM   903  C CB  . PHE A 1 112 ? 4.301   13.028  4.116   1.00 17.34 ? 459 PHE A CB  1 
ATOM   904  C CG  . PHE A 1 112 ? 3.218   11.981  4.020   1.00 18.93 ? 459 PHE A CG  1 
ATOM   905  C CD1 . PHE A 1 112 ? 2.350   11.747  5.082   1.00 17.79 ? 459 PHE A CD1 1 
ATOM   906  C CD2 . PHE A 1 112 ? 3.086   11.205  2.873   1.00 15.13 ? 459 PHE A CD2 1 
ATOM   907  C CE1 . PHE A 1 112 ? 1.372   10.767  4.998   1.00 13.96 ? 459 PHE A CE1 1 
ATOM   908  C CE2 . PHE A 1 112 ? 2.107   10.223  2.787   1.00 15.65 ? 459 PHE A CE2 1 
ATOM   909  C CZ  . PHE A 1 112 ? 1.253   10.004  3.850   1.00 13.02 ? 459 PHE A CZ  1 
ATOM   910  N N   . GLN A 1 113 ? 7.808   13.460  4.855   1.00 23.12 ? 460 GLN A N   1 
ATOM   911  C CA  . GLN A 1 113 ? 8.930   14.392  4.778   1.00 23.54 ? 460 GLN A CA  1 
ATOM   912  C C   . GLN A 1 113 ? 9.934   13.884  3.772   1.00 23.90 ? 460 GLN A C   1 
ATOM   913  O O   . GLN A 1 113 ? 9.964   12.702  3.452   1.00 24.34 ? 460 GLN A O   1 
ATOM   914  C CB  . GLN A 1 113 ? 9.652   14.512  6.115   1.00 25.30 ? 460 GLN A CB  1 
ATOM   915  C CG  . GLN A 1 113 ? 9.355   15.770  6.881   1.00 28.36 ? 460 GLN A CG  1 
ATOM   916  C CD  . GLN A 1 113 ? 7.946   15.803  7.373   1.00 29.42 ? 460 GLN A CD  1 
ATOM   917  O OE1 . GLN A 1 113 ? 7.004   15.947  6.596   1.00 29.69 ? 460 GLN A OE1 1 
ATOM   918  N NE2 . GLN A 1 113 ? 7.781   15.642  8.679   1.00 32.68 ? 460 GLN A NE2 1 
ATOM   919  N N   . ARG A 1 114 ? 10.784  14.782  3.297   1.00 24.50 ? 461 ARG A N   1 
ATOM   920  C CA  . ARG A 1 114 ? 11.796  14.413  2.328   1.00 25.89 ? 461 ARG A CA  1 
ATOM   921  C C   . ARG A 1 114 ? 12.786  13.422  2.955   1.00 27.62 ? 461 ARG A C   1 
ATOM   922  O O   . ARG A 1 114 ? 13.430  13.712  3.963   1.00 25.07 ? 461 ARG A O   1 
ATOM   923  C CB  . ARG A 1 114 ? 12.496  15.678  1.852   1.00 26.20 ? 461 ARG A CB  1 
ATOM   924  C CG  . ARG A 1 114 ? 13.432  15.471  0.705   1.00 23.58 ? 461 ARG A CG  1 
ATOM   925  C CD  . ARG A 1 114 ? 13.983  16.803  0.279   1.00 23.60 ? 461 ARG A CD  1 
ATOM   926  N NE  . ARG A 1 114 ? 14.944  16.661  -0.803  1.00 19.69 ? 461 ARG A NE  1 
ATOM   927  C CZ  . ARG A 1 114 ? 15.567  17.679  -1.379  1.00 19.14 ? 461 ARG A CZ  1 
ATOM   928  N NH1 . ARG A 1 114 ? 15.325  18.918  -0.970  1.00 19.18 ? 461 ARG A NH1 1 
ATOM   929  N NH2 . ARG A 1 114 ? 16.432  17.455  -2.361  1.00 16.14 ? 461 ARG A NH2 1 
ATOM   930  N N   . PRO A 1 115 ? 12.968  12.255  2.322   1.00 32.24 ? 462 PRO A N   1 
ATOM   931  C CA  . PRO A 1 115 ? 13.880  11.232  2.847   1.00 35.74 ? 462 PRO A CA  1 
ATOM   932  C C   . PRO A 1 115 ? 15.308  11.739  3.032   1.00 39.32 ? 462 PRO A C   1 
ATOM   933  O O   . PRO A 1 115 ? 15.684  12.767  2.472   1.00 38.61 ? 462 PRO A O   1 
ATOM   934  C CB  . PRO A 1 115 ? 13.773  10.114  1.806   1.00 33.10 ? 462 PRO A CB  1 
ATOM   935  C CG  . PRO A 1 115 ? 13.521  10.887  0.541   1.00 34.91 ? 462 PRO A CG  1 
ATOM   936  C CD  . PRO A 1 115 ? 12.428  11.834  1.020   1.00 33.09 ? 462 PRO A CD  1 
ATOM   937  N N   . THR A 1 116 ? 16.098  11.015  3.820   1.00 43.58 ? 463 THR A N   1 
ATOM   938  C CA  . THR A 1 116 ? 17.488  11.397  4.077   1.00 48.03 ? 463 THR A CA  1 
ATOM   939  C C   . THR A 1 116 ? 18.407  10.184  4.109   1.00 49.28 ? 463 THR A C   1 
ATOM   940  O O   . THR A 1 116 ? 19.568  10.264  3.702   1.00 49.45 ? 463 THR A O   1 
ATOM   941  C CB  . THR A 1 116 ? 17.619  12.165  5.408   1.00 48.66 ? 463 THR A CB  1 
ATOM   942  O OG1 . THR A 1 116 ? 16.980  13.441  5.283   1.00 50.48 ? 463 THR A OG1 1 
ATOM   943  C CG2 . THR A 1 116 ? 19.084  12.361  5.779   1.00 49.01 ? 463 THR A CG2 1 
ATOM   944  N N   . ILE A 1 117 ? 17.886  9.067   4.601   1.00 51.07 ? 464 ILE A N   1 
ATOM   945  C CA  . ILE A 1 117 ? 18.645  7.834   4.636   1.00 51.45 ? 464 ILE A CA  1 
ATOM   946  C C   . ILE A 1 117 ? 17.878  6.750   3.838   1.00 51.72 ? 464 ILE A C   1 
ATOM   947  O O   . ILE A 1 117 ? 17.459  6.975   2.667   1.00 44.93 ? 464 ILE A O   1 
ATOM   948  C CB  . ILE A 1 117 ? 18.895  7.437   6.164   1.00 51.35 ? 464 ILE A CB  1 
ATOM   949  C CG1 . ILE A 1 117 ? 20.035  6.428   6.266   1.00 50.90 ? 464 ILE A CG1 1 
ATOM   950  C CG2 . ILE A 1 117 ? 17.627  6.875   6.791   1.00 50.24 ? 464 ILE A CG2 1 
ATOM   951  C CD1 . ILE A 1 117 ? 20.464  6.124   7.684   1.00 51.17 ? 464 ILE A CD1 1 
ATOM   952  N N   . LYS A 1 122 ? 9.928   5.015   8.592   1.00 29.84 ? 469 LYS A N   1 
ATOM   953  C CA  . LYS A 1 122 ? 8.594   5.364   9.161   1.00 32.43 ? 469 LYS A CA  1 
ATOM   954  C C   . LYS A 1 122 ? 7.576   5.558   8.049   1.00 31.47 ? 469 LYS A C   1 
ATOM   955  O O   . LYS A 1 122 ? 7.772   6.393   7.165   1.00 32.48 ? 469 LYS A O   1 
ATOM   956  C CB  . LYS A 1 122 ? 8.678   6.655   9.990   1.00 33.69 ? 469 LYS A CB  1 
ATOM   957  C CG  . LYS A 1 122 ? 9.398   6.514   11.319  1.00 36.32 ? 469 LYS A CG  1 
ATOM   958  C CD  . LYS A 1 122 ? 8.694   5.515   12.232  1.00 39.96 ? 469 LYS A CD  1 
ATOM   959  C CE  . LYS A 1 122 ? 9.371   5.441   13.593  1.00 40.49 ? 469 LYS A CE  1 
ATOM   960  N NZ  . LYS A 1 122 ? 9.334   6.750   14.307  1.00 41.29 ? 469 LYS A NZ  1 
ATOM   961  N N   . GLY A 1 123 ? 6.493   4.783   8.103   1.00 27.68 ? 470 GLY A N   1 
ATOM   962  C CA  . GLY A 1 123 ? 5.451   4.876   7.098   1.00 23.53 ? 470 GLY A CA  1 
ATOM   963  C C   . GLY A 1 123 ? 4.107   5.222   7.700   1.00 19.32 ? 470 GLY A C   1 
ATOM   964  O O   . GLY A 1 123 ? 3.983   5.347   8.913   1.00 20.26 ? 470 GLY A O   1 
ATOM   965  N N   . PHE A 1 124 ? 3.094   5.376   6.856   1.00 16.78 ? 471 PHE A N   1 
ATOM   966  C CA  . PHE A 1 124 ? 1.759   5.725   7.335   1.00 13.50 ? 471 PHE A CA  1 
ATOM   967  C C   . PHE A 1 124 ? 0.689   4.965   6.562   1.00 11.24 ? 471 PHE A C   1 
ATOM   968  O O   . PHE A 1 124 ? 0.675   4.971   5.334   1.00 9.41  ? 471 PHE A O   1 
ATOM   969  C CB  . PHE A 1 124 ? 1.513   7.230   7.180   1.00 14.10 ? 471 PHE A CB  1 
ATOM   970  C CG  . PHE A 1 124 ? 0.280   7.724   7.896   1.00 10.95 ? 471 PHE A CG  1 
ATOM   971  C CD1 . PHE A 1 124 ? 0.227   7.729   9.287   1.00 8.81  ? 471 PHE A CD1 1 
ATOM   972  C CD2 . PHE A 1 124 ? -0.817  8.195   7.185   1.00 7.75  ? 471 PHE A CD2 1 
ATOM   973  C CE1 . PHE A 1 124 ? -0.899  8.195   9.955   1.00 10.77 ? 471 PHE A CE1 1 
ATOM   974  C CE2 . PHE A 1 124 ? -1.956  8.665   7.846   1.00 7.69  ? 471 PHE A CE2 1 
ATOM   975  C CZ  . PHE A 1 124 ? -1.995  8.666   9.228   1.00 11.40 ? 471 PHE A CZ  1 
ATOM   976  N N   . GLY A 1 125 ? -0.212  4.318   7.287   1.00 10.54 ? 472 GLY A N   1 
ATOM   977  C CA  . GLY A 1 125 ? -1.263  3.568   6.631   1.00 11.78 ? 472 GLY A CA  1 
ATOM   978  C C   . GLY A 1 125 ? -2.285  3.018   7.597   1.00 10.26 ? 472 GLY A C   1 
ATOM   979  O O   . GLY A 1 125 ? -2.801  3.734   8.445   1.00 11.04 ? 472 GLY A O   1 
ATOM   980  N N   . TYR A 1 126 ? -2.577  1.734   7.473   1.00 9.58  ? 473 TYR A N   1 
ATOM   981  C CA  . TYR A 1 126 ? -3.564  1.123   8.341   1.00 9.49  ? 473 TYR A CA  1 
ATOM   982  C C   . TYR A 1 126 ? -3.040  -0.180  8.884   1.00 9.40  ? 473 TYR A C   1 
ATOM   983  O O   . TYR A 1 126 ? -2.562  -1.024  8.128   1.00 11.01 ? 473 TYR A O   1 
ATOM   984  C CB  . TYR A 1 126 ? -4.869  0.865   7.572   1.00 9.25  ? 473 TYR A CB  1 
ATOM   985  C CG  . TYR A 1 126 ? -5.435  2.074   6.856   1.00 6.14  ? 473 TYR A CG  1 
ATOM   986  C CD1 . TYR A 1 126 ? -4.848  2.558   5.686   1.00 5.13  ? 473 TYR A CD1 1 
ATOM   987  C CD2 . TYR A 1 126 ? -6.535  2.764   7.373   1.00 7.72  ? 473 TYR A CD2 1 
ATOM   988  C CE1 . TYR A 1 126 ? -5.343  3.700   5.048   1.00 3.16  ? 473 TYR A CE1 1 
ATOM   989  C CE2 . TYR A 1 126 ? -7.031  3.899   6.748   1.00 2.49  ? 473 TYR A CE2 1 
ATOM   990  C CZ  . TYR A 1 126 ? -6.429  4.366   5.592   1.00 4.64  ? 473 TYR A CZ  1 
ATOM   991  O OH  . TYR A 1 126 ? -6.889  5.520   5.000   1.00 8.60  ? 473 TYR A OH  1 
ATOM   992  N N   . VAL A 1 127 ? -3.135  -0.343  10.200  1.00 11.95 ? 474 VAL A N   1 
ATOM   993  C CA  . VAL A 1 127 ? -2.677  -1.567  10.861  1.00 11.11 ? 474 VAL A CA  1 
ATOM   994  C C   . VAL A 1 127 ? -3.690  -2.676  10.602  1.00 9.85  ? 474 VAL A C   1 
ATOM   995  O O   . VAL A 1 127 ? -3.333  -3.851  10.476  1.00 7.29  ? 474 VAL A O   1 
ATOM   996  C CB  . VAL A 1 127 ? -2.566  -1.382  12.389  1.00 12.76 ? 474 VAL A CB  1 
ATOM   997  C CG1 . VAL A 1 127 ? -1.747  -2.515  12.994  1.00 10.62 ? 474 VAL A CG1 1 
ATOM   998  C CG2 . VAL A 1 127 ? -1.945  -0.034  12.709  1.00 15.86 ? 474 VAL A CG2 1 
ATOM   999  N N   . THR A 1 128 ? -4.962  -2.297  10.538  1.00 7.69  ? 475 THR A N   1 
ATOM   1000 C CA  . THR A 1 128 ? -6.016  -3.264  10.280  1.00 8.73  ? 475 THR A CA  1 
ATOM   1001 C C   . THR A 1 128 ? -6.648  -2.976  8.929   1.00 10.30 ? 475 THR A C   1 
ATOM   1002 O O   . THR A 1 128 ? -7.864  -2.839  8.826   1.00 14.39 ? 475 THR A O   1 
ATOM   1003 C CB  . THR A 1 128 ? -7.104  -3.196  11.360  1.00 9.09  ? 475 THR A CB  1 
ATOM   1004 O OG1 . THR A 1 128 ? -7.511  -1.831  11.541  1.00 10.22 ? 475 THR A OG1 1 
ATOM   1005 C CG2 . THR A 1 128 ? -6.599  -3.779  12.672  1.00 6.82  ? 475 THR A CG2 1 
ATOM   1006 N N   . PHE A 1 129 ? -5.825  -2.879  7.893   1.00 9.98  ? 476 PHE A N   1 
ATOM   1007 C CA  . PHE A 1 129 ? -6.347  -2.589  6.566   1.00 9.13  ? 476 PHE A CA  1 
ATOM   1008 C C   . PHE A 1 129 ? -7.424  -3.594  6.156   1.00 11.15 ? 476 PHE A C   1 
ATOM   1009 O O   . PHE A 1 129 ? -8.504  -3.210  5.730   1.00 10.90 ? 476 PHE A O   1 
ATOM   1010 C CB  . PHE A 1 129 ? -5.231  -2.610  5.524   1.00 7.13  ? 476 PHE A CB  1 
ATOM   1011 C CG  . PHE A 1 129 ? -5.683  -2.182  4.152   1.00 9.80  ? 476 PHE A CG  1 
ATOM   1012 C CD1 . PHE A 1 129 ? -5.981  -0.846  3.884   1.00 8.56  ? 476 PHE A CD1 1 
ATOM   1013 C CD2 . PHE A 1 129 ? -5.862  -3.124  3.142   1.00 9.76  ? 476 PHE A CD2 1 
ATOM   1014 C CE1 . PHE A 1 129 ? -6.456  -0.457  2.633   1.00 8.49  ? 476 PHE A CE1 1 
ATOM   1015 C CE2 . PHE A 1 129 ? -6.338  -2.749  1.883   1.00 7.31  ? 476 PHE A CE2 1 
ATOM   1016 C CZ  . PHE A 1 129 ? -6.637  -1.410  1.628   1.00 8.96  ? 476 PHE A CZ  1 
ATOM   1017 N N   . MET A 1 130 ? -7.132  -4.882  6.291   1.00 12.18 ? 477 MET A N   1 
ATOM   1018 C CA  . MET A 1 130 ? -8.095  -5.902  5.903   1.00 12.72 ? 477 MET A CA  1 
ATOM   1019 C C   . MET A 1 130 ? -7.836  -7.215  6.610   1.00 13.01 ? 477 MET A C   1 
ATOM   1020 O O   . MET A 1 130 ? -6.729  -7.749  6.568   1.00 11.08 ? 477 MET A O   1 
ATOM   1021 C CB  . MET A 1 130 ? -8.036  -6.111  4.388   1.00 13.35 ? 477 MET A CB  1 
ATOM   1022 C CG  . MET A 1 130 ? -8.811  -7.314  3.863   1.00 13.60 ? 477 MET A CG  1 
ATOM   1023 S SD  . MET A 1 130 ? -8.621  -7.482  2.070   1.00 12.71 ? 477 MET A SD  1 
ATOM   1024 C CE  . MET A 1 130 ? -10.303 -7.721  1.595   1.00 17.54 ? 477 MET A CE  1 
ATOM   1025 N N   . HIS A 1 131 ? -8.867  -7.736  7.262   1.00 14.48 ? 478 HIS A N   1 
ATOM   1026 C CA  . HIS A 1 131 ? -8.739  -8.998  7.974   1.00 15.66 ? 478 HIS A CA  1 
ATOM   1027 C C   . HIS A 1 131 ? -8.499  -10.114 6.955   1.00 15.94 ? 478 HIS A C   1 
ATOM   1028 O O   . HIS A 1 131 ? -9.055  -10.081 5.856   1.00 16.21 ? 478 HIS A O   1 
ATOM   1029 C CB  . HIS A 1 131 ? -10.015 -9.301  8.743   1.00 16.36 ? 478 HIS A CB  1 
ATOM   1030 C CG  . HIS A 1 131 ? -9.816  -10.293 9.840   1.00 18.63 ? 478 HIS A CG  1 
ATOM   1031 N ND1 . HIS A 1 131 ? -9.283  -9.945  11.061  1.00 19.45 ? 478 HIS A ND1 1 
ATOM   1032 C CD2 . HIS A 1 131 ? -9.990  -11.631 9.869   1.00 18.75 ? 478 HIS A CD2 1 
ATOM   1033 C CE1 . HIS A 1 131 ? -9.139  -11.029 11.801  1.00 18.40 ? 478 HIS A CE1 1 
ATOM   1034 N NE2 . HIS A 1 131 ? -9.561  -12.069 11.098  1.00 17.22 ? 478 HIS A NE2 1 
ATOM   1035 N N   . LEU A 1 132 ? -7.669  -11.090 7.305   1.00 16.10 ? 479 LEU A N   1 
ATOM   1036 C CA  . LEU A 1 132 ? -7.388  -12.192 6.386   1.00 17.06 ? 479 LEU A CA  1 
ATOM   1037 C C   . LEU A 1 132 ? -8.652  -12.951 5.994   1.00 17.44 ? 479 LEU A C   1 
ATOM   1038 O O   . LEU A 1 132 ? -8.834  -13.322 4.838   1.00 16.20 ? 479 LEU A O   1 
ATOM   1039 C CB  . LEU A 1 132 ? -6.356  -13.149 6.989   1.00 16.04 ? 479 LEU A CB  1 
ATOM   1040 C CG  . LEU A 1 132 ? -4.897  -12.669 6.957   1.00 18.44 ? 479 LEU A CG  1 
ATOM   1041 C CD1 . LEU A 1 132 ? -4.013  -13.677 7.658   1.00 18.63 ? 479 LEU A CD1 1 
ATOM   1042 C CD2 . LEU A 1 132 ? -4.431  -12.489 5.515   1.00 16.81 ? 479 LEU A CD2 1 
ATOM   1043 N N   . GLU A 1 133 ? -9.531  -13.160 6.961   1.00 21.03 ? 480 GLU A N   1 
ATOM   1044 C CA  . GLU A 1 133 ? -10.783 -13.858 6.723   1.00 24.79 ? 480 GLU A CA  1 
ATOM   1045 C C   . GLU A 1 133 ? -11.560 -13.262 5.549   1.00 23.58 ? 480 GLU A C   1 
ATOM   1046 O O   . GLU A 1 133 ? -12.182 -13.983 4.771   1.00 22.49 ? 480 GLU A O   1 
ATOM   1047 C CB  . GLU A 1 133 ? -11.611 -13.846 8.020   1.00 30.73 ? 480 GLU A CB  1 
ATOM   1048 C CG  . GLU A 1 133 ? -13.101 -14.088 7.858   1.00 39.66 ? 480 GLU A CG  1 
ATOM   1049 C CD  . GLU A 1 133 ? -13.889 -12.789 7.820   1.00 45.77 ? 480 GLU A CD  1 
ATOM   1050 O OE1 . GLU A 1 133 ? -13.943 -12.093 8.864   1.00 48.78 ? 480 GLU A OE1 1 
ATOM   1051 O OE2 . GLU A 1 133 ? -14.445 -12.459 6.749   1.00 49.76 ? 480 GLU A OE2 1 
ATOM   1052 N N   . ALA A 1 134 ? -11.502 -11.946 5.403   1.00 23.90 ? 481 ALA A N   1 
ATOM   1053 C CA  . ALA A 1 134 ? -12.207 -11.279 4.316   1.00 23.35 ? 481 ALA A CA  1 
ATOM   1054 C C   . ALA A 1 134 ? -11.745 -11.751 2.941   1.00 23.56 ? 481 ALA A C   1 
ATOM   1055 O O   . ALA A 1 134 ? -12.446 -11.545 1.953   1.00 24.26 ? 481 ALA A O   1 
ATOM   1056 C CB  . ALA A 1 134 ? -12.036 -9.764  4.427   1.00 22.06 ? 481 ALA A CB  1 
ATOM   1057 N N   . LEU A 1 135 ? -10.573 -12.379 2.867   1.00 23.28 ? 482 LEU A N   1 
ATOM   1058 C CA  . LEU A 1 135 ? -10.066 -12.854 1.580   1.00 22.51 ? 482 LEU A CA  1 
ATOM   1059 C C   . LEU A 1 135 ? -10.879 -13.999 1.005   1.00 24.02 ? 482 LEU A C   1 
ATOM   1060 O O   . LEU A 1 135 ? -10.892 -14.204 -0.206  1.00 23.18 ? 482 LEU A O   1 
ATOM   1061 C CB  . LEU A 1 135 ? -8.598  -13.279 1.679   1.00 17.42 ? 482 LEU A CB  1 
ATOM   1062 C CG  . LEU A 1 135 ? -7.572  -12.159 1.836   1.00 17.00 ? 482 LEU A CG  1 
ATOM   1063 C CD1 . LEU A 1 135 ? -6.179  -12.759 1.961   1.00 14.75 ? 482 LEU A CD1 1 
ATOM   1064 C CD2 . LEU A 1 135 ? -7.648  -11.221 0.638   1.00 12.71 ? 482 LEU A CD2 1 
ATOM   1065 N N   . ARG A 1 136 ? -11.553 -14.751 1.868   1.00 27.02 ? 483 ARG A N   1 
ATOM   1066 C CA  . ARG A 1 136 ? -12.356 -15.860 1.387   1.00 30.84 ? 483 ARG A CA  1 
ATOM   1067 C C   . ARG A 1 136 ? -13.789 -15.437 1.075   1.00 32.47 ? 483 ARG A C   1 
ATOM   1068 O O   . ARG A 1 136 ? -14.603 -16.255 0.651   1.00 34.38 ? 483 ARG A O   1 
ATOM   1069 C CB  . ARG A 1 136 ? -12.365 -17.018 2.394   1.00 33.28 ? 483 ARG A CB  1 
ATOM   1070 C CG  . ARG A 1 136 ? -12.996 -16.724 3.743   1.00 39.66 ? 483 ARG A CG  1 
ATOM   1071 C CD  . ARG A 1 136 ? -13.331 -18.028 4.479   1.00 44.18 ? 483 ARG A CD  1 
ATOM   1072 N NE  . ARG A 1 136 ? -13.747 -17.811 5.862   1.00 47.85 ? 483 ARG A NE  1 
ATOM   1073 C CZ  . ARG A 1 136 ? -12.917 -17.462 6.842   1.00 49.21 ? 483 ARG A CZ  1 
ATOM   1074 N NH1 . ARG A 1 136 ? -11.623 -17.291 6.593   1.00 48.86 ? 483 ARG A NH1 1 
ATOM   1075 N NH2 . ARG A 1 136 ? -13.381 -17.282 8.072   1.00 49.13 ? 483 ARG A NH2 1 
ATOM   1076 N N   . GLN A 1 137 ? -14.095 -14.157 1.271   1.00 33.25 ? 484 GLN A N   1 
ATOM   1077 C CA  . GLN A 1 137 ? -15.436 -13.642 1.002   1.00 34.74 ? 484 GLN A CA  1 
ATOM   1078 C C   . GLN A 1 137 ? -15.596 -13.128 -0.430  1.00 33.27 ? 484 GLN A C   1 
ATOM   1079 O O   . GLN A 1 137 ? -16.653 -12.622 -0.804  1.00 34.14 ? 484 GLN A O   1 
ATOM   1080 C CB  . GLN A 1 137 ? -15.782 -12.531 2.000   1.00 36.64 ? 484 GLN A CB  1 
ATOM   1081 C CG  . GLN A 1 137 ? -16.696 -12.964 3.142   1.00 42.52 ? 484 GLN A CG  1 
ATOM   1082 C CD  . GLN A 1 137 ? -16.213 -14.215 3.861   1.00 46.48 ? 484 GLN A CD  1 
ATOM   1083 O OE1 . GLN A 1 137 ? -15.081 -14.270 4.348   1.00 47.82 ? 484 GLN A OE1 1 
ATOM   1084 N NE2 . GLN A 1 137 ? -17.079 -15.226 3.942   1.00 45.77 ? 484 GLN A NE2 1 
ATOM   1085 N N   . ARG A 1 138 ? -14.547 -13.274 -1.231  1.00 31.15 ? 485 ARG A N   1 
ATOM   1086 C CA  . ARG A 1 138 ? -14.579 -12.822 -2.612  1.00 27.06 ? 485 ARG A CA  1 
ATOM   1087 C C   . ARG A 1 138 ? -13.391 -13.464 -3.336  1.00 25.37 ? 485 ARG A C   1 
ATOM   1088 O O   . ARG A 1 138 ? -12.652 -14.244 -2.732  1.00 24.56 ? 485 ARG A O   1 
ATOM   1089 C CB  . ARG A 1 138 ? -14.474 -11.300 -2.645  1.00 28.07 ? 485 ARG A CB  1 
ATOM   1090 C CG  . ARG A 1 138 ? -15.296 -10.643 -3.726  1.00 32.64 ? 485 ARG A CG  1 
ATOM   1091 C CD  . ARG A 1 138 ? -16.782 -10.826 -3.466  1.00 33.86 ? 485 ARG A CD  1 
ATOM   1092 N NE  . ARG A 1 138 ? -17.595 -10.324 -4.571  1.00 37.47 ? 485 ARG A NE  1 
ATOM   1093 C CZ  . ARG A 1 138 ? -17.643 -10.878 -5.779  1.00 38.58 ? 485 ARG A CZ  1 
ATOM   1094 N NH1 . ARG A 1 138 ? -16.925 -11.962 -6.049  1.00 41.33 ? 485 ARG A NH1 1 
ATOM   1095 N NH2 . ARG A 1 138 ? -18.409 -10.351 -6.722  1.00 39.59 ? 485 ARG A NH2 1 
ATOM   1096 N N   . THR A 1 139 ? -13.213 -13.144 -4.617  1.00 21.69 ? 486 THR A N   1 
ATOM   1097 C CA  . THR A 1 139 ? -12.116 -13.699 -5.412  1.00 18.81 ? 486 THR A CA  1 
ATOM   1098 C C   . THR A 1 139 ? -10.942 -12.712 -5.448  1.00 18.51 ? 486 THR A C   1 
ATOM   1099 O O   . THR A 1 139 ? -10.526 -12.246 -6.520  1.00 16.30 ? 486 THR A O   1 
ATOM   1100 C CB  . THR A 1 139 ? -12.593 -14.001 -6.867  1.00 20.47 ? 486 THR A CB  1 
ATOM   1101 O OG1 . THR A 1 139 ? -13.700 -14.910 -6.827  1.00 23.09 ? 486 THR A OG1 1 
ATOM   1102 C CG2 . THR A 1 139 ? -11.479 -14.624 -7.701  1.00 16.54 ? 486 THR A CG2 1 
ATOM   1103 N N   . PHE A 1 140 ? -10.413 -12.385 -4.270  1.00 15.71 ? 487 PHE A N   1 
ATOM   1104 C CA  . PHE A 1 140 ? -9.294  -11.451 -4.186  1.00 11.90 ? 487 PHE A CA  1 
ATOM   1105 C C   . PHE A 1 140 ? -8.010  -12.102 -4.660  1.00 10.81 ? 487 PHE A C   1 
ATOM   1106 O O   . PHE A 1 140 ? -7.148  -11.451 -5.242  1.00 11.72 ? 487 PHE A O   1 
ATOM   1107 C CB  . PHE A 1 140 ? -9.119  -10.941 -2.764  1.00 8.20  ? 487 PHE A CB  1 
ATOM   1108 C CG  . PHE A 1 140 ? -10.253 -10.081 -2.284  1.00 6.32  ? 487 PHE A CG  1 
ATOM   1109 C CD1 . PHE A 1 140 ? -11.178 -10.568 -1.378  1.00 3.18  ? 487 PHE A CD1 1 
ATOM   1110 C CD2 . PHE A 1 140 ? -10.357 -8.759  -2.703  1.00 7.18  ? 487 PHE A CD2 1 
ATOM   1111 C CE1 . PHE A 1 140 ? -12.191 -9.746  -0.877  1.00 6.96  ? 487 PHE A CE1 1 
ATOM   1112 C CE2 . PHE A 1 140 ? -11.362 -7.931  -2.216  1.00 7.98  ? 487 PHE A CE2 1 
ATOM   1113 C CZ  . PHE A 1 140 ? -12.285 -8.427  -1.295  1.00 6.67  ? 487 PHE A CZ  1 
ATOM   1114 N N   . ILE A 1 141 ? -7.888  -13.397 -4.421  1.00 9.60  ? 488 ILE A N   1 
ATOM   1115 C CA  . ILE A 1 141 ? -6.709  -14.116 -4.855  1.00 11.72 ? 488 ILE A CA  1 
ATOM   1116 C C   . ILE A 1 141 ? -7.024  -14.936 -6.104  1.00 14.22 ? 488 ILE A C   1 
ATOM   1117 O O   . ILE A 1 141 ? -7.808  -15.880 -6.060  1.00 16.71 ? 488 ILE A O   1 
ATOM   1118 C CB  . ILE A 1 141 ? -6.194  -15.050 -3.749  1.00 12.27 ? 488 ILE A CB  1 
ATOM   1119 C CG1 . ILE A 1 141 ? -5.827  -14.226 -2.516  1.00 11.19 ? 488 ILE A CG1 1 
ATOM   1120 C CG2 . ILE A 1 141 ? -4.980  -15.832 -4.256  1.00 10.60 ? 488 ILE A CG2 1 
ATOM   1121 C CD1 . ILE A 1 141 ? -5.516  -15.056 -1.297  1.00 13.64 ? 488 ILE A CD1 1 
ATOM   1122 N N   . LYS A 1 142 ? -6.425  -14.552 -7.223  1.00 15.38 ? 489 LYS A N   1 
ATOM   1123 C CA  . LYS A 1 142 ? -6.617  -15.253 -8.481  1.00 14.37 ? 489 LYS A CA  1 
ATOM   1124 C C   . LYS A 1 142 ? -5.221  -15.559 -9.022  1.00 14.28 ? 489 LYS A C   1 
ATOM   1125 O O   . LYS A 1 142 ? -4.368  -14.682 -9.062  1.00 13.05 ? 489 LYS A O   1 
ATOM   1126 C CB  . LYS A 1 142 ? -7.387  -14.371 -9.459  1.00 14.64 ? 489 LYS A CB  1 
ATOM   1127 C CG  . LYS A 1 142 ? -7.714  -15.061 -10.759 1.00 14.43 ? 489 LYS A CG  1 
ATOM   1128 C CD  . LYS A 1 142 ? -8.141  -14.050 -11.799 1.00 18.76 ? 489 LYS A CD  1 
ATOM   1129 C CE  . LYS A 1 142 ? -8.204  -14.681 -13.177 1.00 16.77 ? 489 LYS A CE  1 
ATOM   1130 N NZ  . LYS A 1 142 ? -8.400  -13.622 -14.197 1.00 21.32 ? 489 LYS A NZ  1 
ATOM   1131 N N   . ASP A 1 143 ? -4.997  -16.804 -9.428  1.00 14.93 ? 490 ASP A N   1 
ATOM   1132 C CA  . ASP A 1 143 ? -3.701  -17.253 -9.932  1.00 19.04 ? 490 ASP A CA  1 
ATOM   1133 C C   . ASP A 1 143 ? -2.593  -17.058 -8.904  1.00 19.78 ? 490 ASP A C   1 
ATOM   1134 O O   . ASP A 1 143 ? -1.509  -16.548 -9.216  1.00 18.03 ? 490 ASP A O   1 
ATOM   1135 C CB  . ASP A 1 143 ? -3.311  -16.532 -11.220 1.00 21.08 ? 490 ASP A CB  1 
ATOM   1136 C CG  . ASP A 1 143 ? -4.325  -16.712 -12.306 1.00 26.95 ? 490 ASP A CG  1 
ATOM   1137 O OD1 . ASP A 1 143 ? -4.808  -17.852 -12.489 1.00 25.42 ? 490 ASP A OD1 1 
ATOM   1138 O OD2 . ASP A 1 143 ? -4.625  -15.712 -12.989 1.00 31.26 ? 490 ASP A OD2 1 
ATOM   1139 N N   . ASP A 1 144 ? -2.884  -17.462 -7.676  1.00 18.58 ? 491 ASP A N   1 
ATOM   1140 C CA  . ASP A 1 144 ? -1.937  -17.371 -6.587  1.00 17.54 ? 491 ASP A CA  1 
ATOM   1141 C C   . ASP A 1 144 ? -1.360  -15.961 -6.478  1.00 17.34 ? 491 ASP A C   1 
ATOM   1142 O O   . ASP A 1 144 ? -0.227  -15.780 -6.030  1.00 18.88 ? 491 ASP A O   1 
ATOM   1143 C CB  . ASP A 1 144 ? -0.802  -18.369 -6.822  1.00 18.24 ? 491 ASP A CB  1 
ATOM   1144 C CG  . ASP A 1 144 ? -0.065  -18.715 -5.550  1.00 19.63 ? 491 ASP A CG  1 
ATOM   1145 O OD1 . ASP A 1 144 ? 1.067   -19.232 -5.634  1.00 20.40 ? 491 ASP A OD1 1 
ATOM   1146 O OD2 . ASP A 1 144 ? -0.635  -18.492 -4.462  1.00 20.47 ? 491 ASP A OD2 1 
ATOM   1147 N N   . THR A 1 145 ? -2.137  -14.960 -6.878  1.00 16.67 ? 492 THR A N   1 
ATOM   1148 C CA  . THR A 1 145 ? -1.658  -13.581 -6.826  1.00 14.46 ? 492 THR A CA  1 
ATOM   1149 C C   . THR A 1 145 ? -2.654  -12.583 -6.260  1.00 13.69 ? 492 THR A C   1 
ATOM   1150 O O   . THR A 1 145 ? -3.849  -12.659 -6.533  1.00 16.23 ? 492 THR A O   1 
ATOM   1151 C CB  . THR A 1 145 ? -1.257  -13.077 -8.222  1.00 13.16 ? 492 THR A CB  1 
ATOM   1152 O OG1 . THR A 1 145 ? -0.215  -13.906 -8.751  1.00 15.50 ? 492 THR A OG1 1 
ATOM   1153 C CG2 . THR A 1 145 ? -0.765  -11.645 -8.143  1.00 12.40 ? 492 THR A CG2 1 
ATOM   1154 N N   . LEU A 1 146 ? -2.144  -11.642 -5.475  1.00 12.28 ? 493 LEU A N   1 
ATOM   1155 C CA  . LEU A 1 146 ? -2.964  -10.593 -4.893  1.00 9.05  ? 493 LEU A CA  1 
ATOM   1156 C C   . LEU A 1 146 ? -2.579  -9.293  -5.594  1.00 10.28 ? 493 LEU A C   1 
ATOM   1157 O O   . LEU A 1 146 ? -1.420  -9.091  -5.969  1.00 9.38  ? 493 LEU A O   1 
ATOM   1158 C CB  . LEU A 1 146 ? -2.680  -10.443 -3.399  1.00 10.65 ? 493 LEU A CB  1 
ATOM   1159 C CG  . LEU A 1 146 ? -3.689  -9.595  -2.619  1.00 13.45 ? 493 LEU A CG  1 
ATOM   1160 C CD1 . LEU A 1 146 ? -4.957  -10.424 -2.391  1.00 10.43 ? 493 LEU A CD1 1 
ATOM   1161 C CD2 . LEU A 1 146 ? -3.113  -9.188  -1.269  1.00 17.95 ? 493 LEU A CD2 1 
ATOM   1162 N N   . LEU A 1 147 ? -3.549  -8.408  -5.766  1.00 9.65  ? 494 LEU A N   1 
ATOM   1163 C CA  . LEU A 1 147 ? -3.298  -7.136  -6.415  1.00 11.00 ? 494 LEU A CA  1 
ATOM   1164 C C   . LEU A 1 147 ? -3.603  -5.969  -5.485  1.00 10.91 ? 494 LEU A C   1 
ATOM   1165 O O   . LEU A 1 147 ? -4.689  -5.874  -4.919  1.00 12.02 ? 494 LEU A O   1 
ATOM   1166 C CB  . LEU A 1 147 ? -4.149  -7.018  -7.675  1.00 14.10 ? 494 LEU A CB  1 
ATOM   1167 C CG  . LEU A 1 147 ? -3.907  -8.097  -8.724  1.00 17.03 ? 494 LEU A CG  1 
ATOM   1168 C CD1 . LEU A 1 147 ? -4.938  -7.943  -9.833  1.00 20.33 ? 494 LEU A CD1 1 
ATOM   1169 C CD2 . LEU A 1 147 ? -2.486  -7.977  -9.269  1.00 16.75 ? 494 LEU A CD2 1 
ATOM   1170 N N   . VAL A 1 148 ? -2.626  -5.088  -5.323  1.00 12.09 ? 495 VAL A N   1 
ATOM   1171 C CA  . VAL A 1 148 ? -2.787  -3.915  -4.477  1.00 8.89  ? 495 VAL A CA  1 
ATOM   1172 C C   . VAL A 1 148 ? -2.668  -2.691  -5.383  1.00 9.55  ? 495 VAL A C   1 
ATOM   1173 O O   . VAL A 1 148 ? -1.666  -2.519  -6.090  1.00 3.63  ? 495 VAL A O   1 
ATOM   1174 C CB  . VAL A 1 148 ? -1.684  -3.847  -3.396  1.00 9.56  ? 495 VAL A CB  1 
ATOM   1175 C CG1 . VAL A 1 148 ? -1.996  -2.733  -2.411  1.00 7.59  ? 495 VAL A CG1 1 
ATOM   1176 C CG2 . VAL A 1 148 ? -1.550  -5.193  -2.691  1.00 7.40  ? 495 VAL A CG2 1 
ATOM   1177 N N   . ARG A 1 149 ? -3.687  -1.841  -5.365  1.00 9.86  ? 496 ARG A N   1 
ATOM   1178 C CA  . ARG A 1 149 ? -3.682  -0.645  -6.201  1.00 14.01 ? 496 ARG A CA  1 
ATOM   1179 C C   . ARG A 1 149 ? -3.439  0.642   -5.405  1.00 14.82 ? 496 ARG A C   1 
ATOM   1180 O O   . ARG A 1 149 ? -4.101  0.892   -4.398  1.00 16.30 ? 496 ARG A O   1 
ATOM   1181 C CB  . ARG A 1 149 ? -5.014  -0.555  -6.948  1.00 15.28 ? 496 ARG A CB  1 
ATOM   1182 C CG  . ARG A 1 149 ? -5.128  0.598   -7.930  1.00 19.34 ? 496 ARG A CG  1 
ATOM   1183 C CD  . ARG A 1 149 ? -6.459  0.518   -8.664  1.00 19.74 ? 496 ARG A CD  1 
ATOM   1184 N NE  . ARG A 1 149 ? -6.643  1.604   -9.620  1.00 27.72 ? 496 ARG A NE  1 
ATOM   1185 C CZ  . ARG A 1 149 ? -6.868  2.875   -9.294  1.00 30.40 ? 496 ARG A CZ  1 
ATOM   1186 N NH1 . ARG A 1 149 ? -6.938  3.247   -8.024  1.00 31.85 ? 496 ARG A NH1 1 
ATOM   1187 N NH2 . ARG A 1 149 ? -7.031  3.781   -10.246 1.00 33.18 ? 496 ARG A NH2 1 
ATOM   1188 N N   . CYS A 1 150 ? -2.480  1.453   -5.842  1.00 13.95 ? 497 CYS A N   1 
ATOM   1189 C CA  . CYS A 1 150 ? -2.203  2.714   -5.164  1.00 11.17 ? 497 CYS A CA  1 
ATOM   1190 C C   . CYS A 1 150 ? -2.448  3.836   -6.152  1.00 12.51 ? 497 CYS A C   1 
ATOM   1191 O O   . CYS A 1 150 ? -1.823  3.892   -7.213  1.00 11.91 ? 497 CYS A O   1 
ATOM   1192 C CB  . CYS A 1 150 ? -0.754  2.772   -4.677  1.00 14.47 ? 497 CYS A CB  1 
ATOM   1193 S SG  . CYS A 1 150 ? -0.374  4.186   -3.598  1.00 11.22 ? 497 CYS A SG  1 
ATOM   1194 N N   . GLU A 1 151 ? -3.379  4.720   -5.823  1.00 12.16 ? 498 GLU A N   1 
ATOM   1195 C CA  . GLU A 1 151 ? -3.669  5.836   -6.709  1.00 14.97 ? 498 GLU A CA  1 
ATOM   1196 C C   . GLU A 1 151 ? -3.488  7.139   -5.945  1.00 15.15 ? 498 GLU A C   1 
ATOM   1197 O O   . GLU A 1 151 ? -4.155  7.382   -4.936  1.00 15.01 ? 498 GLU A O   1 
ATOM   1198 C CB  . GLU A 1 151 ? -5.085  5.722   -7.270  1.00 17.82 ? 498 GLU A CB  1 
ATOM   1199 C CG  . GLU A 1 151 ? -5.486  6.887   -8.140  1.00 23.02 ? 498 GLU A CG  1 
ATOM   1200 C CD  . GLU A 1 151 ? -6.882  6.727   -8.693  1.00 27.87 ? 498 GLU A CD  1 
ATOM   1201 O OE1 . GLU A 1 151 ? -7.755  6.224   -7.956  1.00 29.32 ? 498 GLU A OE1 1 
ATOM   1202 O OE2 . GLU A 1 151 ? -7.113  7.126   -9.855  1.00 31.50 ? 498 GLU A OE2 1 
ATOM   1203 N N   . VAL A 1 152 ? -2.577  7.967   -6.453  1.00 13.54 ? 499 VAL A N   1 
ATOM   1204 C CA  . VAL A 1 152 ? -2.219  9.235   -5.840  1.00 10.83 ? 499 VAL A CA  1 
ATOM   1205 C C   . VAL A 1 152 ? -2.584  10.466  -6.651  1.00 14.23 ? 499 VAL A C   1 
ATOM   1206 O O   . VAL A 1 152 ? -2.380  10.513  -7.868  1.00 14.99 ? 499 VAL A O   1 
ATOM   1207 C CB  . VAL A 1 152 ? -0.700  9.307   -5.603  1.00 9.92  ? 499 VAL A CB  1 
ATOM   1208 C CG1 . VAL A 1 152 ? -0.335  10.596  -4.865  1.00 6.99  ? 499 VAL A CG1 1 
ATOM   1209 C CG2 . VAL A 1 152 ? -0.240  8.081   -4.861  1.00 5.02  ? 499 VAL A CG2 1 
ATOM   1210 N N   . SER A 1 153 ? -3.096  11.468  -5.944  1.00 15.53 ? 500 SER A N   1 
ATOM   1211 C CA  . SER A 1 153 ? -3.471  12.755  -6.514  1.00 16.16 ? 500 SER A CA  1 
ATOM   1212 C C   . SER A 1 153 ? -2.552  13.772  -5.837  1.00 17.65 ? 500 SER A C   1 
ATOM   1213 O O   . SER A 1 153 ? -2.692  14.042  -4.646  1.00 20.14 ? 500 SER A O   1 
ATOM   1214 C CB  . SER A 1 153 ? -4.924  13.074  -6.177  1.00 18.12 ? 500 SER A CB  1 
ATOM   1215 O OG  . SER A 1 153 ? -5.289  14.342  -6.687  1.00 22.38 ? 500 SER A OG  1 
ATOM   1216 N N   . THR A 1 154 ? -1.612  14.329  -6.588  1.00 17.74 ? 501 THR A N   1 
ATOM   1217 C CA  . THR A 1 154 ? -0.664  15.277  -6.018  1.00 20.20 ? 501 THR A CA  1 
ATOM   1218 C C   . THR A 1 154 ? -1.161  16.727  -5.996  1.00 22.28 ? 501 THR A C   1 
ATOM   1219 O O   . THR A 1 154 ? -1.709  17.230  -6.980  1.00 22.49 ? 501 THR A O   1 
ATOM   1220 C CB  . THR A 1 154 ? 0.682   15.218  -6.779  1.00 18.68 ? 501 THR A CB  1 
ATOM   1221 O OG1 . THR A 1 154 ? 1.091   13.854  -6.915  1.00 15.71 ? 501 THR A OG1 1 
ATOM   1222 C CG2 . THR A 1 154 ? 1.758   15.968  -6.017  1.00 18.73 ? 501 THR A CG2 1 
ATOM   1223 N N   . ARG A 1 155 ? -0.966  17.388  -4.858  1.00 23.80 ? 502 ARG A N   1 
ATOM   1224 C CA  . ARG A 1 155 ? -1.363  18.786  -4.686  1.00 25.78 ? 502 ARG A CA  1 
ATOM   1225 C C   . ARG A 1 155 ? -0.109  19.657  -4.669  1.00 24.02 ? 502 ARG A C   1 
ATOM   1226 O O   . ARG A 1 155 ? 0.620   19.681  -3.683  1.00 23.48 ? 502 ARG A O   1 
ATOM   1227 C CB  . ARG A 1 155 ? -2.123  18.970  -3.370  1.00 29.46 ? 502 ARG A CB  1 
ATOM   1228 C CG  . ARG A 1 155 ? -2.521  20.411  -3.066  1.00 35.72 ? 502 ARG A CG  1 
ATOM   1229 C CD  . ARG A 1 155 ? -3.250  20.516  -1.727  1.00 40.71 ? 502 ARG A CD  1 
ATOM   1230 N NE  . ARG A 1 155 ? -3.931  21.801  -1.572  1.00 46.70 ? 502 ARG A NE  1 
ATOM   1231 C CZ  . ARG A 1 155 ? -3.323  22.967  -1.370  1.00 48.83 ? 502 ARG A CZ  1 
ATOM   1232 N NH1 . ARG A 1 155 ? -2.003  23.025  -1.291  1.00 50.55 ? 502 ARG A NH1 1 
ATOM   1233 N NH2 . ARG A 1 155 ? -4.038  24.081  -1.264  1.00 49.43 ? 502 ARG A NH2 1 
ATOM   1234 N N   . PHE A 1 156 ? 0.142   20.362  -5.767  1.00 23.53 ? 503 PHE A N   1 
ATOM   1235 C CA  . PHE A 1 156 ? 1.312   21.223  -5.867  1.00 24.31 ? 503 PHE A CA  1 
ATOM   1236 C C   . PHE A 1 156 ? 1.059   22.632  -5.325  1.00 24.89 ? 503 PHE A C   1 
ATOM   1237 O O   . PHE A 1 156 ? 1.991   23.430  -5.185  1.00 22.14 ? 503 PHE A O   1 
ATOM   1238 C CB  . PHE A 1 156 ? 1.797   21.292  -7.318  1.00 24.33 ? 503 PHE A CB  1 
ATOM   1239 C CG  . PHE A 1 156 ? 2.445   20.019  -7.809  1.00 24.35 ? 503 PHE A CG  1 
ATOM   1240 C CD1 . PHE A 1 156 ? 1.939   19.344  -8.920  1.00 22.23 ? 503 PHE A CD1 1 
ATOM   1241 C CD2 . PHE A 1 156 ? 3.577   19.508  -7.177  1.00 23.38 ? 503 PHE A CD2 1 
ATOM   1242 C CE1 . PHE A 1 156 ? 2.552   18.178  -9.393  1.00 21.44 ? 503 PHE A CE1 1 
ATOM   1243 C CE2 . PHE A 1 156 ? 4.196   18.344  -7.643  1.00 21.92 ? 503 PHE A CE2 1 
ATOM   1244 C CZ  . PHE A 1 156 ? 3.683   17.680  -8.752  1.00 20.87 ? 503 PHE A CZ  1 
ATOM   1245 N N   . ASP A 1 157 ? -0.204  22.930  -5.022  1.00 27.27 ? 504 ASP A N   1 
ATOM   1246 C CA  . ASP A 1 157 ? -0.582  24.227  -4.466  1.00 29.64 ? 504 ASP A CA  1 
ATOM   1247 C C   . ASP A 1 157 ? 0.154   24.473  -3.155  1.00 30.18 ? 504 ASP A C   1 
ATOM   1248 O O   . ASP A 1 157 ? 0.108   23.649  -2.242  1.00 30.08 ? 504 ASP A O   1 
ATOM   1249 C CB  . ASP A 1 157 ? -2.091  24.289  -4.202  1.00 33.78 ? 504 ASP A CB  1 
ATOM   1250 C CG  . ASP A 1 157 ? -2.882  24.853  -5.375  1.00 37.45 ? 504 ASP A CG  1 
ATOM   1251 O OD1 . ASP A 1 157 ? -4.130  24.866  -5.277  1.00 39.92 ? 504 ASP A OD1 1 
ATOM   1252 O OD2 . ASP A 1 157 ? -2.276  25.294  -6.379  1.00 36.88 ? 504 ASP A OD2 1 
ATOM   1253 N N   . LEU A 1 158 ? 0.827   25.615  -3.071  1.00 29.76 ? 505 LEU A N   1 
ATOM   1254 C CA  . LEU A 1 158 ? 1.577   25.987  -1.881  1.00 28.05 ? 505 LEU A CA  1 
ATOM   1255 C C   . LEU A 1 158 ? 0.681   26.596  -0.806  1.00 29.52 ? 505 LEU A C   1 
ATOM   1256 O O   . LEU A 1 158 ? 1.159   27.011  0.256   1.00 29.82 ? 505 LEU A O   1 
ATOM   1257 C CB  . LEU A 1 158 ? 2.703   26.954  -2.277  1.00 23.33 ? 505 LEU A CB  1 
ATOM   1258 C CG  . LEU A 1 158 ? 4.120   26.351  -2.321  1.00 20.15 ? 505 LEU A CG  1 
ATOM   1259 C CD1 . LEU A 1 158 ? 4.134   24.976  -2.957  1.00 14.74 ? 505 LEU A CD1 1 
ATOM   1260 C CD2 . LEU A 1 158 ? 5.037   27.300  -3.054  1.00 16.19 ? 505 LEU A CD2 1 
ATOM   1261 N N   . GLU A 1 159 ? -0.616  26.617  -1.075  1.00 31.73 ? 506 GLU A N   1 
ATOM   1262 C CA  . GLU A 1 159 ? -1.509  27.221  -0.139  1.00 32.82 ? 506 GLU A CA  1 
ATOM   1263 C C   . GLU A 1 159 ? -1.685  26.233  1.012   1.00 30.94 ? 506 GLU A C   1 
ATOM   1264 O O   . GLU A 1 159 ? -2.654  25.470  0.819   1.00 30.48 ? 506 GLU A O   1 
ATOM   1265 C CB  . GLU A 1 159 ? -2.884  27.517  -0.806  1.00 35.35 ? 506 GLU A CB  1 
ATOM   1266 C CG  . GLU A 1 159 ? -2.731  28.638  -1.858  1.00 39.71 ? 506 GLU A CG  1 
ATOM   1267 C CD  . GLU A 1 159 ? -1.936  28.205  -3.082  1.00 42.21 ? 506 GLU A CD  1 
ATOM   1268 O OE1 . GLU A 1 159 ? -2.288  27.158  -3.670  1.00 43.73 ? 506 GLU A OE1 1 
ATOM   1269 O OE2 . GLU A 1 159 ? -0.980  28.915  -3.468  1.00 43.62 ? 506 GLU A OE2 1 
HETATM 1270 O O   . HOH B 2 .   ? -6.224  -9.155  -5.201  1.00 2.49  ? 601 HOH A O   1 
HETATM 1271 O O   . HOH B 2 .   ? 4.131   -4.953  -9.243  1.00 17.77 ? 602 HOH A O   1 
HETATM 1272 O O   . HOH B 2 .   ? 12.603  22.872  -4.921  1.00 20.70 ? 603 HOH A O   1 
HETATM 1273 O O   . HOH B 2 .   ? -0.824  1.905   21.388  1.00 14.60 ? 604 HOH A O   1 
HETATM 1274 O O   . HOH B 2 .   ? 2.089   -9.768  14.088  1.00 13.53 ? 605 HOH A O   1 
HETATM 1275 O O   . HOH B 2 .   ? 6.224   -22.234 13.065  1.00 2.49  ? 606 HOH A O   1 
HETATM 1276 O O   . HOH B 2 .   ? 0.927   -21.766 19.210  1.00 15.51 ? 607 HOH A O   1 
HETATM 1277 O O   . HOH B 2 .   ? 11.042  5.448   6.293   1.00 20.87 ? 608 HOH A O   1 
HETATM 1278 O O   . HOH B 2 .   ? 2.031   -20.224 -3.240  1.00 11.17 ? 609 HOH A O   1 
HETATM 1279 O O   . HOH B 2 .   ? 5.699   9.320   10.253  1.00 21.83 ? 610 HOH A O   1 
HETATM 1280 O O   . HOH B 2 .   ? 10.448  11.190  -3.360  1.00 17.59 ? 611 HOH A O   1 
HETATM 1281 O O   . HOH B 2 .   ? -13.242 -0.161  4.015   1.00 30.69 ? 612 HOH A O   1 
HETATM 1282 O O   . HOH B 2 .   ? -9.335  -14.776 -2.824  1.00 5.94  ? 613 HOH A O   1 
HETATM 1283 O O   . HOH B 2 .   ? -11.298 5.880   3.677   1.00 13.31 ? 614 HOH A O   1 
HETATM 1284 O O   . HOH B 2 .   ? 11.139  12.427  -6.975  1.00 13.85 ? 615 HOH A O   1 
HETATM 1285 O O   . HOH B 2 .   ? 12.519  4.546   8.409   1.00 30.58 ? 616 HOH A O   1 
HETATM 1286 O O   . HOH B 2 .   ? 10.578  17.559  4.461   1.00 19.46 ? 617 HOH A O   1 
HETATM 1287 O O   . HOH B 2 .   ? -8.764  0.038   9.339   1.00 16.31 ? 618 HOH A O   1 
HETATM 1288 O O   . HOH B 2 .   ? 3.471   14.078  -9.055  1.00 14.55 ? 619 HOH A O   1 
HETATM 1289 O O   . HOH B 2 .   ? -4.049  -12.251 -11.130 1.00 27.88 ? 621 HOH A O   1 
HETATM 1290 O O   . HOH B 2 .   ? -14.073 -0.976  1.052   1.00 20.74 ? 622 HOH A O   1 
HETATM 1291 O O   . HOH B 2 .   ? 14.521  15.628  5.967   1.00 28.75 ? 623 HOH A O   1 
HETATM 1292 O O   . HOH B 2 .   ? -15.485 -5.785  -0.423  1.00 9.41  ? 624 HOH A O   1 
HETATM 1293 O O   . HOH B 2 .   ? 0.076   23.443  0.625   1.00 33.26 ? 625 HOH A O   1 
HETATM 1294 O O   . HOH B 2 .   ? -3.182  -19.674 -3.853  1.00 35.79 ? 626 HOH A O   1 
HETATM 1295 O O   . HOH B 2 .   ? 8.438   16.842  11.375  1.00 37.69 ? 627 HOH A O   1 
HETATM 1296 O O   . HOH B 2 .   ? -4.043  26.328  2.638   1.00 44.49 ? 628 HOH A O   1 
HETATM 1297 O O   . HOH B 2 .   ? -8.748  -13.297 14.056  1.00 21.43 ? 629 HOH A O   1 
HETATM 1298 O O   . HOH B 2 .   ? 12.335  -0.914  -6.482  1.00 43.98 ? 630 HOH A O   1 
HETATM 1299 O O   . HOH B 2 .   ? 2.462   5.186   -17.434 1.00 35.36 ? 631 HOH A O   1 
HETATM 1300 O O   . HOH B 2 .   ? 1.750   6.231   -9.647  1.00 17.61 ? 632 HOH A O   1 
HETATM 1301 O O   . HOH B 2 .   ? 9.524   23.436  1.137   1.00 35.33 ? 633 HOH A O   1 
HETATM 1302 O O   . HOH B 2 .   ? 16.880  16.272  -7.432  1.00 18.21 ? 634 HOH A O   1 
HETATM 1303 O O   . HOH B 2 .   ? -2.325  16.657  1.812   1.00 9.13  ? 635 HOH A O   1 
HETATM 1304 O O   . HOH B 2 .   ? -5.383  16.602  -4.764  1.00 19.50 ? 636 HOH A O   1 
HETATM 1305 O O   . HOH B 2 .   ? -6.219  2.379   -5.608  1.00 15.82 ? 637 HOH A O   1 
HETATM 1306 O O   . HOH B 2 .   ? 2.278   -20.566 -8.108  1.00 27.49 ? 638 HOH A O   1 
HETATM 1307 O O   . HOH B 2 .   ? 4.021   -10.367 10.229  1.00 16.85 ? 639 HOH A O   1 
HETATM 1308 O O   . HOH B 2 .   ? 3.527   -4.360  11.690  1.00 20.38 ? 640 HOH A O   1 
HETATM 1309 O O   . HOH B 2 .   ? 1.419   27.766  -5.390  1.00 34.34 ? 641 HOH A O   1 
HETATM 1310 O O   . HOH B 2 .   ? -7.850  -15.993 3.679   1.00 46.39 ? 642 HOH A O   1 
HETATM 1311 O O   . HOH B 2 .   ? 18.123  17.239  -10.237 1.00 16.93 ? 643 HOH A O   1 
HETATM 1312 O O   . HOH B 2 .   ? -10.163 -5.190  14.879  1.00 35.46 ? 644 HOH A O   1 
HETATM 1313 O O   . HOH B 2 .   ? -7.894  -10.039 15.432  1.00 23.00 ? 645 HOH A O   1 
HETATM 1314 O O   . HOH B 2 .   ? 10.256  22.411  -10.611 1.00 6.43  ? 646 HOH A O   1 
# 
